data_7LIC
#
_entry.id   7LIC
#
_cell.length_a   1.00
_cell.length_b   1.00
_cell.length_c   1.00
_cell.angle_alpha   90.00
_cell.angle_beta   90.00
_cell.angle_gamma   90.00
#
_symmetry.space_group_name_H-M   'P 1'
#
_entity_poly.entity_id   1
_entity_poly.type   'polypeptide(L)'
_entity_poly.pdbx_seq_one_letter_code
;GPGRAKIDVDSVDHTDDYIHLRKWIKRIGIILRISGHWPFRLPHEKRNQHKSKFRQVYSCLVITLGFITCSCYCIGLCLS
ESIAQALNNITVTSYFLQSCVCYVSFIINSRKLETLFNYLFENEVVGCPRGYKMSSIKTTLFRCKFVAFSLGILSFFGWL
MWTLLPLAVLVVDSGATGGGNQTSLRFVEAWYPFDTTTSPMNEVIAIYEAVAMIFLITAPMSSDIMFCVLMIFIVEHLKC
LGMAIECTLKGISTNQHQNIGFDDSVSDVNVQRRIVIGKESPIQSIHVPIKECSRQSSDAVFREKRHGTHHQIIRSHNYT
DATSLCNIVDSHVKIYRTMEIVQSVYSSYFATLFFTSCLAVCALAYFLAATSTSFTRVPGMVLYLMYIFLRIFLLCLLAT
EVAEQGLNLCHAGYSSKLVLASDHVRSTIQAIATRAQIPLSITGARFFTVNLSFLASMAGVMLTYFIVLLQVNAKPKP
;
_entity_poly.pdbx_strand_id   A,B,C,D
#
# COMPACT_ATOMS: atom_id res chain seq x y z
N ASP A 16 11.99 16.37 42.99
CA ASP A 16 10.91 15.54 43.49
C ASP A 16 10.77 14.23 42.72
N ASP A 17 9.72 14.10 41.91
CA ASP A 17 9.49 12.89 41.14
C ASP A 17 10.54 12.69 40.05
N TYR A 18 11.29 13.74 39.70
CA TYR A 18 12.42 13.58 38.79
C TYR A 18 13.46 12.61 39.34
N ILE A 19 13.63 12.58 40.66
CA ILE A 19 14.51 11.60 41.29
C ILE A 19 13.87 10.21 41.22
N HIS A 20 12.55 10.14 41.41
CA HIS A 20 11.86 8.85 41.36
C HIS A 20 11.90 8.25 39.96
N LEU A 21 11.84 9.09 38.94
CA LEU A 21 11.97 8.60 37.57
C LEU A 21 13.36 8.05 37.31
N ARG A 22 14.39 8.68 37.88
CA ARG A 22 15.75 8.16 37.74
C ARG A 22 15.91 6.86 38.50
N LYS A 23 15.23 6.73 39.63
CA LYS A 23 15.21 5.44 40.33
C LYS A 23 14.52 4.37 39.50
N TRP A 24 13.46 4.75 38.78
CA TRP A 24 12.78 3.79 37.90
C TRP A 24 13.68 3.33 36.77
N ILE A 25 14.41 4.26 36.14
CA ILE A 25 15.27 3.85 35.04
C ILE A 25 16.51 3.15 35.56
N LYS A 26 16.83 3.32 36.85
CA LYS A 26 17.82 2.45 37.47
C LYS A 26 17.28 1.04 37.64
N ARG A 27 16.00 0.92 38.05
CA ARG A 27 15.35 -0.38 38.15
C ARG A 27 15.31 -1.09 36.79
N ILE A 28 15.17 -0.31 35.73
CA ILE A 28 15.15 -0.83 34.37
C ILE A 28 16.49 -1.50 34.05
N GLY A 29 17.59 -0.87 34.44
CA GLY A 29 18.89 -1.48 34.25
C GLY A 29 19.11 -2.68 35.14
N ILE A 30 18.56 -2.61 36.36
CA ILE A 30 18.73 -3.71 37.31
C ILE A 30 18.02 -4.97 36.83
N ILE A 31 16.78 -4.83 36.35
CA ILE A 31 16.04 -5.99 35.88
C ILE A 31 16.63 -6.53 34.58
N LEU A 32 17.30 -5.66 33.82
CA LEU A 32 18.00 -6.13 32.64
C LEU A 32 19.26 -6.91 33.01
N ARG A 33 19.93 -6.51 34.08
CA ARG A 33 21.08 -7.28 34.56
C ARG A 33 20.65 -8.60 35.19
N ILE A 34 19.46 -8.63 35.79
CA ILE A 34 18.99 -9.84 36.45
C ILE A 34 18.71 -10.93 35.42
N SER A 35 18.16 -10.55 34.26
CA SER A 35 17.76 -11.53 33.27
C SER A 35 18.93 -12.14 32.51
N GLY A 36 20.16 -11.74 32.80
CA GLY A 36 21.31 -12.42 32.26
C GLY A 36 21.86 -11.86 30.98
N HIS A 37 21.47 -10.66 30.58
CA HIS A 37 22.12 -10.01 29.44
C HIS A 37 23.54 -9.62 29.81
N TRP A 38 24.34 -9.35 28.78
CA TRP A 38 25.70 -8.87 29.02
C TRP A 38 25.64 -7.48 29.63
N PRO A 39 26.31 -7.26 30.77
CA PRO A 39 26.18 -5.99 31.49
C PRO A 39 26.94 -4.88 30.80
N PHE A 40 26.34 -3.70 30.78
CA PHE A 40 26.95 -2.49 30.26
C PHE A 40 26.91 -1.41 31.34
N ARG A 41 27.55 -0.28 31.06
CA ARG A 41 27.68 0.79 32.04
C ARG A 41 26.35 1.51 32.19
N LEU A 42 25.86 1.59 33.42
CA LEU A 42 24.68 2.39 33.74
C LEU A 42 25.11 3.84 33.95
N PRO A 43 24.16 4.79 33.89
CA PRO A 43 24.53 6.18 34.19
C PRO A 43 25.04 6.41 35.60
N HIS A 44 24.52 5.68 36.59
CA HIS A 44 24.98 5.80 37.96
C HIS A 44 26.08 4.78 38.27
N GLU A 45 27.11 4.74 37.43
CA GLU A 45 28.20 3.77 37.56
C GLU A 45 29.51 4.49 37.25
N LYS A 46 30.23 4.86 38.32
CA LYS A 46 31.46 5.63 38.20
C LYS A 46 32.67 4.89 38.79
N ARG A 47 32.60 3.56 38.88
CA ARG A 47 33.71 2.77 39.40
C ARG A 47 34.02 1.57 38.50
N ASN A 48 33.48 1.56 37.27
CA ASN A 48 33.70 0.48 36.29
C ASN A 48 33.25 -0.88 36.85
N GLN A 49 32.08 -0.89 37.48
CA GLN A 49 31.54 -2.12 38.02
C GLN A 49 30.83 -2.97 36.96
N HIS A 50 30.58 -2.42 35.78
CA HIS A 50 29.92 -3.17 34.72
C HIS A 50 30.81 -4.21 34.08
N LYS A 51 32.10 -4.23 34.41
CA LYS A 51 33.00 -5.29 33.99
C LYS A 51 33.40 -6.20 35.14
N SER A 52 32.58 -6.29 36.18
CA SER A 52 32.91 -7.12 37.33
C SER A 52 32.84 -8.60 37.00
N LYS A 53 33.52 -9.40 37.80
CA LYS A 53 33.63 -10.83 37.53
C LYS A 53 32.30 -11.54 37.76
N PHE A 54 31.59 -11.16 38.84
CA PHE A 54 30.35 -11.82 39.24
C PHE A 54 29.29 -11.68 38.15
N ARG A 55 29.12 -10.46 37.63
CA ARG A 55 28.09 -10.22 36.63
C ARG A 55 28.41 -10.93 35.32
N GLN A 56 29.68 -10.96 34.94
CA GLN A 56 30.07 -11.64 33.70
C GLN A 56 29.87 -13.15 33.80
N VAL A 57 30.25 -13.73 34.95
CA VAL A 57 30.05 -15.16 35.17
C VAL A 57 28.57 -15.52 35.13
N TYR A 58 27.74 -14.71 35.81
CA TYR A 58 26.30 -14.93 35.80
C TYR A 58 25.72 -14.85 34.40
N SER A 59 26.14 -13.83 33.64
CA SER A 59 25.67 -13.65 32.26
C SER A 59 26.00 -14.86 31.40
N CYS A 60 27.27 -15.28 31.42
CA CYS A 60 27.68 -16.40 30.57
C CYS A 60 26.98 -17.69 30.97
N LEU A 61 26.79 -17.91 32.28
CA LEU A 61 26.10 -19.12 32.74
C LEU A 61 24.66 -19.16 32.24
N VAL A 62 23.93 -18.05 32.39
CA VAL A 62 22.53 -18.04 32.00
C VAL A 62 22.39 -18.16 30.49
N ILE A 63 23.28 -17.53 29.72
CA ILE A 63 23.11 -17.57 28.27
C ILE A 63 23.50 -18.94 27.72
N THR A 64 24.48 -19.61 28.33
CA THR A 64 24.81 -20.93 27.80
C THR A 64 23.75 -21.96 28.20
N LEU A 65 23.09 -21.75 29.35
CA LEU A 65 21.96 -22.61 29.70
C LEU A 65 20.79 -22.40 28.74
N GLY A 66 20.50 -21.14 28.38
CA GLY A 66 19.47 -20.88 27.40
C GLY A 66 19.79 -21.45 26.03
N PHE A 67 21.06 -21.34 25.62
CA PHE A 67 21.52 -21.90 24.36
C PHE A 67 21.43 -23.42 24.31
N ILE A 68 21.74 -24.12 25.39
CA ILE A 68 21.64 -25.58 25.33
C ILE A 68 20.18 -26.03 25.41
N THR A 69 19.33 -25.31 26.14
CA THR A 69 17.92 -25.69 26.20
C THR A 69 17.23 -25.46 24.87
N CYS A 70 17.50 -24.33 24.22
CA CYS A 70 16.89 -24.06 22.91
C CYS A 70 17.35 -25.08 21.88
N SER A 71 18.62 -25.47 21.92
CA SER A 71 19.11 -26.47 20.98
C SER A 71 18.50 -27.84 21.27
N CYS A 72 18.25 -28.15 22.55
CA CYS A 72 17.59 -29.40 22.89
C CYS A 72 16.17 -29.44 22.34
N TYR A 73 15.45 -28.32 22.46
CA TYR A 73 14.09 -28.28 21.92
C TYR A 73 14.10 -28.31 20.39
N CYS A 74 15.11 -27.70 19.77
CA CYS A 74 15.19 -27.70 18.31
C CYS A 74 15.50 -29.09 17.76
N ILE A 75 16.38 -29.83 18.43
CA ILE A 75 16.64 -31.19 18.00
C ILE A 75 15.47 -32.12 18.35
N GLY A 76 14.72 -31.80 19.39
CA GLY A 76 13.46 -32.50 19.61
C GLY A 76 12.47 -32.25 18.49
N LEU A 77 12.49 -31.04 17.93
CA LEU A 77 11.65 -30.75 16.78
C LEU A 77 12.12 -31.52 15.55
N CYS A 78 13.44 -31.54 15.31
CA CYS A 78 13.97 -32.21 14.13
C CYS A 78 13.79 -33.73 14.22
N LEU A 79 13.73 -34.27 15.44
CA LEU A 79 13.26 -35.63 15.66
C LEU A 79 11.74 -35.60 15.69
N SER A 80 11.16 -35.44 14.51
CA SER A 80 9.72 -35.29 14.37
C SER A 80 9.02 -36.60 14.71
N GLU A 81 8.33 -36.63 15.85
CA GLU A 81 7.60 -37.83 16.26
C GLU A 81 6.43 -38.09 15.33
N SER A 82 5.58 -37.09 15.12
CA SER A 82 4.52 -37.14 14.13
C SER A 82 4.17 -35.70 13.80
N ILE A 83 3.34 -35.52 12.76
CA ILE A 83 2.90 -34.19 12.37
C ILE A 83 1.95 -33.61 13.42
N ALA A 84 1.09 -34.45 14.00
CA ALA A 84 0.04 -33.96 14.90
C ALA A 84 0.63 -33.35 16.17
N GLN A 85 1.72 -33.93 16.68
CA GLN A 85 2.41 -33.35 17.82
C GLN A 85 3.43 -32.31 17.40
N ALA A 86 3.76 -32.23 16.10
CA ALA A 86 4.82 -31.33 15.65
C ALA A 86 4.47 -29.88 15.90
N LEU A 87 3.23 -29.49 15.56
CA LEU A 87 2.76 -28.15 15.90
C LEU A 87 2.73 -27.95 17.39
N ASN A 88 2.42 -29.02 18.14
CA ASN A 88 2.46 -28.98 19.60
C ASN A 88 3.86 -28.64 20.11
N ASN A 89 4.89 -28.96 19.32
CA ASN A 89 6.23 -28.55 19.69
C ASN A 89 6.46 -27.07 19.37
N ILE A 90 5.99 -26.64 18.19
CA ILE A 90 6.47 -25.42 17.51
C ILE A 90 6.50 -24.23 18.45
N THR A 91 5.32 -23.91 19.03
CA THR A 91 5.12 -22.76 19.89
C THR A 91 6.19 -22.62 20.97
N VAL A 92 6.49 -23.72 21.68
CA VAL A 92 7.47 -23.64 22.76
C VAL A 92 8.83 -23.27 22.20
N THR A 93 9.27 -24.02 21.19
CA THR A 93 10.53 -23.71 20.51
C THR A 93 10.49 -22.29 19.96
N SER A 94 9.31 -21.91 19.44
CA SER A 94 9.09 -20.55 18.93
C SER A 94 9.53 -19.51 19.95
N TYR A 95 8.98 -19.59 21.16
CA TYR A 95 9.31 -18.59 22.18
C TYR A 95 10.78 -18.65 22.53
N PHE A 96 11.32 -19.88 22.64
CA PHE A 96 12.72 -20.03 23.01
C PHE A 96 13.62 -19.41 21.96
N LEU A 97 13.21 -19.51 20.69
CA LEU A 97 13.99 -18.96 19.60
C LEU A 97 14.19 -17.47 19.78
N GLN A 98 13.11 -16.77 20.19
CA GLN A 98 13.18 -15.33 20.40
C GLN A 98 14.25 -14.99 21.40
N SER A 99 14.26 -15.73 22.53
CA SER A 99 15.23 -15.50 23.59
C SER A 99 16.65 -15.57 23.05
N CYS A 100 16.91 -16.62 22.25
CA CYS A 100 18.22 -16.83 21.67
C CYS A 100 18.66 -15.59 20.92
N VAL A 101 17.82 -15.10 19.99
CA VAL A 101 18.18 -13.96 19.17
C VAL A 101 18.45 -12.75 20.03
N CYS A 102 17.59 -12.54 21.03
CA CYS A 102 17.69 -11.34 21.86
C CYS A 102 19.04 -11.30 22.56
N TYR A 103 19.50 -12.46 23.03
CA TYR A 103 20.77 -12.53 23.74
C TYR A 103 21.90 -12.00 22.87
N VAL A 104 22.00 -12.52 21.65
CA VAL A 104 23.17 -12.17 20.83
C VAL A 104 23.10 -10.71 20.45
N SER A 105 21.89 -10.15 20.34
CA SER A 105 21.77 -8.76 19.93
C SER A 105 22.35 -7.85 20.98
N PHE A 106 22.08 -8.17 22.25
CA PHE A 106 22.54 -7.29 23.32
C PHE A 106 24.04 -7.43 23.53
N ILE A 107 24.65 -8.46 22.95
CA ILE A 107 26.10 -8.58 23.05
C ILE A 107 26.77 -8.00 21.81
N ILE A 108 26.01 -7.85 20.72
CA ILE A 108 26.62 -7.32 19.50
C ILE A 108 26.74 -5.80 19.60
N ASN A 109 25.74 -5.15 20.17
CA ASN A 109 25.68 -3.68 20.21
C ASN A 109 25.68 -3.16 21.64
N SER A 110 26.56 -3.68 22.48
CA SER A 110 26.58 -3.33 23.90
C SER A 110 27.14 -1.93 24.19
N ARG A 111 27.42 -1.08 23.20
CA ARG A 111 27.81 0.30 23.44
C ARG A 111 26.71 1.28 23.07
N LYS A 112 25.94 0.97 22.02
CA LYS A 112 24.79 1.80 21.67
C LYS A 112 23.74 1.79 22.77
N LEU A 113 23.68 0.72 23.56
CA LEU A 113 22.76 0.67 24.69
C LEU A 113 23.20 1.64 25.79
N GLU A 114 24.51 1.72 26.02
CA GLU A 114 25.05 2.72 26.93
C GLU A 114 24.72 4.13 26.44
N THR A 115 24.82 4.34 25.13
CA THR A 115 24.48 5.64 24.54
C THR A 115 22.99 5.96 24.73
N LEU A 116 22.13 4.97 24.53
CA LEU A 116 20.69 5.17 24.69
C LEU A 116 20.33 5.48 26.14
N PHE A 117 20.94 4.78 27.09
CA PHE A 117 20.67 5.06 28.50
C PHE A 117 21.20 6.42 28.90
N ASN A 118 22.34 6.82 28.33
CA ASN A 118 22.88 8.14 28.62
C ASN A 118 21.98 9.24 28.07
N TYR A 119 21.36 9.00 26.92
CA TYR A 119 20.35 9.93 26.44
C TYR A 119 19.13 9.94 27.36
N LEU A 120 18.66 8.76 27.75
CA LEU A 120 17.42 8.64 28.49
C LEU A 120 17.53 9.16 29.92
N PHE A 121 18.75 9.26 30.46
CA PHE A 121 18.94 9.83 31.78
C PHE A 121 18.73 11.35 31.83
N GLU A 122 19.22 12.11 30.84
CA GLU A 122 19.01 13.56 30.80
C GLU A 122 18.52 13.92 29.40
N ASN A 123 17.32 14.49 29.33
CA ASN A 123 16.69 14.83 28.07
C ASN A 123 15.95 16.15 28.15
N GLU A 124 16.42 17.05 29.00
CA GLU A 124 15.70 18.31 29.22
C GLU A 124 15.82 19.22 28.01
N VAL A 125 14.72 19.40 27.31
CA VAL A 125 14.65 20.38 26.24
C VAL A 125 14.44 21.76 26.84
N VAL A 126 15.23 22.73 26.38
CA VAL A 126 15.31 24.04 26.99
C VAL A 126 14.29 24.95 26.33
N GLY A 127 13.54 25.68 27.14
CA GLY A 127 12.60 26.68 26.66
C GLY A 127 11.14 26.35 26.85
N CYS A 128 10.82 25.07 27.06
CA CYS A 128 9.43 24.68 27.22
C CYS A 128 8.88 25.21 28.55
N PRO A 129 7.60 25.55 28.61
CA PRO A 129 7.03 26.06 29.87
C PRO A 129 6.97 24.98 30.93
N ARG A 130 7.07 25.40 32.20
CA ARG A 130 7.19 24.48 33.31
C ARG A 130 5.90 23.71 33.57
N GLY A 131 4.76 24.37 33.36
CA GLY A 131 3.46 23.77 33.56
C GLY A 131 3.21 22.58 32.67
N TYR A 132 3.83 22.60 31.49
CA TYR A 132 3.86 21.43 30.63
C TYR A 132 4.88 20.39 31.09
N LYS A 133 6.01 20.83 31.66
CA LYS A 133 7.08 19.90 32.01
C LYS A 133 6.68 19.00 33.17
N MET A 134 6.03 19.56 34.20
CA MET A 134 5.63 18.75 35.34
C MET A 134 4.55 17.74 34.96
N SER A 135 3.57 18.17 34.17
CA SER A 135 2.55 17.26 33.67
C SER A 135 3.16 16.18 32.78
N SER A 136 4.21 16.54 32.04
CA SER A 136 4.93 15.55 31.23
C SER A 136 5.57 14.48 32.10
N ILE A 137 6.24 14.91 33.17
CA ILE A 137 6.86 13.97 34.11
C ILE A 137 5.80 13.05 34.71
N LYS A 138 4.66 13.62 35.10
CA LYS A 138 3.58 12.84 35.70
C LYS A 138 3.03 11.79 34.73
N THR A 139 2.76 12.21 33.49
CA THR A 139 2.18 11.30 32.51
C THR A 139 3.15 10.20 32.11
N THR A 140 4.43 10.55 31.97
CA THR A 140 5.44 9.54 31.64
C THR A 140 5.56 8.51 32.76
N LEU A 141 5.62 8.98 34.01
CA LEU A 141 5.70 8.06 35.15
C LEU A 141 4.51 7.12 35.20
N PHE A 142 3.31 7.67 35.00
CA PHE A 142 2.09 6.86 35.02
C PHE A 142 2.12 5.77 33.93
N ARG A 143 2.43 6.17 32.69
CA ARG A 143 2.36 5.22 31.59
C ARG A 143 3.46 4.16 31.67
N CYS A 144 4.67 4.55 32.10
CA CYS A 144 5.74 3.56 32.17
C CYS A 144 5.49 2.58 33.31
N LYS A 145 4.98 3.06 34.44
CA LYS A 145 4.58 2.16 35.52
C LYS A 145 3.52 1.17 35.05
N PHE A 146 2.52 1.68 34.31
CA PHE A 146 1.45 0.82 33.81
C PHE A 146 1.99 -0.29 32.91
N VAL A 147 2.80 0.07 31.91
CA VAL A 147 3.24 -0.92 30.94
C VAL A 147 4.20 -1.92 31.58
N ALA A 148 5.06 -1.45 32.50
CA ALA A 148 6.03 -2.34 33.14
C ALA A 148 5.33 -3.36 34.04
N PHE A 149 4.39 -2.88 34.88
CA PHE A 149 3.69 -3.79 35.77
C PHE A 149 2.83 -4.77 35.00
N SER A 150 2.18 -4.30 33.93
CA SER A 150 1.33 -5.17 33.13
C SER A 150 2.13 -6.30 32.50
N LEU A 151 3.24 -5.97 31.84
CA LEU A 151 4.01 -7.01 31.17
C LEU A 151 4.67 -7.95 32.16
N GLY A 152 5.13 -7.42 33.31
CA GLY A 152 5.74 -8.27 34.31
C GLY A 152 4.77 -9.28 34.91
N ILE A 153 3.57 -8.81 35.25
CA ILE A 153 2.56 -9.71 35.81
C ILE A 153 2.14 -10.75 34.79
N LEU A 154 1.98 -10.34 33.53
CA LEU A 154 1.59 -11.29 32.49
C LEU A 154 2.65 -12.35 32.27
N SER A 155 3.93 -11.95 32.30
CA SER A 155 5.01 -12.92 32.09
C SER A 155 5.13 -13.89 33.26
N PHE A 156 4.97 -13.39 34.50
CA PHE A 156 5.03 -14.27 35.66
C PHE A 156 3.89 -15.28 35.64
N PHE A 157 2.68 -14.83 35.33
CA PHE A 157 1.55 -15.76 35.26
C PHE A 157 1.72 -16.74 34.11
N GLY A 158 2.33 -16.29 33.00
CA GLY A 158 2.60 -17.19 31.90
C GLY A 158 3.53 -18.33 32.28
N TRP A 159 4.63 -18.00 32.96
CA TRP A 159 5.51 -19.05 33.45
C TRP A 159 4.81 -19.96 34.44
N LEU A 160 4.06 -19.37 35.38
CA LEU A 160 3.40 -20.14 36.43
C LEU A 160 2.44 -21.16 35.83
N MET A 161 1.58 -20.73 34.91
CA MET A 161 0.63 -21.64 34.31
C MET A 161 1.34 -22.65 33.41
N TRP A 162 2.42 -22.24 32.73
CA TRP A 162 3.04 -23.15 31.77
C TRP A 162 3.97 -24.15 32.45
N THR A 163 4.28 -23.97 33.73
CA THR A 163 5.21 -24.88 34.39
C THR A 163 4.64 -25.57 35.63
N LEU A 164 3.95 -24.83 36.51
CA LEU A 164 3.68 -25.33 37.85
C LEU A 164 2.52 -26.32 37.88
N LEU A 165 1.43 -26.02 37.17
CA LEU A 165 0.17 -26.75 37.29
C LEU A 165 0.25 -28.26 37.03
N PRO A 166 0.88 -28.75 35.94
CA PRO A 166 0.87 -30.22 35.76
C PRO A 166 1.70 -30.96 36.79
N LEU A 167 2.69 -30.29 37.40
CA LEU A 167 3.32 -30.84 38.59
C LEU A 167 2.31 -30.97 39.72
N ALA A 168 1.44 -29.97 39.88
CA ALA A 168 0.48 -29.98 40.97
C ALA A 168 -0.61 -31.02 40.74
N VAL A 169 -0.83 -31.40 39.49
CA VAL A 169 -1.75 -32.51 39.21
C VAL A 169 -1.21 -33.81 39.80
N LEU A 170 0.12 -33.95 39.86
CA LEU A 170 0.70 -35.17 40.42
C LEU A 170 0.77 -35.09 41.95
N VAL A 171 1.35 -34.03 42.49
CA VAL A 171 1.51 -33.93 43.93
C VAL A 171 0.27 -33.29 44.56
N GLN A 182 8.25 -39.80 38.79
CA GLN A 182 7.74 -39.17 37.58
C GLN A 182 7.18 -37.79 37.90
N THR A 183 7.22 -36.88 36.92
CA THR A 183 6.48 -35.63 37.01
C THR A 183 5.58 -35.36 35.82
N SER A 184 5.99 -35.76 34.61
CA SER A 184 5.16 -35.78 33.38
C SER A 184 4.43 -34.45 33.15
N LEU A 185 5.14 -33.36 33.35
CA LEU A 185 4.55 -32.03 33.34
C LEU A 185 4.83 -31.26 32.06
N ARG A 186 5.75 -31.73 31.22
CA ARG A 186 6.13 -30.97 30.04
C ARG A 186 4.99 -30.92 29.05
N PHE A 187 4.63 -29.71 28.62
CA PHE A 187 3.48 -29.54 27.73
C PHE A 187 3.78 -30.12 26.35
N VAL A 188 5.05 -30.20 25.99
CA VAL A 188 5.51 -30.99 24.86
C VAL A 188 6.86 -31.60 25.27
N GLU A 189 7.08 -32.83 24.83
CA GLU A 189 8.30 -33.52 25.20
C GLU A 189 9.50 -32.93 24.45
N ALA A 190 10.67 -33.01 25.09
CA ALA A 190 11.87 -32.38 24.57
C ALA A 190 13.01 -33.39 24.55
N TRP A 191 13.89 -33.25 23.56
CA TRP A 191 15.00 -34.19 23.40
C TRP A 191 16.03 -33.96 24.50
N TYR A 192 16.55 -35.06 25.04
CA TYR A 192 17.53 -35.02 26.10
C TYR A 192 18.46 -36.21 25.95
N PRO A 193 19.69 -36.12 26.47
CA PRO A 193 20.59 -37.29 26.42
C PRO A 193 20.04 -38.47 27.19
N PHE A 194 19.66 -38.28 28.44
CA PHE A 194 18.95 -39.31 29.18
C PHE A 194 17.50 -39.37 28.70
N ASP A 195 16.87 -40.53 28.94
CA ASP A 195 15.60 -40.82 28.27
C ASP A 195 14.44 -40.03 28.86
N THR A 196 14.60 -39.52 30.09
CA THR A 196 13.62 -38.79 30.90
C THR A 196 12.39 -39.64 31.20
N THR A 197 12.43 -40.95 30.98
CA THR A 197 11.24 -41.79 31.15
C THR A 197 11.09 -42.24 32.59
N THR A 198 12.20 -42.60 33.24
CA THR A 198 12.14 -43.15 34.58
C THR A 198 11.82 -42.06 35.60
N SER A 199 11.43 -42.50 36.80
CA SER A 199 10.97 -41.58 37.84
C SER A 199 12.01 -40.59 38.34
N PRO A 200 13.32 -40.95 38.55
CA PRO A 200 14.27 -39.90 38.94
C PRO A 200 14.53 -38.86 37.86
N MET A 201 14.70 -39.31 36.61
CA MET A 201 15.06 -38.44 35.50
C MET A 201 13.98 -37.40 35.18
N ASN A 202 12.71 -37.81 35.22
CA ASN A 202 11.61 -36.87 34.94
C ASN A 202 11.64 -35.69 35.89
N GLU A 203 11.90 -35.95 37.17
CA GLU A 203 11.94 -34.90 38.18
C GLU A 203 13.11 -33.93 37.94
N VAL A 204 14.27 -34.49 37.61
CA VAL A 204 15.47 -33.67 37.40
C VAL A 204 15.28 -32.77 36.17
N ILE A 205 14.79 -33.35 35.08
CA ILE A 205 14.53 -32.56 33.89
C ILE A 205 13.40 -31.57 34.14
N ALA A 206 12.46 -31.89 35.03
CA ALA A 206 11.39 -30.97 35.37
C ALA A 206 11.93 -29.72 36.05
N ILE A 207 12.77 -29.89 37.08
CA ILE A 207 13.30 -28.72 37.77
C ILE A 207 14.25 -27.94 36.86
N TYR A 208 15.02 -28.64 36.02
CA TYR A 208 15.92 -27.98 35.09
C TYR A 208 15.16 -27.13 34.09
N GLU A 209 14.09 -27.69 33.51
CA GLU A 209 13.28 -26.95 32.56
C GLU A 209 12.54 -25.81 33.24
N ALA A 210 12.19 -25.97 34.52
CA ALA A 210 11.49 -24.91 35.23
C ALA A 210 12.38 -23.67 35.39
N VAL A 211 13.59 -23.85 35.93
CA VAL A 211 14.47 -22.70 36.12
C VAL A 211 14.92 -22.15 34.76
N ALA A 212 15.08 -23.04 33.77
CA ALA A 212 15.44 -22.61 32.43
C ALA A 212 14.38 -21.71 31.84
N MET A 213 13.12 -22.14 31.85
CA MET A 213 12.05 -21.37 31.24
C MET A 213 11.81 -20.07 32.01
N ILE A 214 12.07 -20.06 33.32
CA ILE A 214 12.05 -18.79 34.05
C ILE A 214 13.04 -17.81 33.44
N PHE A 215 14.29 -18.23 33.31
CA PHE A 215 15.32 -17.30 32.86
C PHE A 215 15.20 -17.00 31.38
N LEU A 216 14.46 -17.84 30.63
CA LEU A 216 14.22 -17.54 29.22
C LEU A 216 13.06 -16.55 29.06
N ILE A 217 11.98 -16.73 29.83
CA ILE A 217 10.82 -15.85 29.70
C ILE A 217 11.17 -14.45 30.17
N THR A 218 12.05 -14.33 31.18
CA THR A 218 12.34 -12.96 31.64
C THR A 218 13.16 -12.12 30.66
N ALA A 219 13.72 -12.68 29.59
CA ALA A 219 14.54 -11.86 28.70
C ALA A 219 13.74 -10.99 27.72
N PRO A 220 12.83 -11.54 26.89
CA PRO A 220 12.16 -10.66 25.92
C PRO A 220 11.20 -9.69 26.58
N MET A 221 10.66 -10.05 27.75
CA MET A 221 9.89 -9.11 28.55
C MET A 221 10.74 -7.89 28.94
N SER A 222 11.99 -8.13 29.33
CA SER A 222 12.87 -7.03 29.73
C SER A 222 13.23 -6.15 28.54
N SER A 223 13.56 -6.77 27.40
CA SER A 223 13.88 -5.99 26.20
C SER A 223 12.66 -5.18 25.74
N ASP A 224 11.47 -5.77 25.84
CA ASP A 224 10.25 -5.09 25.47
C ASP A 224 9.99 -3.90 26.39
N ILE A 225 10.23 -4.08 27.69
CA ILE A 225 10.01 -3.01 28.65
C ILE A 225 10.96 -1.84 28.39
N MET A 226 12.23 -2.14 28.09
CA MET A 226 13.16 -1.07 27.77
C MET A 226 12.79 -0.35 26.48
N PHE A 227 12.35 -1.08 25.46
CA PHE A 227 11.88 -0.45 24.23
C PHE A 227 10.69 0.46 24.49
N CYS A 228 9.76 0.01 25.33
CA CYS A 228 8.57 0.81 25.61
C CYS A 228 8.93 2.07 26.39
N VAL A 229 9.88 1.96 27.31
CA VAL A 229 10.34 3.14 28.04
C VAL A 229 10.98 4.14 27.10
N LEU A 230 11.81 3.66 26.16
CA LEU A 230 12.42 4.54 25.17
C LEU A 230 11.38 5.24 24.31
N MET A 231 10.37 4.50 23.86
CA MET A 231 9.32 5.08 23.02
C MET A 231 8.53 6.14 23.78
N ILE A 232 8.19 5.87 25.04
CA ILE A 232 7.44 6.83 25.83
C ILE A 232 8.23 8.12 26.02
N PHE A 233 9.52 7.98 26.34
CA PHE A 233 10.37 9.16 26.55
C PHE A 233 10.52 9.97 25.27
N ILE A 234 10.66 9.29 24.13
CA ILE A 234 10.82 10.01 22.87
C ILE A 234 9.53 10.73 22.49
N VAL A 235 8.37 10.11 22.75
CA VAL A 235 7.08 10.75 22.47
C VAL A 235 6.92 12.02 23.30
N GLU A 236 7.24 11.94 24.59
CA GLU A 236 7.07 13.10 25.45
C GLU A 236 8.06 14.20 25.10
N HIS A 237 9.26 13.80 24.67
CA HIS A 237 10.24 14.79 24.23
C HIS A 237 9.76 15.50 22.98
N LEU A 238 9.10 14.78 22.06
CA LEU A 238 8.54 15.41 20.87
C LEU A 238 7.45 16.42 21.24
N LYS A 239 6.57 16.05 22.16
CA LYS A 239 5.50 16.98 22.55
C LYS A 239 6.08 18.23 23.21
N CYS A 240 7.09 18.05 24.06
CA CYS A 240 7.75 19.20 24.67
C CYS A 240 8.47 20.05 23.63
N LEU A 241 9.02 19.43 22.58
CA LEU A 241 9.64 20.19 21.51
C LEU A 241 8.64 21.05 20.76
N GLY A 242 7.45 20.49 20.51
CA GLY A 242 6.40 21.28 19.88
C GLY A 242 5.96 22.45 20.74
N MET A 243 5.84 22.22 22.05
CA MET A 243 5.52 23.31 22.96
C MET A 243 6.61 24.38 22.96
N ALA A 244 7.87 23.97 22.89
CA ALA A 244 8.96 24.94 22.84
C ALA A 244 8.93 25.74 21.54
N ILE A 245 8.55 25.09 20.43
CA ILE A 245 8.47 25.78 19.15
C ILE A 245 7.39 26.85 19.19
N GLU A 246 6.21 26.52 19.71
CA GLU A 246 5.14 27.53 19.77
C GLU A 246 5.49 28.62 20.77
N CYS A 247 6.25 28.28 21.81
CA CYS A 247 6.66 29.29 22.78
C CYS A 247 7.64 30.28 22.17
N THR A 248 8.63 29.80 21.41
CA THR A 248 9.58 30.73 20.83
C THR A 248 9.02 31.45 19.62
N LEU A 249 7.95 30.92 19.00
CA LEU A 249 7.27 31.71 17.99
C LEU A 249 6.39 32.80 18.58
N LYS A 250 5.77 32.53 19.73
CA LYS A 250 4.90 33.53 20.35
C LYS A 250 5.69 34.70 20.91
N GLY A 251 6.96 34.48 21.26
CA GLY A 251 7.78 35.53 21.82
C GLY A 251 8.13 36.63 20.84
N ASP A 321 16.44 35.25 19.84
CA ASP A 321 15.85 35.08 18.52
C ASP A 321 16.48 33.90 17.77
N ALA A 322 17.80 33.90 17.68
CA ALA A 322 18.51 32.80 17.02
C ALA A 322 18.68 31.62 17.95
N THR A 323 18.96 31.89 19.22
CA THR A 323 19.46 30.87 20.15
C THR A 323 18.44 29.77 20.39
N SER A 324 17.18 30.15 20.59
CA SER A 324 16.12 29.17 20.83
C SER A 324 15.96 28.23 19.64
N LEU A 325 16.11 28.77 18.42
CA LEU A 325 15.99 27.95 17.23
C LEU A 325 17.13 26.95 17.13
N CYS A 326 18.34 27.37 17.49
CA CYS A 326 19.48 26.45 17.50
C CYS A 326 19.26 25.33 18.51
N ASN A 327 18.77 25.67 19.70
CA ASN A 327 18.52 24.65 20.71
C ASN A 327 17.44 23.67 20.26
N ILE A 328 16.40 24.19 19.59
CA ILE A 328 15.30 23.34 19.12
C ILE A 328 15.79 22.40 18.02
N VAL A 329 16.60 22.91 17.09
CA VAL A 329 17.12 22.09 16.01
C VAL A 329 18.05 21.01 16.55
N ASP A 330 18.88 21.36 17.55
CA ASP A 330 19.76 20.38 18.17
C ASP A 330 18.98 19.27 18.85
N SER A 331 17.91 19.65 19.57
CA SER A 331 17.08 18.64 20.20
C SER A 331 16.39 17.74 19.19
N HIS A 332 15.96 18.31 18.05
CA HIS A 332 15.30 17.51 17.03
C HIS A 332 16.27 16.51 16.38
N VAL A 333 17.49 16.96 16.08
CA VAL A 333 18.43 16.05 15.45
C VAL A 333 18.91 15.00 16.45
N LYS A 334 18.90 15.33 17.75
CA LYS A 334 19.21 14.33 18.77
C LYS A 334 18.12 13.28 18.84
N ILE A 335 16.86 13.70 18.71
CA ILE A 335 15.74 12.76 18.60
C ILE A 335 15.95 11.82 17.43
N TYR A 336 16.34 12.36 16.28
CA TYR A 336 16.48 11.55 15.08
C TYR A 336 17.61 10.54 15.22
N ARG A 337 18.75 10.95 15.79
CA ARG A 337 19.86 10.03 15.98
C ARG A 337 19.51 8.92 16.98
N THR A 338 18.78 9.27 18.04
CA THR A 338 18.34 8.26 19.00
C THR A 338 17.41 7.24 18.35
N MET A 339 16.47 7.72 17.53
CA MET A 339 15.58 6.81 16.82
C MET A 339 16.34 5.93 15.83
N GLU A 340 17.41 6.48 15.23
CA GLU A 340 18.23 5.69 14.33
C GLU A 340 18.93 4.56 15.08
N ILE A 341 19.44 4.86 16.29
CA ILE A 341 20.10 3.83 17.08
C ILE A 341 19.12 2.74 17.48
N VAL A 342 17.90 3.13 17.91
CA VAL A 342 16.89 2.17 18.30
C VAL A 342 16.48 1.30 17.11
N GLN A 343 16.40 1.90 15.92
CA GLN A 343 16.15 1.12 14.71
C GLN A 343 17.29 0.15 14.43
N SER A 344 18.53 0.57 14.70
CA SER A 344 19.69 -0.27 14.40
C SER A 344 19.73 -1.50 15.29
N VAL A 345 19.32 -1.38 16.54
CA VAL A 345 19.48 -2.52 17.45
C VAL A 345 18.33 -3.53 17.36
N TYR A 346 17.09 -3.05 17.23
CA TYR A 346 15.93 -3.91 17.47
C TYR A 346 15.40 -4.67 16.25
N SER A 347 16.04 -4.52 15.10
CA SER A 347 15.42 -4.93 13.84
C SER A 347 15.27 -6.44 13.74
N SER A 348 16.36 -7.18 13.99
CA SER A 348 16.33 -8.63 13.88
C SER A 348 15.38 -9.23 14.91
N TYR A 349 15.35 -8.67 16.12
CA TYR A 349 14.45 -9.16 17.15
C TYR A 349 13.00 -8.96 16.76
N PHE A 350 12.68 -7.79 16.20
CA PHE A 350 11.31 -7.55 15.74
C PHE A 350 10.90 -8.51 14.64
N ALA A 351 11.82 -8.77 13.69
CA ALA A 351 11.51 -9.67 12.59
C ALA A 351 11.23 -11.09 13.09
N THR A 352 12.14 -11.63 13.91
CA THR A 352 11.93 -12.99 14.40
C THR A 352 10.72 -13.07 15.31
N LEU A 353 10.45 -11.99 16.07
CA LEU A 353 9.28 -11.94 16.93
C LEU A 353 8.00 -12.08 16.14
N PHE A 354 7.83 -11.23 15.11
CA PHE A 354 6.61 -11.24 14.33
C PHE A 354 6.41 -12.59 13.62
N PHE A 355 7.48 -13.10 13.01
CA PHE A 355 7.38 -14.35 12.25
C PHE A 355 7.04 -15.53 13.14
N THR A 356 7.87 -15.79 14.16
CA THR A 356 7.64 -17.00 14.94
C THR A 356 6.41 -16.84 15.84
N SER A 357 6.00 -15.60 16.10
CA SER A 357 4.80 -15.40 16.90
C SER A 357 3.55 -15.74 16.11
N CYS A 358 3.45 -15.28 14.85
CA CYS A 358 2.26 -15.64 14.09
C CYS A 358 2.23 -17.13 13.78
N LEU A 359 3.41 -17.74 13.57
CA LEU A 359 3.43 -19.18 13.37
C LEU A 359 2.98 -19.94 14.63
N ALA A 360 3.42 -19.48 15.80
CA ALA A 360 3.03 -20.13 17.05
C ALA A 360 1.54 -19.97 17.32
N VAL A 361 0.97 -18.80 16.98
CA VAL A 361 -0.46 -18.60 17.19
C VAL A 361 -1.26 -19.48 16.24
N CYS A 362 -0.79 -19.66 15.00
CA CYS A 362 -1.47 -20.58 14.09
C CYS A 362 -1.46 -22.01 14.62
N ALA A 363 -0.31 -22.45 15.14
CA ALA A 363 -0.22 -23.79 15.73
C ALA A 363 -1.11 -23.92 16.96
N LEU A 364 -1.16 -22.86 17.77
CA LEU A 364 -1.94 -22.87 19.00
C LEU A 364 -3.43 -22.98 18.69
N ALA A 365 -3.88 -22.26 17.66
CA ALA A 365 -5.27 -22.35 17.22
C ALA A 365 -5.58 -23.74 16.65
N TYR A 366 -4.64 -24.30 15.90
CA TYR A 366 -4.84 -25.64 15.33
C TYR A 366 -5.00 -26.68 16.43
N PHE A 367 -4.27 -26.52 17.55
CA PHE A 367 -4.36 -27.51 18.61
C PHE A 367 -5.56 -27.25 19.51
N LEU A 368 -5.97 -25.99 19.67
CA LEU A 368 -7.06 -25.69 20.59
C LEU A 368 -8.42 -25.92 19.95
N ALA A 369 -8.49 -25.81 18.61
CA ALA A 369 -9.80 -25.69 17.97
C ALA A 369 -10.58 -27.00 17.97
N ALA A 370 -10.06 -28.03 17.30
CA ALA A 370 -10.84 -29.23 17.04
C ALA A 370 -10.34 -30.47 17.78
N THR A 371 -9.17 -30.41 18.40
CA THR A 371 -8.58 -31.56 19.07
C THR A 371 -8.85 -31.45 20.58
N SER A 372 -8.98 -32.54 21.31
CA SER A 372 -9.24 -32.48 22.75
C SER A 372 -8.02 -31.99 23.50
N PHE A 375 -9.00 -30.36 29.88
CA PHE A 375 -9.50 -29.23 30.65
C PHE A 375 -8.33 -28.43 31.22
N THR A 376 -7.21 -29.11 31.44
CA THR A 376 -6.04 -28.44 31.99
C THR A 376 -5.28 -27.67 30.92
N ARG A 377 -5.41 -28.10 29.67
CA ARG A 377 -4.60 -27.54 28.58
C ARG A 377 -5.08 -26.14 28.20
N VAL A 378 -6.38 -25.89 28.33
CA VAL A 378 -6.97 -24.66 27.79
C VAL A 378 -6.53 -23.40 28.53
N PRO A 379 -6.42 -23.38 29.89
CA PRO A 379 -5.83 -22.19 30.54
C PRO A 379 -4.45 -21.79 30.04
N GLY A 380 -3.55 -22.77 29.85
CA GLY A 380 -2.21 -22.45 29.41
C GLY A 380 -2.19 -21.87 28.00
N MET A 381 -2.99 -22.45 27.11
CA MET A 381 -2.97 -22.00 25.72
C MET A 381 -3.65 -20.64 25.57
N VAL A 382 -4.73 -20.39 26.32
CA VAL A 382 -5.36 -19.07 26.26
C VAL A 382 -4.46 -18.00 26.89
N LEU A 383 -3.69 -18.38 27.92
CA LEU A 383 -2.79 -17.41 28.53
C LEU A 383 -1.61 -17.11 27.61
N TYR A 384 -1.11 -18.12 26.89
CA TYR A 384 -0.04 -17.87 25.94
C TYR A 384 -0.53 -17.04 24.75
N LEU A 385 -1.77 -17.27 24.32
CA LEU A 385 -2.35 -16.46 23.25
C LEU A 385 -2.48 -15.01 23.66
N MET A 386 -2.95 -14.76 24.90
CA MET A 386 -3.01 -13.40 25.40
C MET A 386 -1.64 -12.79 25.56
N TYR A 387 -0.65 -13.61 25.95
CA TYR A 387 0.71 -13.12 26.13
C TYR A 387 1.33 -12.70 24.81
N ILE A 388 0.99 -13.41 23.73
CA ILE A 388 1.46 -12.99 22.42
C ILE A 388 0.75 -11.71 21.98
N PHE A 389 -0.58 -11.71 22.06
CA PHE A 389 -1.37 -10.61 21.50
C PHE A 389 -1.16 -9.29 22.21
N LEU A 390 -1.12 -9.30 23.55
CA LEU A 390 -0.95 -8.05 24.29
C LEU A 390 0.43 -7.46 24.06
N ARG A 391 1.45 -8.33 23.95
CA ARG A 391 2.79 -7.85 23.69
C ARG A 391 2.89 -7.22 22.30
N ILE A 392 2.32 -7.88 21.29
CA ILE A 392 2.36 -7.36 19.93
C ILE A 392 1.59 -6.04 19.85
N PHE A 393 0.46 -5.95 20.55
CA PHE A 393 -0.37 -4.75 20.52
C PHE A 393 0.33 -3.59 21.21
N LEU A 394 0.99 -3.85 22.34
CA LEU A 394 1.73 -2.79 23.02
C LEU A 394 2.87 -2.27 22.15
N LEU A 395 3.58 -3.18 21.49
CA LEU A 395 4.68 -2.77 20.61
C LEU A 395 4.18 -1.92 19.46
N CYS A 396 3.09 -2.36 18.81
CA CYS A 396 2.58 -1.62 17.66
C CYS A 396 2.03 -0.25 18.08
N LEU A 397 1.38 -0.18 19.24
CA LEU A 397 0.82 1.09 19.71
C LEU A 397 1.92 2.09 20.02
N LEU A 398 2.91 1.67 20.82
CA LEU A 398 3.98 2.60 21.16
C LEU A 398 4.95 2.83 20.01
N ALA A 399 4.85 2.04 18.93
CA ALA A 399 5.60 2.38 17.73
C ALA A 399 4.85 3.38 16.84
N THR A 400 3.52 3.32 16.82
CA THR A 400 2.76 4.25 16.00
C THR A 400 2.65 5.62 16.67
N GLU A 401 2.74 5.64 18.00
CA GLU A 401 2.60 6.90 18.73
C GLU A 401 3.70 7.90 18.37
N VAL A 402 4.93 7.43 18.17
CA VAL A 402 6.02 8.36 17.90
C VAL A 402 5.92 8.93 16.49
N ALA A 403 5.48 8.12 15.52
CA ALA A 403 5.27 8.62 14.17
C ALA A 403 4.13 9.64 14.13
N GLU A 404 3.06 9.38 14.89
CA GLU A 404 1.98 10.36 14.97
C GLU A 404 2.45 11.65 15.61
N GLN A 405 3.31 11.56 16.63
CA GLN A 405 3.82 12.79 17.24
C GLN A 405 4.79 13.53 16.32
N GLY A 406 5.49 12.80 15.45
CA GLY A 406 6.34 13.47 14.48
C GLY A 406 5.54 14.25 13.45
N LEU A 407 4.51 13.63 12.91
CA LEU A 407 3.63 14.33 11.97
C LEU A 407 2.85 15.44 12.66
N ASN A 408 2.66 15.32 13.97
CA ASN A 408 2.14 16.44 14.75
C ASN A 408 3.17 17.55 14.87
N LEU A 409 4.44 17.20 14.97
CA LEU A 409 5.51 18.20 15.03
C LEU A 409 5.63 18.93 13.70
N CYS A 410 5.17 18.31 12.62
CA CYS A 410 5.13 19.00 11.32
C CYS A 410 4.28 20.27 11.37
N HIS A 411 3.16 20.23 12.09
CA HIS A 411 2.28 21.39 12.20
C HIS A 411 2.60 22.25 13.41
N ALA A 412 3.85 22.67 13.54
CA ALA A 412 4.28 23.45 14.69
C ALA A 412 4.60 24.88 14.26
N GLY A 413 4.22 25.82 15.12
CA GLY A 413 4.50 27.23 14.87
C GLY A 413 3.80 27.80 13.66
N TYR A 414 2.69 27.19 13.26
CA TYR A 414 1.99 27.55 12.04
C TYR A 414 0.79 28.41 12.44
N SER A 415 1.01 29.71 12.56
CA SER A 415 -0.02 30.63 12.99
C SER A 415 0.11 31.93 12.21
N SER A 416 -0.61 32.95 12.64
CA SER A 416 -0.51 34.25 12.00
C SER A 416 0.82 34.93 12.28
N LYS A 417 1.42 34.63 13.44
CA LYS A 417 2.69 35.25 13.80
C LYS A 417 3.81 34.85 12.86
N LEU A 418 3.71 33.67 12.26
CA LEU A 418 4.66 33.25 11.22
C LEU A 418 4.65 34.22 10.04
N VAL A 419 3.51 34.83 9.76
CA VAL A 419 3.42 35.80 8.67
C VAL A 419 3.99 37.16 9.08
N LEU A 420 4.33 37.35 10.35
CA LEU A 420 4.88 38.62 10.80
C LEU A 420 6.31 38.48 11.30
N ALA A 421 6.87 37.28 11.25
CA ALA A 421 8.23 37.07 11.70
C ALA A 421 9.23 37.52 10.64
N SER A 422 10.51 37.43 10.99
CA SER A 422 11.57 37.75 10.05
C SER A 422 11.71 36.65 9.01
N ASP A 423 12.57 36.91 8.02
CA ASP A 423 12.90 35.88 7.03
C ASP A 423 13.65 34.73 7.64
N HIS A 424 14.39 35.00 8.72
CA HIS A 424 15.23 33.98 9.35
C HIS A 424 14.37 32.88 9.97
N VAL A 425 13.39 33.28 10.78
CA VAL A 425 12.46 32.34 11.38
C VAL A 425 11.63 31.65 10.29
N ARG A 426 11.23 32.43 9.28
CA ARG A 426 10.43 31.88 8.18
C ARG A 426 11.17 30.83 7.37
N SER A 427 12.50 30.88 7.34
CA SER A 427 13.28 29.84 6.69
C SER A 427 13.59 28.67 7.60
N THR A 428 13.90 28.93 8.87
CA THR A 428 14.22 27.84 9.78
C THR A 428 13.00 26.97 10.09
N ILE A 429 11.83 27.60 10.21
CA ILE A 429 10.59 26.84 10.43
C ILE A 429 10.29 25.98 9.21
N GLN A 430 10.53 26.51 8.02
CA GLN A 430 10.38 25.74 6.79
C GLN A 430 11.32 24.54 6.77
N ALA A 431 12.56 24.74 7.21
CA ALA A 431 13.52 23.64 7.26
C ALA A 431 13.08 22.57 8.25
N ILE A 432 12.60 22.99 9.42
CA ILE A 432 12.12 22.06 10.43
C ILE A 432 10.94 21.26 9.90
N ALA A 433 10.04 21.92 9.17
CA ALA A 433 8.87 21.24 8.65
C ALA A 433 9.26 20.22 7.57
N THR A 434 10.13 20.61 6.65
CA THR A 434 10.47 19.70 5.55
C THR A 434 11.36 18.57 6.03
N ARG A 435 12.02 18.75 7.19
CA ARG A 435 12.69 17.61 7.80
C ARG A 435 11.68 16.74 8.55
N ALA A 436 10.64 17.35 9.11
CA ALA A 436 9.67 16.60 9.89
C ALA A 436 8.75 15.79 8.99
N GLN A 437 8.71 16.12 7.70
CA GLN A 437 7.89 15.33 6.79
C GLN A 437 8.42 13.91 6.61
N ILE A 438 9.69 13.68 6.92
CA ILE A 438 10.20 12.31 6.88
C ILE A 438 9.67 11.54 8.07
N PRO A 439 9.03 10.38 7.88
CA PRO A 439 8.47 9.65 9.03
C PRO A 439 9.53 8.91 9.82
N LEU A 440 9.49 9.11 11.13
CA LEU A 440 10.36 8.38 12.05
C LEU A 440 9.69 7.05 12.35
N SER A 441 10.11 6.01 11.64
CA SER A 441 9.47 4.70 11.72
C SER A 441 10.50 3.64 12.06
N ILE A 442 10.07 2.63 12.80
CA ILE A 442 10.89 1.47 13.11
C ILE A 442 10.44 0.34 12.20
N THR A 443 11.40 -0.38 11.62
CA THR A 443 11.10 -1.50 10.74
C THR A 443 11.85 -2.74 11.19
N GLY A 444 11.25 -3.89 10.94
CA GLY A 444 11.85 -5.16 11.31
C GLY A 444 12.72 -5.72 10.22
N ALA A 445 14.03 -5.49 10.33
CA ALA A 445 15.04 -5.89 9.34
C ALA A 445 14.70 -5.38 7.93
N ARG A 446 14.07 -4.20 7.87
CA ARG A 446 13.61 -3.54 6.64
C ARG A 446 12.61 -4.37 5.85
N PHE A 447 12.00 -5.38 6.46
CA PHE A 447 10.94 -6.12 5.79
C PHE A 447 9.59 -5.42 5.88
N PHE A 448 9.26 -4.86 7.04
CA PHE A 448 7.98 -4.21 7.24
C PHE A 448 8.13 -3.18 8.36
N THR A 449 7.38 -2.09 8.24
CA THR A 449 7.35 -1.04 9.24
C THR A 449 6.26 -1.36 10.26
N VAL A 450 6.66 -1.48 11.53
CA VAL A 450 5.70 -1.85 12.58
C VAL A 450 4.76 -0.68 12.89
N ASN A 451 3.51 -0.82 12.46
CA ASN A 451 2.45 0.15 12.73
C ASN A 451 1.24 -0.62 13.25
N LEU A 452 0.17 0.10 13.55
CA LEU A 452 -1.10 -0.57 13.74
C LEU A 452 -1.66 -1.15 12.45
N SER A 453 -1.37 -0.52 11.31
CA SER A 453 -1.81 -1.02 10.01
C SER A 453 -1.19 -2.35 9.66
N PHE A 454 0.09 -2.56 9.96
CA PHE A 454 0.70 -3.86 9.71
C PHE A 454 0.11 -4.91 10.63
N LEU A 455 -0.23 -4.53 11.86
CA LEU A 455 -0.89 -5.48 12.76
C LEU A 455 -2.26 -5.87 12.23
N ALA A 456 -3.00 -4.92 11.66
CA ALA A 456 -4.30 -5.23 11.08
C ALA A 456 -4.16 -6.13 9.86
N SER A 457 -3.17 -5.87 9.02
CA SER A 457 -2.96 -6.71 7.84
C SER A 457 -2.52 -8.12 8.22
N MET A 458 -1.62 -8.24 9.20
CA MET A 458 -1.16 -9.54 9.63
C MET A 458 -2.27 -10.33 10.31
N ALA A 459 -3.09 -9.64 11.12
CA ALA A 459 -4.23 -10.30 11.75
C ALA A 459 -5.24 -10.75 10.70
N GLY A 460 -5.43 -9.95 9.65
CA GLY A 460 -6.35 -10.34 8.59
C GLY A 460 -5.89 -11.59 7.85
N VAL A 461 -4.62 -11.61 7.43
CA VAL A 461 -4.14 -12.77 6.69
C VAL A 461 -4.01 -13.99 7.60
N MET A 462 -3.74 -13.78 8.89
CA MET A 462 -3.64 -14.92 9.81
C MET A 462 -5.00 -15.53 10.08
N LEU A 463 -6.00 -14.67 10.33
CA LEU A 463 -7.37 -15.13 10.50
C LEU A 463 -7.85 -15.87 9.25
N THR A 464 -7.56 -15.30 8.07
CA THR A 464 -7.94 -15.94 6.81
C THR A 464 -7.32 -17.33 6.68
N TYR A 465 -6.00 -17.41 6.77
CA TYR A 465 -5.27 -18.66 6.62
C TYR A 465 -5.74 -19.71 7.62
N PHE A 466 -5.85 -19.34 8.89
CA PHE A 466 -6.31 -20.28 9.92
C PHE A 466 -7.72 -20.78 9.62
N ILE A 467 -8.65 -19.88 9.33
CA ILE A 467 -10.05 -20.28 9.23
C ILE A 467 -10.27 -21.13 7.99
N VAL A 468 -9.57 -20.82 6.89
CA VAL A 468 -9.74 -21.66 5.70
C VAL A 468 -9.10 -23.02 5.92
N LEU A 469 -7.85 -23.06 6.43
CA LEU A 469 -7.11 -24.31 6.48
C LEU A 469 -7.64 -25.23 7.59
N LEU A 470 -8.46 -24.69 8.49
CA LEU A 470 -9.10 -25.55 9.48
C LEU A 470 -10.52 -25.92 9.05
N GLN A 471 -11.21 -25.05 8.30
CA GLN A 471 -12.63 -25.30 8.04
C GLN A 471 -12.83 -26.15 6.77
N VAL A 472 -12.23 -25.75 5.65
CA VAL A 472 -12.55 -26.47 4.41
C VAL A 472 -11.83 -27.82 4.39
N ASN A 473 -10.79 -27.95 5.19
CA ASN A 473 -10.01 -29.19 5.23
C ASN A 473 -10.66 -30.27 6.09
N ASP B 16 -31.19 35.70 5.04
CA ASP B 16 -32.12 34.83 4.34
C ASP B 16 -31.95 33.37 4.71
N ASP B 17 -31.42 32.57 3.78
CA ASP B 17 -31.20 31.14 4.02
C ASP B 17 -30.13 30.88 5.07
N TYR B 18 -29.30 31.88 5.39
CA TYR B 18 -28.36 31.78 6.49
C TYR B 18 -29.07 31.53 7.81
N ILE B 19 -30.27 32.11 7.97
CA ILE B 19 -31.08 31.83 9.15
C ILE B 19 -31.64 30.41 9.08
N HIS B 20 -32.04 29.98 7.89
CA HIS B 20 -32.59 28.64 7.72
C HIS B 20 -31.54 27.57 8.00
N LEU B 21 -30.29 27.84 7.63
CA LEU B 21 -29.21 26.91 7.94
C LEU B 21 -28.98 26.81 9.44
N ARG B 22 -29.09 27.93 10.16
CA ARG B 22 -28.97 27.89 11.61
C ARG B 22 -30.14 27.16 12.25
N LYS B 23 -31.32 27.27 11.65
CA LYS B 23 -32.45 26.47 12.11
C LYS B 23 -32.20 24.98 11.88
N TRP B 24 -31.55 24.65 10.76
CA TRP B 24 -31.22 23.25 10.48
C TRP B 24 -30.23 22.70 11.50
N ILE B 25 -29.19 23.48 11.83
CA ILE B 25 -28.22 22.97 12.79
C ILE B 25 -28.78 23.02 14.20
N LYS B 26 -29.85 23.80 14.42
CA LYS B 26 -30.60 23.67 15.66
C LYS B 26 -31.37 22.35 15.69
N ARG B 27 -31.97 21.99 14.54
CA ARG B 27 -32.66 20.70 14.43
C ARG B 27 -31.70 19.54 14.65
N ILE B 28 -30.44 19.71 14.24
CA ILE B 28 -29.40 18.70 14.42
C ILE B 28 -29.18 18.46 15.91
N GLY B 29 -29.13 19.53 16.69
CA GLY B 29 -29.00 19.39 18.13
C GLY B 29 -30.23 18.81 18.77
N ILE B 30 -31.40 19.18 18.25
CA ILE B 30 -32.67 18.70 18.80
C ILE B 30 -32.80 17.20 18.62
N ILE B 31 -32.50 16.70 17.42
CA ILE B 31 -32.63 15.26 17.16
C ILE B 31 -31.56 14.49 17.92
N LEU B 32 -30.44 15.13 18.22
CA LEU B 32 -29.43 14.48 19.05
C LEU B 32 -29.87 14.41 20.51
N ARG B 33 -30.61 15.42 20.98
CA ARG B 33 -31.16 15.36 22.33
C ARG B 33 -32.30 14.35 22.42
N ILE B 34 -33.04 14.18 21.33
CA ILE B 34 -34.17 13.24 21.33
C ILE B 34 -33.69 11.81 21.49
N SER B 35 -32.57 11.47 20.84
CA SER B 35 -32.10 10.10 20.84
C SER B 35 -31.47 9.66 22.16
N GLY B 36 -31.40 10.55 23.15
CA GLY B 36 -30.98 10.15 24.47
C GLY B 36 -29.51 10.28 24.79
N HIS B 37 -28.76 11.01 23.97
CA HIS B 37 -27.38 11.31 24.34
C HIS B 37 -27.35 12.28 25.51
N TRP B 38 -26.19 12.36 26.16
CA TRP B 38 -26.02 13.32 27.22
C TRP B 38 -26.06 14.74 26.66
N PRO B 39 -26.91 15.61 27.20
CA PRO B 39 -27.11 16.93 26.60
C PRO B 39 -25.94 17.85 26.89
N PHE B 40 -25.56 18.64 25.89
CA PHE B 40 -24.53 19.67 26.01
C PHE B 40 -25.12 21.00 25.56
N ARG B 41 -24.34 22.06 25.73
CA ARG B 41 -24.80 23.42 25.45
C ARG B 41 -24.86 23.62 23.95
N LEU B 42 -26.02 24.03 23.46
CA LEU B 42 -26.18 24.43 22.07
C LEU B 42 -25.77 25.89 21.91
N PRO B 43 -25.49 26.35 20.69
CA PRO B 43 -25.17 27.78 20.51
C PRO B 43 -26.31 28.72 20.89
N HIS B 44 -27.56 28.32 20.67
CA HIS B 44 -28.70 29.14 21.06
C HIS B 44 -29.21 28.79 22.45
N GLU B 45 -28.30 28.76 23.43
CA GLU B 45 -28.62 28.36 24.80
C GLU B 45 -27.88 29.30 25.75
N LYS B 46 -28.60 30.29 26.27
CA LYS B 46 -28.01 31.32 27.13
C LYS B 46 -28.65 31.35 28.52
N ARG B 47 -29.25 30.24 28.95
CA ARG B 47 -29.85 30.15 30.28
C ARG B 47 -29.45 28.88 31.02
N ASN B 48 -28.41 28.18 30.53
CA ASN B 48 -27.90 26.95 31.13
C ASN B 48 -28.99 25.88 31.22
N GLN B 49 -29.74 25.73 30.13
CA GLN B 49 -30.80 24.71 30.09
C GLN B 49 -30.26 23.32 29.75
N HIS B 50 -29.00 23.22 29.33
CA HIS B 50 -28.42 21.93 28.99
C HIS B 50 -28.10 21.08 30.22
N LYS B 51 -28.22 21.65 31.42
CA LYS B 51 -28.10 20.89 32.66
C LYS B 51 -29.44 20.72 33.35
N SER B 52 -30.54 20.78 32.62
CA SER B 52 -31.86 20.68 33.24
C SER B 52 -32.13 19.26 33.71
N LYS B 53 -33.08 19.14 34.65
CA LYS B 53 -33.36 17.86 35.28
C LYS B 53 -34.03 16.90 34.31
N PHE B 54 -34.98 17.42 33.51
CA PHE B 54 -35.78 16.60 32.60
C PHE B 54 -34.89 15.91 31.57
N ARG B 55 -33.97 16.67 30.96
CA ARG B 55 -33.11 16.12 29.92
C ARG B 55 -32.15 15.09 30.48
N GLN B 56 -31.63 15.33 31.68
CA GLN B 56 -30.70 14.39 32.31
C GLN B 56 -31.39 13.09 32.68
N VAL B 57 -32.61 13.20 33.23
CA VAL B 57 -33.38 12.01 33.60
C VAL B 57 -33.70 11.19 32.35
N TYR B 58 -34.14 11.86 31.28
CA TYR B 58 -34.43 11.17 30.02
C TYR B 58 -33.20 10.48 29.46
N SER B 59 -32.05 11.17 29.47
CA SER B 59 -30.81 10.60 28.98
C SER B 59 -30.44 9.33 29.74
N CYS B 60 -30.42 9.42 31.08
CA CYS B 60 -30.01 8.26 31.87
C CYS B 60 -30.98 7.10 31.70
N LEU B 61 -32.28 7.38 31.60
CA LEU B 61 -33.27 6.31 31.41
C LEU B 61 -33.04 5.58 30.09
N VAL B 62 -32.86 6.33 29.00
CA VAL B 62 -32.72 5.69 27.70
C VAL B 62 -31.40 4.93 27.62
N ILE B 63 -30.32 5.46 28.23
CA ILE B 63 -29.04 4.78 28.08
C ILE B 63 -29.00 3.53 28.95
N THR B 64 -29.67 3.53 30.11
CA THR B 64 -29.64 2.31 30.91
C THR B 64 -30.56 1.26 30.31
N LEU B 65 -31.62 1.67 29.61
CA LEU B 65 -32.43 0.71 28.89
C LEU B 65 -31.65 0.09 27.73
N GLY B 66 -30.90 0.91 26.99
CA GLY B 66 -30.05 0.38 25.94
C GLY B 66 -28.98 -0.56 26.46
N PHE B 67 -28.36 -0.20 27.59
CA PHE B 67 -27.36 -1.04 28.23
C PHE B 67 -27.91 -2.37 28.71
N ILE B 68 -29.12 -2.41 29.26
CA ILE B 68 -29.64 -3.70 29.72
C ILE B 68 -30.09 -4.56 28.53
N THR B 69 -30.61 -3.93 27.47
CA THR B 69 -31.02 -4.72 26.31
C THR B 69 -29.82 -5.31 25.58
N CYS B 70 -28.76 -4.52 25.41
CA CYS B 70 -27.55 -5.04 24.76
C CYS B 70 -26.92 -6.16 25.56
N SER B 71 -26.93 -6.04 26.90
CA SER B 71 -26.38 -7.11 27.72
C SER B 71 -27.25 -8.36 27.66
N CYS B 72 -28.58 -8.18 27.55
CA CYS B 72 -29.46 -9.32 27.40
C CYS B 72 -29.19 -10.06 26.09
N TYR B 73 -28.99 -9.32 25.00
CA TYR B 73 -28.67 -9.97 23.74
C TYR B 73 -27.29 -10.61 23.75
N CYS B 74 -26.33 -10.02 24.48
CA CYS B 74 -25.00 -10.58 24.55
C CYS B 74 -24.98 -11.87 25.37
N ILE B 75 -25.75 -11.93 26.45
CA ILE B 75 -25.83 -13.16 27.21
C ILE B 75 -26.66 -14.20 26.47
N GLY B 76 -27.62 -13.76 25.65
CA GLY B 76 -28.27 -14.70 24.74
C GLY B 76 -27.31 -15.28 23.72
N LEU B 77 -26.33 -14.48 23.29
CA LEU B 77 -25.28 -15.00 22.42
C LEU B 77 -24.38 -16.00 23.15
N CYS B 78 -23.99 -15.65 24.38
CA CYS B 78 -23.08 -16.53 25.13
C CYS B 78 -23.76 -17.83 25.52
N LEU B 79 -25.09 -17.80 25.67
CA LEU B 79 -25.89 -19.03 25.74
C LEU B 79 -26.13 -19.51 24.30
N SER B 80 -25.07 -20.07 23.71
CA SER B 80 -25.12 -20.48 22.32
C SER B 80 -26.02 -21.70 22.16
N GLU B 81 -27.17 -21.48 21.54
CA GLU B 81 -28.12 -22.58 21.30
C GLU B 81 -27.53 -23.58 20.32
N SER B 82 -27.09 -23.11 19.16
CA SER B 82 -26.36 -23.92 18.20
C SER B 82 -25.56 -22.96 17.33
N ILE B 83 -24.68 -23.52 16.51
CA ILE B 83 -23.88 -22.71 15.61
C ILE B 83 -24.75 -22.11 14.50
N ALA B 84 -25.73 -22.88 14.01
CA ALA B 84 -26.53 -22.45 12.85
C ALA B 84 -27.37 -21.22 13.17
N GLN B 85 -27.89 -21.13 14.39
CA GLN B 85 -28.61 -19.94 14.82
C GLN B 85 -27.68 -18.87 15.37
N ALA B 86 -26.42 -19.22 15.65
CA ALA B 86 -25.50 -18.29 16.30
C ALA B 86 -25.22 -17.08 15.42
N LEU B 87 -24.95 -17.32 14.14
CA LEU B 87 -24.80 -16.20 13.20
C LEU B 87 -26.11 -15.42 13.09
N ASN B 88 -27.24 -16.13 13.20
CA ASN B 88 -28.55 -15.49 13.22
C ASN B 88 -28.68 -14.52 14.39
N ASN B 89 -27.92 -14.75 15.46
CA ASN B 89 -27.90 -13.80 16.55
C ASN B 89 -27.02 -12.60 16.22
N ILE B 90 -25.85 -12.87 15.62
CA ILE B 90 -24.69 -11.96 15.62
C ILE B 90 -25.10 -10.56 15.19
N THR B 91 -25.67 -10.46 13.99
CA THR B 91 -26.05 -9.20 13.37
C THR B 91 -26.83 -8.27 14.30
N VAL B 92 -27.85 -8.81 14.99
CA VAL B 92 -28.65 -7.97 15.85
C VAL B 92 -27.81 -7.42 16.99
N THR B 93 -27.10 -8.32 17.69
CA THR B 93 -26.18 -7.89 18.73
C THR B 93 -25.14 -6.94 18.17
N SER B 94 -24.68 -7.22 16.93
CA SER B 94 -23.75 -6.36 16.23
C SER B 94 -24.22 -4.92 16.24
N TYR B 95 -25.43 -4.67 15.76
CA TYR B 95 -25.93 -3.31 15.68
C TYR B 95 -26.05 -2.70 17.07
N PHE B 96 -26.53 -3.51 18.03
CA PHE B 96 -26.73 -3.02 19.38
C PHE B 96 -25.40 -2.61 19.98
N LEU B 97 -24.34 -3.36 19.66
CA LEU B 97 -23.02 -3.07 20.18
C LEU B 97 -22.59 -1.67 19.80
N GLN B 98 -22.85 -1.28 18.54
CA GLN B 98 -22.48 0.05 18.06
C GLN B 98 -23.12 1.12 18.93
N SER B 99 -24.42 0.96 19.21
CA SER B 99 -25.16 1.92 20.02
C SER B 99 -24.48 2.12 21.36
N CYS B 100 -24.12 0.99 22.00
CA CYS B 100 -23.46 1.03 23.29
C CYS B 100 -22.23 1.92 23.25
N VAL B 101 -21.34 1.65 22.28
CA VAL B 101 -20.09 2.41 22.20
C VAL B 101 -20.37 3.88 22.00
N CYS B 102 -21.34 4.19 21.11
CA CYS B 102 -21.62 5.57 20.76
C CYS B 102 -22.04 6.35 21.99
N TYR B 103 -22.85 5.71 22.85
CA TYR B 103 -23.34 6.38 24.05
C TYR B 103 -22.18 6.86 24.90
N VAL B 104 -21.24 5.96 25.20
CA VAL B 104 -20.19 6.32 26.15
C VAL B 104 -19.28 7.38 25.55
N SER B 105 -19.16 7.38 24.21
CA SER B 105 -18.27 8.35 23.58
C SER B 105 -18.81 9.76 23.77
N PHE B 106 -20.12 9.91 23.64
CA PHE B 106 -20.70 11.25 23.73
C PHE B 106 -20.72 11.72 25.18
N ILE B 107 -20.48 10.83 26.13
CA ILE B 107 -20.41 11.26 27.52
C ILE B 107 -18.96 11.48 27.93
N ILE B 108 -18.02 10.90 27.17
CA ILE B 108 -16.62 11.05 27.55
C ILE B 108 -16.10 12.42 27.10
N ASN B 109 -16.52 12.87 25.92
CA ASN B 109 -16.01 14.09 25.31
C ASN B 109 -17.11 15.14 25.12
N SER B 110 -17.95 15.33 26.13
CA SER B 110 -19.11 16.22 26.01
C SER B 110 -18.75 17.72 26.01
N ARG B 111 -17.49 18.12 25.96
CA ARG B 111 -17.11 19.52 25.79
C ARG B 111 -16.58 19.83 24.41
N LYS B 112 -15.85 18.87 23.82
CA LYS B 112 -15.39 19.03 22.44
C LYS B 112 -16.55 19.11 21.47
N LEU B 113 -17.69 18.50 21.81
CA LEU B 113 -18.88 18.62 20.98
C LEU B 113 -19.44 20.03 21.01
N GLU B 114 -19.43 20.65 22.20
CA GLU B 114 -19.79 22.05 22.31
C GLU B 114 -18.86 22.93 21.48
N THR B 115 -17.56 22.61 21.51
CA THR B 115 -16.60 23.35 20.70
C THR B 115 -16.86 23.20 19.21
N LEU B 116 -17.19 21.98 18.78
CA LEU B 116 -17.47 21.72 17.37
C LEU B 116 -18.73 22.45 16.91
N PHE B 117 -19.77 22.44 17.74
CA PHE B 117 -20.98 23.17 17.37
C PHE B 117 -20.75 24.67 17.36
N ASN B 118 -19.91 25.17 18.26
CA ASN B 118 -19.60 26.59 18.27
C ASN B 118 -18.82 26.98 17.03
N TYR B 119 -17.94 26.10 16.55
CA TYR B 119 -17.29 26.34 15.26
C TYR B 119 -18.32 26.31 14.13
N LEU B 120 -19.20 25.32 14.13
CA LEU B 120 -20.11 25.09 13.02
C LEU B 120 -21.19 26.15 12.92
N PHE B 121 -21.46 26.87 14.01
CA PHE B 121 -22.42 27.97 13.96
C PHE B 121 -21.92 29.19 13.22
N GLU B 122 -20.65 29.60 13.39
CA GLU B 122 -20.10 30.74 12.65
C GLU B 122 -18.75 30.31 12.07
N ASN B 123 -18.65 30.35 10.74
CA ASN B 123 -17.47 29.89 10.04
C ASN B 123 -17.14 30.80 8.86
N GLU B 124 -17.50 32.08 8.95
CA GLU B 124 -17.34 32.98 7.83
C GLU B 124 -15.87 33.31 7.59
N VAL B 125 -15.33 32.78 6.50
CA VAL B 125 -13.98 33.15 6.08
C VAL B 125 -14.04 34.50 5.37
N VAL B 126 -13.14 35.38 5.75
CA VAL B 126 -13.18 36.78 5.33
C VAL B 126 -12.38 36.92 4.04
N GLY B 127 -12.95 37.62 3.05
CA GLY B 127 -12.27 37.95 1.82
C GLY B 127 -12.80 37.24 0.60
N CYS B 128 -13.52 36.14 0.77
CA CYS B 128 -14.02 35.41 -0.37
C CYS B 128 -15.11 36.21 -1.09
N PRO B 129 -15.23 36.08 -2.41
CA PRO B 129 -16.27 36.83 -3.13
C PRO B 129 -17.66 36.33 -2.78
N ARG B 130 -18.63 37.25 -2.86
CA ARG B 130 -19.99 36.96 -2.39
C ARG B 130 -20.70 35.98 -3.32
N GLY B 131 -20.43 36.06 -4.62
CA GLY B 131 -21.04 35.19 -5.60
C GLY B 131 -20.72 33.73 -5.37
N TYR B 132 -19.54 33.47 -4.80
CA TYR B 132 -19.20 32.14 -4.34
C TYR B 132 -19.87 31.79 -3.01
N LYS B 133 -20.05 32.79 -2.13
CA LYS B 133 -20.56 32.51 -0.79
C LYS B 133 -22.02 32.08 -0.83
N MET B 134 -22.84 32.77 -1.64
CA MET B 134 -24.26 32.41 -1.71
C MET B 134 -24.45 31.03 -2.34
N SER B 135 -23.71 30.74 -3.41
CA SER B 135 -23.75 29.40 -4.02
C SER B 135 -23.27 28.34 -3.04
N SER B 136 -22.29 28.70 -2.20
CA SER B 136 -21.82 27.78 -1.17
C SER B 136 -22.92 27.46 -0.17
N ILE B 137 -23.65 28.49 0.28
CA ILE B 137 -24.77 28.28 1.21
C ILE B 137 -25.83 27.39 0.57
N LYS B 138 -26.13 27.64 -0.71
CA LYS B 138 -27.14 26.85 -1.42
C LYS B 138 -26.73 25.39 -1.53
N THR B 139 -25.49 25.14 -1.94
CA THR B 139 -25.02 23.77 -2.14
C THR B 139 -24.94 23.01 -0.81
N THR B 140 -24.49 23.68 0.24
CA THR B 140 -24.42 23.04 1.56
C THR B 140 -25.82 22.67 2.06
N LEU B 141 -26.78 23.59 1.92
CA LEU B 141 -28.15 23.32 2.34
C LEU B 141 -28.72 22.12 1.58
N PHE B 142 -28.51 22.10 0.26
CA PHE B 142 -29.02 21.00 -0.56
C PHE B 142 -28.43 19.66 -0.13
N ARG B 143 -27.11 19.59 0.02
CA ARG B 143 -26.48 18.32 0.31
C ARG B 143 -26.79 17.82 1.72
N CYS B 144 -26.85 18.74 2.70
CA CYS B 144 -27.13 18.29 4.06
C CYS B 144 -28.58 17.84 4.20
N LYS B 145 -29.52 18.55 3.53
CA LYS B 145 -30.90 18.09 3.49
C LYS B 145 -31.00 16.70 2.88
N PHE B 146 -30.29 16.48 1.77
CA PHE B 146 -30.31 15.18 1.10
C PHE B 146 -29.84 14.06 2.02
N VAL B 147 -28.66 14.24 2.64
CA VAL B 147 -28.09 13.15 3.43
C VAL B 147 -28.92 12.90 4.68
N ALA B 148 -29.45 13.97 5.30
CA ALA B 148 -30.22 13.80 6.52
C ALA B 148 -31.53 13.08 6.25
N PHE B 149 -32.26 13.50 5.21
CA PHE B 149 -33.53 12.86 4.89
C PHE B 149 -33.33 11.41 4.46
N SER B 150 -32.27 11.15 3.68
CA SER B 150 -32.00 9.80 3.22
C SER B 150 -31.73 8.86 4.40
N LEU B 151 -30.84 9.25 5.30
CA LEU B 151 -30.50 8.36 6.41
C LEU B 151 -31.67 8.20 7.37
N GLY B 152 -32.44 9.27 7.59
CA GLY B 152 -33.60 9.16 8.47
C GLY B 152 -34.66 8.23 7.94
N ILE B 153 -34.99 8.35 6.65
CA ILE B 153 -35.99 7.48 6.04
C ILE B 153 -35.52 6.03 6.05
N LEU B 154 -34.23 5.81 5.76
CA LEU B 154 -33.70 4.45 5.75
C LEU B 154 -33.75 3.83 7.14
N SER B 155 -33.44 4.61 8.18
CA SER B 155 -33.45 4.08 9.54
C SER B 155 -34.88 3.77 10.00
N PHE B 156 -35.83 4.66 9.67
CA PHE B 156 -37.22 4.40 10.04
C PHE B 156 -37.76 3.15 9.36
N PHE B 157 -37.48 2.99 8.07
CA PHE B 157 -37.93 1.79 7.37
C PHE B 157 -37.23 0.55 7.90
N GLY B 158 -35.97 0.68 8.30
CA GLY B 158 -35.26 -0.44 8.90
C GLY B 158 -35.91 -0.92 10.17
N TRP B 159 -36.23 0.01 11.08
CA TRP B 159 -36.96 -0.38 12.29
C TRP B 159 -38.31 -0.99 11.96
N LEU B 160 -39.05 -0.35 11.05
CA LEU B 160 -40.40 -0.81 10.72
C LEU B 160 -40.39 -2.24 10.21
N MET B 161 -39.51 -2.55 9.26
CA MET B 161 -39.45 -3.90 8.73
C MET B 161 -38.91 -4.87 9.76
N TRP B 162 -37.97 -4.43 10.61
CA TRP B 162 -37.36 -5.38 11.53
C TRP B 162 -38.21 -5.64 12.75
N THR B 163 -39.26 -4.85 12.97
CA THR B 163 -40.08 -5.03 14.18
C THR B 163 -41.55 -5.30 13.89
N LEU B 164 -42.18 -4.55 12.98
CA LEU B 164 -43.63 -4.52 12.90
C LEU B 164 -44.22 -5.74 12.21
N LEU B 165 -43.61 -6.15 11.08
CA LEU B 165 -44.18 -7.14 10.18
C LEU B 165 -44.51 -8.50 10.82
N PRO B 166 -43.62 -9.15 11.60
CA PRO B 166 -44.00 -10.47 12.14
C PRO B 166 -45.10 -10.39 13.18
N LEU B 167 -45.26 -9.24 13.84
CA LEU B 167 -46.46 -9.00 14.62
C LEU B 167 -47.70 -9.00 13.73
N ALA B 168 -47.59 -8.37 12.56
CA ALA B 168 -48.73 -8.26 11.66
C ALA B 168 -49.08 -9.61 11.04
N VAL B 169 -48.11 -10.53 10.98
CA VAL B 169 -48.41 -11.89 10.54
C VAL B 169 -49.37 -12.56 11.52
N LEU B 170 -49.28 -12.20 12.81
CA LEU B 170 -50.18 -12.80 13.80
C LEU B 170 -51.52 -12.10 13.84
N VAL B 171 -51.53 -10.78 13.97
CA VAL B 171 -52.78 -10.04 14.07
C VAL B 171 -53.30 -9.68 12.69
N GLN B 182 -49.33 -14.81 22.54
CA GLN B 182 -48.06 -14.95 21.84
C GLN B 182 -47.91 -13.83 20.80
N THR B 183 -46.66 -13.46 20.50
CA THR B 183 -46.37 -12.61 19.35
C THR B 183 -45.32 -13.18 18.42
N SER B 184 -44.31 -13.88 18.95
CA SER B 184 -43.32 -14.68 18.20
C SER B 184 -42.71 -13.91 17.02
N LEU B 185 -42.37 -12.65 17.29
CA LEU B 185 -41.93 -11.73 16.23
C LEU B 185 -40.44 -11.51 16.21
N ARG B 186 -39.71 -11.94 17.24
CA ARG B 186 -38.29 -11.64 17.32
C ARG B 186 -37.54 -12.40 16.24
N PHE B 187 -36.74 -11.68 15.45
CA PHE B 187 -36.04 -12.29 14.34
C PHE B 187 -34.96 -13.24 14.84
N VAL B 188 -34.46 -13.02 16.05
CA VAL B 188 -33.68 -14.00 16.78
C VAL B 188 -34.07 -13.88 18.24
N GLU B 189 -34.10 -15.03 18.92
CA GLU B 189 -34.52 -15.04 20.31
C GLU B 189 -33.44 -14.44 21.21
N ALA B 190 -33.87 -13.84 22.31
CA ALA B 190 -32.98 -13.11 23.20
C ALA B 190 -33.17 -13.58 24.63
N TRP B 191 -32.09 -13.57 25.39
CA TRP B 191 -32.14 -14.04 26.77
C TRP B 191 -32.90 -13.06 27.64
N TYR B 192 -33.73 -13.58 28.53
CA TYR B 192 -34.55 -12.78 29.43
C TYR B 192 -34.72 -13.53 30.74
N PRO B 193 -34.98 -12.82 31.84
CA PRO B 193 -35.25 -13.52 33.10
C PRO B 193 -36.49 -14.40 33.04
N PHE B 194 -37.60 -13.85 32.61
CA PHE B 194 -38.77 -14.67 32.34
C PHE B 194 -38.57 -15.42 31.02
N ASP B 195 -39.33 -16.50 30.85
CA ASP B 195 -39.02 -17.46 29.80
C ASP B 195 -39.43 -16.94 28.41
N THR B 196 -40.33 -15.96 28.36
CA THR B 196 -40.94 -15.35 27.18
C THR B 196 -41.72 -16.37 26.35
N THR B 197 -42.01 -17.55 26.89
CA THR B 197 -42.66 -18.59 26.10
C THR B 197 -44.17 -18.44 26.12
N THR B 198 -44.74 -18.10 27.28
CA THR B 198 -46.18 -18.03 27.42
C THR B 198 -46.75 -16.81 26.71
N SER B 199 -48.06 -16.82 26.51
CA SER B 199 -48.73 -15.77 25.73
C SER B 199 -48.66 -14.37 26.33
N PRO B 200 -48.79 -14.14 27.68
CA PRO B 200 -48.61 -12.76 28.17
C PRO B 200 -47.19 -12.25 28.01
N MET B 201 -46.20 -13.08 28.35
CA MET B 201 -44.80 -12.68 28.36
C MET B 201 -44.26 -12.31 26.99
N ASN B 202 -44.64 -13.05 25.95
CA ASN B 202 -44.19 -12.76 24.58
C ASN B 202 -44.61 -11.36 24.17
N GLU B 203 -45.84 -10.97 24.50
CA GLU B 203 -46.35 -9.65 24.14
C GLU B 203 -45.59 -8.54 24.86
N VAL B 204 -45.32 -8.74 26.16
CA VAL B 204 -44.64 -7.73 26.95
C VAL B 204 -43.21 -7.53 26.46
N ILE B 205 -42.51 -8.64 26.22
CA ILE B 205 -41.16 -8.54 25.68
C ILE B 205 -41.17 -7.99 24.27
N ALA B 206 -42.26 -8.21 23.52
CA ALA B 206 -42.37 -7.66 22.17
C ALA B 206 -42.43 -6.15 22.20
N ILE B 207 -43.30 -5.59 23.04
CA ILE B 207 -43.42 -4.12 23.10
C ILE B 207 -42.15 -3.51 23.69
N TYR B 208 -41.53 -4.19 24.67
CA TYR B 208 -40.30 -3.71 25.27
C TYR B 208 -39.18 -3.66 24.24
N GLU B 209 -39.02 -4.73 23.47
CA GLU B 209 -37.99 -4.78 22.44
C GLU B 209 -38.28 -3.78 21.33
N ALA B 210 -39.56 -3.52 21.06
CA ALA B 210 -39.91 -2.55 20.01
C ALA B 210 -39.46 -1.15 20.37
N VAL B 211 -39.85 -0.66 21.56
CA VAL B 211 -39.44 0.69 21.95
C VAL B 211 -37.93 0.75 22.16
N ALA B 212 -37.34 -0.35 22.64
CA ALA B 212 -35.90 -0.41 22.82
C ALA B 212 -35.17 -0.26 21.51
N MET B 213 -35.54 -1.05 20.50
CA MET B 213 -34.85 -1.00 19.22
C MET B 213 -35.09 0.32 18.51
N ILE B 214 -36.24 0.96 18.74
CA ILE B 214 -36.44 2.31 18.24
C ILE B 214 -35.35 3.24 18.80
N PHE B 215 -35.21 3.26 20.13
CA PHE B 215 -34.29 4.22 20.73
C PHE B 215 -32.83 3.81 20.51
N LEU B 216 -32.59 2.55 20.14
CA LEU B 216 -31.23 2.15 19.81
C LEU B 216 -30.88 2.51 18.38
N ILE B 217 -31.80 2.30 17.43
CA ILE B 217 -31.52 2.61 16.03
C ILE B 217 -31.36 4.11 15.82
N THR B 218 -32.10 4.92 16.59
CA THR B 218 -31.96 6.36 16.35
C THR B 218 -30.62 6.96 16.81
N ALA B 219 -29.78 6.23 17.54
CA ALA B 219 -28.54 6.85 17.99
C ALA B 219 -27.42 6.91 16.94
N PRO B 220 -27.00 5.80 16.30
CA PRO B 220 -25.90 5.91 15.34
C PRO B 220 -26.27 6.68 14.10
N MET B 221 -27.56 6.66 13.73
CA MET B 221 -28.04 7.53 12.66
C MET B 221 -27.80 9.00 12.99
N SER B 222 -28.07 9.39 14.23
CA SER B 222 -27.89 10.78 14.64
C SER B 222 -26.41 11.16 14.65
N SER B 223 -25.55 10.28 15.19
CA SER B 223 -24.12 10.56 15.20
C SER B 223 -23.57 10.65 13.78
N ASP B 224 -24.07 9.77 12.90
CA ASP B 224 -23.64 9.79 11.50
C ASP B 224 -24.07 11.08 10.81
N ILE B 225 -25.29 11.54 11.10
CA ILE B 225 -25.80 12.77 10.50
C ILE B 225 -24.96 13.96 10.94
N MET B 226 -24.62 14.03 12.23
CA MET B 226 -23.77 15.11 12.71
C MET B 226 -22.38 15.08 12.09
N PHE B 227 -21.80 13.89 11.96
CA PHE B 227 -20.50 13.77 11.29
C PHE B 227 -20.56 14.23 9.85
N CYS B 228 -21.65 13.87 9.15
CA CYS B 228 -21.78 14.26 7.74
C CYS B 228 -21.95 15.76 7.60
N VAL B 229 -22.69 16.38 8.52
CA VAL B 229 -22.84 17.84 8.52
C VAL B 229 -21.50 18.52 8.72
N LEU B 230 -20.71 18.00 9.67
CA LEU B 230 -19.38 18.56 9.93
C LEU B 230 -18.48 18.44 8.70
N MET B 231 -18.50 17.28 8.04
CA MET B 231 -17.67 17.07 6.86
C MET B 231 -18.08 18.00 5.73
N ILE B 232 -19.38 18.17 5.51
CA ILE B 232 -19.85 19.06 4.44
C ILE B 232 -19.41 20.49 4.70
N PHE B 233 -19.56 20.95 5.96
CA PHE B 233 -19.19 22.32 6.29
C PHE B 233 -17.69 22.53 6.14
N ILE B 234 -16.88 21.55 6.52
CA ILE B 234 -15.43 21.68 6.41
C ILE B 234 -15.01 21.70 4.94
N VAL B 235 -15.65 20.89 4.10
CA VAL B 235 -15.34 20.88 2.67
C VAL B 235 -15.64 22.24 2.04
N GLU B 236 -16.81 22.80 2.37
CA GLU B 236 -17.17 24.08 1.77
C GLU B 236 -16.28 25.20 2.28
N HIS B 237 -15.86 25.11 3.55
CA HIS B 237 -14.94 26.09 4.08
C HIS B 237 -13.59 26.02 3.38
N LEU B 238 -13.14 24.80 3.05
CA LEU B 238 -11.90 24.66 2.29
C LEU B 238 -12.00 25.28 0.90
N LYS B 239 -13.12 25.05 0.21
CA LYS B 239 -13.28 25.63 -1.12
C LYS B 239 -13.32 27.16 -1.06
N CYS B 240 -14.00 27.70 -0.06
CA CYS B 240 -14.03 29.15 0.12
C CYS B 240 -12.65 29.70 0.48
N LEU B 241 -11.84 28.92 1.22
CA LEU B 241 -10.49 29.34 1.53
C LEU B 241 -9.63 29.41 0.27
N GLY B 242 -9.79 28.44 -0.62
CA GLY B 242 -9.07 28.49 -1.89
C GLY B 242 -9.47 29.68 -2.73
N MET B 243 -10.78 29.98 -2.76
CA MET B 243 -11.24 31.17 -3.46
C MET B 243 -10.66 32.45 -2.86
N ALA B 244 -10.56 32.50 -1.54
CA ALA B 244 -9.99 33.67 -0.89
C ALA B 244 -8.50 33.81 -1.20
N ILE B 245 -7.80 32.67 -1.31
CA ILE B 245 -6.37 32.70 -1.64
C ILE B 245 -6.17 33.26 -3.04
N GLU B 246 -6.94 32.78 -4.02
CA GLU B 246 -6.77 33.28 -5.37
C GLU B 246 -7.21 34.75 -5.47
N CYS B 247 -8.19 35.14 -4.65
CA CYS B 247 -8.62 36.54 -4.64
C CYS B 247 -7.53 37.46 -4.10
N THR B 248 -6.89 37.08 -3.00
CA THR B 248 -5.85 37.96 -2.46
C THR B 248 -4.56 37.88 -3.25
N LEU B 249 -4.36 36.82 -4.03
CA LEU B 249 -3.23 36.83 -4.96
C LEU B 249 -3.49 37.69 -6.18
N LYS B 250 -4.74 37.72 -6.67
CA LYS B 250 -5.04 38.53 -7.84
C LYS B 250 -5.00 40.01 -7.55
N GLY B 251 -5.21 40.40 -6.29
CA GLY B 251 -5.19 41.80 -5.92
C GLY B 251 -3.83 42.45 -6.01
N ASP B 321 -2.21 43.72 2.22
CA ASP B 321 -1.16 42.83 1.75
C ASP B 321 -0.83 41.74 2.77
N ALA B 322 -0.55 42.17 4.00
CA ALA B 322 -0.26 41.21 5.06
C ALA B 322 -1.53 40.64 5.67
N THR B 323 -2.55 41.49 5.82
CA THR B 323 -3.70 41.17 6.66
C THR B 323 -4.51 39.99 6.12
N SER B 324 -4.73 39.96 4.80
CA SER B 324 -5.47 38.87 4.18
C SER B 324 -4.76 37.54 4.39
N LEU B 325 -3.43 37.55 4.33
CA LEU B 325 -2.68 36.32 4.53
C LEU B 325 -2.80 35.83 5.97
N CYS B 326 -2.79 36.75 6.94
CA CYS B 326 -2.98 36.36 8.34
C CYS B 326 -4.36 35.75 8.54
N ASN B 327 -5.39 36.36 7.95
CA ASN B 327 -6.74 35.82 8.10
C ASN B 327 -6.85 34.44 7.47
N ILE B 328 -6.21 34.25 6.31
CA ILE B 328 -6.26 32.97 5.61
C ILE B 328 -5.55 31.88 6.42
N VAL B 329 -4.39 32.22 6.98
CA VAL B 329 -3.63 31.26 7.77
C VAL B 329 -4.39 30.89 9.04
N ASP B 330 -5.04 31.87 9.68
CA ASP B 330 -5.85 31.59 10.86
C ASP B 330 -7.01 30.67 10.54
N SER B 331 -7.69 30.92 9.40
CA SER B 331 -8.78 30.04 9.01
C SER B 331 -8.29 28.62 8.72
N HIS B 332 -7.11 28.49 8.11
CA HIS B 332 -6.58 27.17 7.80
C HIS B 332 -6.23 26.41 9.06
N VAL B 333 -5.60 27.07 10.03
CA VAL B 333 -5.23 26.37 11.26
C VAL B 333 -6.47 26.05 12.09
N LYS B 334 -7.52 26.86 11.95
CA LYS B 334 -8.79 26.54 12.60
C LYS B 334 -9.42 25.29 11.99
N ILE B 335 -9.33 25.17 10.66
CA ILE B 335 -9.76 23.94 9.97
C ILE B 335 -9.01 22.74 10.52
N TYR B 336 -7.70 22.87 10.68
CA TYR B 336 -6.89 21.74 11.13
C TYR B 336 -7.24 21.33 12.55
N ARG B 337 -7.44 22.31 13.45
CA ARG B 337 -7.80 21.98 14.82
C ARG B 337 -9.17 21.34 14.90
N THR B 338 -10.12 21.82 14.09
CA THR B 338 -11.45 21.20 14.06
C THR B 338 -11.38 19.76 13.57
N MET B 339 -10.59 19.50 12.53
CA MET B 339 -10.43 18.13 12.05
C MET B 339 -9.74 17.25 13.08
N GLU B 340 -8.83 17.83 13.87
CA GLU B 340 -8.18 17.07 14.93
C GLU B 340 -9.20 16.67 16.01
N ILE B 341 -10.10 17.58 16.35
CA ILE B 341 -11.12 17.27 17.35
C ILE B 341 -12.06 16.17 16.84
N VAL B 342 -12.47 16.27 15.58
CA VAL B 342 -13.35 15.25 14.99
C VAL B 342 -12.65 13.90 14.94
N GLN B 343 -11.35 13.90 14.65
CA GLN B 343 -10.59 12.66 14.71
C GLN B 343 -10.53 12.10 16.13
N SER B 344 -10.43 13.00 17.12
CA SER B 344 -10.30 12.56 18.50
C SER B 344 -11.57 11.89 19.01
N VAL B 345 -12.73 12.37 18.57
CA VAL B 345 -13.96 11.83 19.15
C VAL B 345 -14.44 10.55 18.45
N TYR B 346 -14.32 10.48 17.13
CA TYR B 346 -15.05 9.45 16.37
C TYR B 346 -14.31 8.13 16.16
N SER B 347 -13.10 8.00 16.71
CA SER B 347 -12.21 6.92 16.29
C SER B 347 -12.71 5.55 16.72
N SER B 348 -13.05 5.41 18.00
CA SER B 348 -13.53 4.13 18.51
C SER B 348 -14.82 3.71 17.85
N TYR B 349 -15.72 4.68 17.62
CA TYR B 349 -16.98 4.38 16.96
C TYR B 349 -16.76 3.90 15.54
N PHE B 350 -15.85 4.54 14.80
CA PHE B 350 -15.55 4.08 13.45
C PHE B 350 -14.96 2.68 13.43
N ALA B 351 -14.07 2.39 14.38
CA ALA B 351 -13.45 1.07 14.44
C ALA B 351 -14.49 -0.02 14.70
N THR B 352 -15.31 0.17 15.74
CA THR B 352 -16.30 -0.85 16.06
C THR B 352 -17.35 -0.95 14.97
N LEU B 353 -17.67 0.17 14.31
CA LEU B 353 -18.61 0.17 13.19
C LEU B 353 -18.13 -0.72 12.06
N PHE B 354 -16.90 -0.47 11.59
CA PHE B 354 -16.36 -1.23 10.47
C PHE B 354 -16.26 -2.71 10.80
N PHE B 355 -15.74 -3.03 11.98
CA PHE B 355 -15.53 -4.44 12.35
C PHE B 355 -16.86 -5.19 12.47
N THR B 356 -17.76 -4.72 13.34
CA THR B 356 -18.96 -5.49 13.57
C THR B 356 -19.90 -5.41 12.37
N SER B 357 -19.74 -4.39 11.52
CA SER B 357 -20.56 -4.30 10.33
C SER B 357 -20.16 -5.35 9.30
N CYS B 358 -18.86 -5.51 9.05
CA CYS B 358 -18.47 -6.52 8.08
C CYS B 358 -18.76 -7.92 8.61
N LEU B 359 -18.63 -8.12 9.93
CA LEU B 359 -18.99 -9.43 10.50
C LEU B 359 -20.49 -9.69 10.35
N ALA B 360 -21.32 -8.68 10.58
CA ALA B 360 -22.76 -8.86 10.45
C ALA B 360 -23.18 -9.11 9.01
N VAL B 361 -22.50 -8.46 8.06
CA VAL B 361 -22.82 -8.69 6.65
C VAL B 361 -22.43 -10.11 6.23
N CYS B 362 -21.29 -10.60 6.75
CA CYS B 362 -20.91 -11.98 6.46
C CYS B 362 -21.93 -12.97 7.00
N ALA B 363 -22.41 -12.74 8.24
CA ALA B 363 -23.45 -13.60 8.80
C ALA B 363 -24.74 -13.51 8.02
N LEU B 364 -25.09 -12.30 7.58
CA LEU B 364 -26.33 -12.07 6.85
C LEU B 364 -26.32 -12.80 5.52
N ALA B 365 -25.17 -12.78 4.83
CA ALA B 365 -25.02 -13.50 3.59
C ALA B 365 -25.07 -15.00 3.81
N TYR B 366 -24.45 -15.48 4.90
CA TYR B 366 -24.48 -16.91 5.22
C TYR B 366 -25.91 -17.39 5.45
N PHE B 367 -26.74 -16.55 6.06
CA PHE B 367 -28.10 -16.98 6.35
C PHE B 367 -29.01 -16.81 5.13
N LEU B 368 -28.74 -15.82 4.29
CA LEU B 368 -29.62 -15.55 3.16
C LEU B 368 -29.32 -16.48 1.99
N ALA B 369 -28.07 -16.96 1.88
CA ALA B 369 -27.64 -17.56 0.63
C ALA B 369 -28.26 -18.95 0.39
N ALA B 370 -27.96 -19.91 1.26
CA ALA B 370 -28.30 -21.30 0.98
C ALA B 370 -29.37 -21.87 1.91
N THR B 371 -29.74 -21.16 2.96
CA THR B 371 -30.70 -21.66 3.94
C THR B 371 -32.07 -21.05 3.63
N SER B 372 -33.19 -21.72 3.92
CA SER B 372 -34.51 -21.16 3.66
C SER B 372 -34.83 -20.02 4.61
N PHE B 375 -40.17 -16.37 3.05
CA PHE B 375 -40.51 -15.26 2.16
C PHE B 375 -40.55 -13.96 2.95
N THR B 376 -40.85 -14.06 4.25
CA THR B 376 -40.93 -12.87 5.08
C THR B 376 -39.53 -12.40 5.50
N ARG B 377 -38.58 -13.32 5.55
CA ARG B 377 -37.26 -13.01 6.09
C ARG B 377 -36.45 -12.15 5.13
N VAL B 378 -36.66 -12.33 3.82
CA VAL B 378 -35.78 -11.71 2.82
C VAL B 378 -35.92 -10.18 2.76
N PRO B 379 -37.13 -9.58 2.85
CA PRO B 379 -37.18 -8.10 2.94
C PRO B 379 -36.37 -7.50 4.08
N GLY B 380 -36.44 -8.09 5.27
CA GLY B 380 -35.70 -7.55 6.40
C GLY B 380 -34.20 -7.63 6.21
N MET B 381 -33.73 -8.75 5.69
CA MET B 381 -32.29 -8.93 5.54
C MET B 381 -31.74 -8.08 4.41
N VAL B 382 -32.49 -7.92 3.32
CA VAL B 382 -32.02 -7.06 2.23
C VAL B 382 -32.06 -5.60 2.67
N LEU B 383 -33.02 -5.22 3.52
CA LEU B 383 -33.08 -3.85 3.99
C LEU B 383 -31.94 -3.56 4.98
N TYR B 384 -31.60 -4.55 5.81
CA TYR B 384 -30.48 -4.35 6.72
C TYR B 384 -29.15 -4.30 5.96
N LEU B 385 -29.03 -5.10 4.91
CA LEU B 385 -27.83 -5.06 4.07
C LEU B 385 -27.68 -3.69 3.41
N MET B 386 -28.77 -3.15 2.88
CA MET B 386 -28.72 -1.81 2.30
C MET B 386 -28.43 -0.76 3.36
N TYR B 387 -28.96 -0.96 4.57
CA TYR B 387 -28.73 0.00 5.65
C TYR B 387 -27.27 0.01 6.07
N ILE B 388 -26.60 -1.13 6.02
CA ILE B 388 -25.17 -1.15 6.31
C ILE B 388 -24.40 -0.49 5.17
N PHE B 389 -24.67 -0.91 3.93
CA PHE B 389 -23.86 -0.49 2.80
C PHE B 389 -23.98 1.00 2.50
N LEU B 390 -25.18 1.55 2.53
CA LEU B 390 -25.36 2.96 2.22
C LEU B 390 -24.72 3.85 3.29
N ARG B 391 -24.80 3.41 4.55
CA ARG B 391 -24.18 4.17 5.63
C ARG B 391 -22.66 4.17 5.49
N ILE B 392 -22.08 3.00 5.21
CA ILE B 392 -20.63 2.90 5.05
C ILE B 392 -20.17 3.72 3.85
N PHE B 393 -20.95 3.69 2.77
CA PHE B 393 -20.58 4.41 1.56
C PHE B 393 -20.66 5.92 1.76
N LEU B 394 -21.70 6.39 2.46
CA LEU B 394 -21.80 7.81 2.76
C LEU B 394 -20.64 8.28 3.62
N LEU B 395 -20.27 7.49 4.63
CA LEU B 395 -19.16 7.85 5.49
C LEU B 395 -17.85 7.92 4.72
N CYS B 396 -17.59 6.92 3.88
CA CYS B 396 -16.34 6.91 3.12
C CYS B 396 -16.28 8.03 2.11
N LEU B 397 -17.41 8.36 1.48
CA LEU B 397 -17.43 9.43 0.48
C LEU B 397 -17.18 10.78 1.13
N LEU B 398 -17.92 11.10 2.19
CA LEU B 398 -17.72 12.38 2.84
C LEU B 398 -16.43 12.44 3.65
N ALA B 399 -15.76 11.29 3.86
CA ALA B 399 -14.42 11.34 4.43
C ALA B 399 -13.35 11.57 3.37
N THR B 400 -13.56 11.05 2.16
CA THR B 400 -12.56 11.25 1.11
C THR B 400 -12.66 12.64 0.50
N GLU B 401 -13.85 13.24 0.57
CA GLU B 401 -14.06 14.55 -0.04
C GLU B 401 -13.19 15.63 0.60
N VAL B 402 -13.01 15.57 1.93
CA VAL B 402 -12.24 16.62 2.60
C VAL B 402 -10.75 16.48 2.29
N ALA B 403 -10.25 15.25 2.19
CA ALA B 403 -8.85 15.06 1.82
C ALA B 403 -8.60 15.51 0.39
N GLU B 404 -9.55 15.24 -0.52
CA GLU B 404 -9.41 15.72 -1.89
C GLU B 404 -9.43 17.24 -1.94
N GLN B 405 -10.26 17.88 -1.11
CA GLN B 405 -10.29 19.34 -1.10
C GLN B 405 -9.02 19.91 -0.46
N GLY B 406 -8.39 19.19 0.46
CA GLY B 406 -7.12 19.66 1.00
C GLY B 406 -6.01 19.61 -0.03
N LEU B 407 -5.91 18.50 -0.76
CA LEU B 407 -4.90 18.43 -1.82
C LEU B 407 -5.24 19.38 -2.97
N ASN B 408 -6.51 19.75 -3.11
CA ASN B 408 -6.87 20.83 -4.01
C ASN B 408 -6.40 22.18 -3.47
N LEU B 409 -6.44 22.36 -2.15
CA LEU B 409 -5.95 23.59 -1.53
C LEU B 409 -4.43 23.72 -1.70
N CYS B 410 -3.75 22.58 -1.88
CA CYS B 410 -2.32 22.63 -2.17
C CYS B 410 -2.01 23.42 -3.44
N HIS B 411 -2.84 23.30 -4.47
CA HIS B 411 -2.63 24.03 -5.72
C HIS B 411 -3.36 25.36 -5.74
N ALA B 412 -3.13 26.19 -4.74
CA ALA B 412 -3.82 27.47 -4.64
C ALA B 412 -2.85 28.61 -4.87
N GLY B 413 -3.31 29.64 -5.58
CA GLY B 413 -2.52 30.82 -5.84
C GLY B 413 -1.30 30.56 -6.70
N TYR B 414 -1.33 29.51 -7.50
CA TYR B 414 -0.17 29.07 -8.29
C TYR B 414 -0.39 29.56 -9.71
N SER B 415 0.02 30.78 -9.99
CA SER B 415 -0.17 31.38 -11.30
C SER B 415 1.05 32.20 -11.66
N SER B 416 0.94 33.00 -12.72
CA SER B 416 2.04 33.87 -13.11
C SER B 416 2.24 35.01 -12.12
N LYS B 417 1.16 35.43 -11.45
CA LYS B 417 1.25 36.56 -10.52
C LYS B 417 2.13 36.22 -9.31
N LEU B 418 2.21 34.92 -8.97
CA LEU B 418 3.13 34.48 -7.94
C LEU B 418 4.58 34.80 -8.29
N VAL B 419 4.90 34.82 -9.58
CA VAL B 419 6.26 35.17 -10.02
C VAL B 419 6.48 36.67 -9.99
N LEU B 420 5.45 37.46 -9.76
CA LEU B 420 5.60 38.92 -9.73
C LEU B 420 5.31 39.49 -8.35
N ALA B 421 4.97 38.65 -7.37
CA ALA B 421 4.68 39.12 -6.03
C ALA B 421 5.98 39.42 -5.28
N SER B 422 5.81 39.91 -4.06
CA SER B 422 6.95 40.17 -3.19
C SER B 422 7.51 38.86 -2.64
N ASP B 423 8.64 38.97 -1.94
CA ASP B 423 9.20 37.81 -1.26
C ASP B 423 8.30 37.34 -0.12
N HIS B 424 7.54 38.26 0.46
CA HIS B 424 6.70 37.93 1.61
C HIS B 424 5.58 36.97 1.22
N VAL B 425 4.85 37.31 0.16
CA VAL B 425 3.81 36.42 -0.36
C VAL B 425 4.41 35.13 -0.86
N ARG B 426 5.58 35.22 -1.52
CA ARG B 426 6.25 34.05 -2.05
C ARG B 426 6.70 33.08 -0.97
N SER B 427 6.94 33.56 0.25
CA SER B 427 7.26 32.68 1.37
C SER B 427 6.02 32.17 2.08
N THR B 428 5.01 33.01 2.26
CA THR B 428 3.81 32.57 2.97
C THR B 428 3.03 31.56 2.16
N ILE B 429 2.97 31.74 0.83
CA ILE B 429 2.30 30.76 -0.02
C ILE B 429 3.03 29.42 0.02
N GLN B 430 4.37 29.47 0.05
CA GLN B 430 5.17 28.27 0.20
C GLN B 430 4.87 27.57 1.52
N ALA B 431 4.73 28.34 2.60
CA ALA B 431 4.41 27.76 3.90
C ALA B 431 3.03 27.11 3.89
N ILE B 432 2.05 27.78 3.27
CA ILE B 432 0.70 27.24 3.17
C ILE B 432 0.70 25.94 2.38
N ALA B 433 1.48 25.90 1.30
CA ALA B 433 1.54 24.69 0.47
C ALA B 433 2.17 23.53 1.21
N THR B 434 3.31 23.77 1.89
CA THR B 434 4.01 22.67 2.54
C THR B 434 3.27 22.23 3.80
N ARG B 435 2.39 23.07 4.33
CA ARG B 435 1.49 22.59 5.37
C ARG B 435 0.33 21.82 4.77
N ALA B 436 -0.11 22.21 3.57
CA ALA B 436 -1.26 21.56 2.95
C ALA B 436 -0.88 20.20 2.39
N GLN B 437 0.42 19.92 2.24
CA GLN B 437 0.84 18.60 1.78
C GLN B 437 0.54 17.52 2.80
N ILE B 438 0.35 17.88 4.06
CA ILE B 438 -0.06 16.88 5.05
C ILE B 438 -1.53 16.53 4.84
N PRO B 439 -1.88 15.26 4.67
CA PRO B 439 -3.28 14.91 4.42
C PRO B 439 -4.14 14.98 5.68
N LEU B 440 -5.26 15.67 5.57
CA LEU B 440 -6.26 15.73 6.63
C LEU B 440 -7.13 14.49 6.51
N SER B 441 -6.81 13.46 7.30
CA SER B 441 -7.48 12.17 7.19
C SER B 441 -8.04 11.77 8.54
N ILE B 442 -9.17 11.07 8.51
CA ILE B 442 -9.77 10.50 9.71
C ILE B 442 -9.45 9.01 9.72
N THR B 443 -9.04 8.50 10.88
CA THR B 443 -8.71 7.10 11.01
C THR B 443 -9.49 6.47 12.18
N GLY B 444 -9.78 5.19 12.04
CA GLY B 444 -10.51 4.49 13.07
C GLY B 444 -9.61 3.85 14.10
N ALA B 445 -9.42 4.54 15.23
CA ALA B 445 -8.52 4.15 16.31
C ALA B 445 -7.10 3.89 15.82
N ARG B 446 -6.67 4.65 14.80
CA ARG B 446 -5.38 4.55 14.12
C ARG B 446 -5.11 3.18 13.51
N PHE B 447 -6.14 2.36 13.32
CA PHE B 447 -5.98 1.09 12.61
C PHE B 447 -6.00 1.27 11.11
N PHE B 448 -6.89 2.11 10.58
CA PHE B 448 -7.02 2.30 9.15
C PHE B 448 -7.62 3.68 8.90
N THR B 449 -7.21 4.28 7.80
CA THR B 449 -7.73 5.57 7.37
C THR B 449 -8.94 5.35 6.48
N VAL B 450 -10.09 5.91 6.88
CA VAL B 450 -11.32 5.70 6.12
C VAL B 450 -11.30 6.49 4.82
N ASN B 451 -11.15 5.77 3.71
CA ASN B 451 -11.18 6.33 2.37
C ASN B 451 -12.13 5.48 1.54
N LEU B 452 -12.29 5.85 0.27
CA LEU B 452 -12.91 4.93 -0.66
C LEU B 452 -12.04 3.72 -0.95
N SER B 453 -10.71 3.88 -0.91
CA SER B 453 -9.79 2.79 -1.13
C SER B 453 -9.89 1.71 -0.06
N PHE B 454 -10.05 2.11 1.20
CA PHE B 454 -10.22 1.11 2.26
C PHE B 454 -11.55 0.39 2.09
N LEU B 455 -12.58 1.09 1.63
CA LEU B 455 -13.86 0.45 1.37
C LEU B 455 -13.72 -0.57 0.25
N ALA B 456 -12.95 -0.24 -0.79
CA ALA B 456 -12.74 -1.20 -1.87
C ALA B 456 -11.95 -2.42 -1.41
N SER B 457 -10.93 -2.20 -0.58
CA SER B 457 -10.14 -3.32 -0.06
C SER B 457 -10.97 -4.20 0.86
N MET B 458 -11.76 -3.59 1.74
CA MET B 458 -12.59 -4.37 2.66
C MET B 458 -13.68 -5.13 1.91
N ALA B 459 -14.28 -4.51 0.89
CA ALA B 459 -15.26 -5.19 0.08
C ALA B 459 -14.63 -6.35 -0.69
N GLY B 460 -13.40 -6.16 -1.17
CA GLY B 460 -12.72 -7.24 -1.86
C GLY B 460 -12.44 -8.44 -0.97
N VAL B 461 -11.88 -8.20 0.22
CA VAL B 461 -11.58 -9.33 1.11
C VAL B 461 -12.85 -9.94 1.68
N MET B 462 -13.91 -9.15 1.84
CA MET B 462 -15.17 -9.69 2.36
C MET B 462 -15.85 -10.56 1.31
N LEU B 463 -15.91 -10.08 0.07
CA LEU B 463 -16.44 -10.86 -1.04
C LEU B 463 -15.65 -12.16 -1.19
N THR B 464 -14.32 -12.07 -1.14
CA THR B 464 -13.46 -13.25 -1.24
C THR B 464 -13.79 -14.27 -0.15
N TYR B 465 -13.70 -13.84 1.11
CA TYR B 465 -13.93 -14.73 2.25
C TYR B 465 -15.31 -15.37 2.20
N PHE B 466 -16.35 -14.57 1.95
CA PHE B 466 -17.71 -15.10 1.88
C PHE B 466 -17.86 -16.12 0.76
N ILE B 467 -17.37 -15.79 -0.44
CA ILE B 467 -17.65 -16.65 -1.58
C ILE B 467 -16.87 -17.96 -1.47
N VAL B 468 -15.63 -17.91 -0.93
CA VAL B 468 -14.89 -19.16 -0.78
C VAL B 468 -15.52 -20.00 0.34
N LEU B 469 -15.82 -19.40 1.49
CA LEU B 469 -16.23 -20.19 2.65
C LEU B 469 -17.67 -20.68 2.51
N LEU B 470 -18.41 -20.14 1.53
CA LEU B 470 -19.73 -20.69 1.26
C LEU B 470 -19.70 -21.66 0.08
N GLN B 471 -18.79 -21.47 -0.89
CA GLN B 471 -18.85 -22.27 -2.10
C GLN B 471 -18.05 -23.57 -1.97
N VAL B 472 -16.78 -23.50 -1.56
CA VAL B 472 -15.98 -24.72 -1.58
C VAL B 472 -16.37 -25.62 -0.41
N ASN B 473 -16.99 -25.05 0.61
CA ASN B 473 -17.38 -25.81 1.79
C ASN B 473 -18.67 -26.60 1.59
N ASP C 16 4.46 21.47 -42.17
CA ASP C 16 4.63 20.13 -42.72
C ASP C 16 3.75 19.11 -42.00
N ASP C 17 4.38 18.23 -41.20
CA ASP C 17 3.63 17.20 -40.47
C ASP C 17 2.74 17.79 -39.39
N TYR C 18 2.97 19.05 -38.99
CA TYR C 18 2.06 19.74 -38.08
C TYR C 18 0.65 19.82 -38.66
N ILE C 19 0.56 19.97 -39.98
CA ILE C 19 -0.74 19.95 -40.64
C ILE C 19 -1.32 18.53 -40.62
N HIS C 20 -0.46 17.53 -40.83
CA HIS C 20 -0.91 16.14 -40.84
C HIS C 20 -1.41 15.72 -39.46
N LEU C 21 -0.78 16.22 -38.39
CA LEU C 21 -1.26 15.94 -37.04
C LEU C 21 -2.63 16.55 -36.81
N ARG C 22 -2.87 17.75 -37.33
CA ARG C 22 -4.17 18.37 -37.21
C ARG C 22 -5.22 17.61 -38.02
N LYS C 23 -4.82 17.05 -39.17
CA LYS C 23 -5.71 16.18 -39.91
C LYS C 23 -6.03 14.91 -39.12
N TRP C 24 -5.05 14.39 -38.39
CA TRP C 24 -5.28 13.22 -37.56
C TRP C 24 -6.26 13.51 -36.44
N ILE C 25 -6.11 14.66 -35.77
CA ILE C 25 -7.03 14.97 -34.68
C ILE C 25 -8.39 15.39 -35.22
N LYS C 26 -8.45 15.77 -36.50
CA LYS C 26 -9.75 15.92 -37.16
C LYS C 26 -10.39 14.55 -37.38
N ARG C 27 -9.58 13.56 -37.79
CA ARG C 27 -10.08 12.20 -37.94
C ARG C 27 -10.58 11.64 -36.62
N ILE C 28 -9.94 12.05 -35.52
CA ILE C 28 -10.34 11.63 -34.18
C ILE C 28 -11.76 12.12 -33.88
N GLY C 29 -12.06 13.36 -34.24
CA GLY C 29 -13.39 13.88 -34.08
C GLY C 29 -14.40 13.23 -35.01
N ILE C 30 -13.95 12.93 -36.22
CA ILE C 30 -14.82 12.31 -37.23
C ILE C 30 -15.26 10.92 -36.78
N ILE C 31 -14.31 10.10 -36.31
CA ILE C 31 -14.65 8.75 -35.89
C ILE C 31 -15.48 8.77 -34.61
N LEU C 32 -15.33 9.83 -33.81
CA LEU C 32 -16.19 9.97 -32.63
C LEU C 32 -17.60 10.36 -33.03
N ARG C 33 -17.75 11.15 -34.09
CA ARG C 33 -19.09 11.47 -34.59
C ARG C 33 -19.74 10.27 -35.26
N ILE C 34 -18.92 9.41 -35.88
CA ILE C 34 -19.45 8.24 -36.58
C ILE C 34 -20.08 7.26 -35.59
N SER C 35 -19.44 7.09 -34.44
CA SER C 35 -19.90 6.09 -33.47
C SER C 35 -21.17 6.49 -32.73
N GLY C 36 -21.73 7.66 -33.01
CA GLY C 36 -23.02 8.02 -32.48
C GLY C 36 -23.04 8.76 -31.17
N HIS C 37 -21.90 9.30 -30.73
CA HIS C 37 -21.91 10.18 -29.58
C HIS C 37 -22.60 11.49 -29.91
N TRP C 38 -22.98 12.23 -28.87
CA TRP C 38 -23.56 13.53 -29.08
C TRP C 38 -22.50 14.49 -29.64
N PRO C 39 -22.80 15.16 -30.77
CA PRO C 39 -21.76 15.95 -31.44
C PRO C 39 -21.50 17.25 -30.71
N PHE C 40 -20.23 17.64 -30.65
CA PHE C 40 -19.79 18.90 -30.09
C PHE C 40 -18.96 19.64 -31.12
N ARG C 41 -18.58 20.87 -30.79
CA ARG C 41 -17.88 21.74 -31.73
C ARG C 41 -16.44 21.26 -31.86
N LEU C 42 -16.01 21.02 -33.09
CA LEU C 42 -14.62 20.72 -33.38
C LEU C 42 -13.86 22.04 -33.55
N PRO C 43 -12.52 22.01 -33.45
CA PRO C 43 -11.75 23.25 -33.70
C PRO C 43 -11.92 23.81 -35.10
N HIS C 44 -12.06 22.95 -36.11
CA HIS C 44 -12.27 23.41 -37.49
C HIS C 44 -13.75 23.52 -37.82
N GLU C 45 -14.52 24.21 -36.97
CA GLU C 45 -15.97 24.33 -37.12
C GLU C 45 -16.36 25.76 -36.80
N LYS C 46 -16.56 26.57 -37.84
CA LYS C 46 -16.87 27.99 -37.69
C LYS C 46 -18.21 28.37 -38.29
N ARG C 47 -19.11 27.41 -38.45
CA ARG C 47 -20.45 27.68 -38.97
C ARG C 47 -21.55 27.05 -38.12
N ASN C 48 -21.22 26.61 -36.90
CA ASN C 48 -22.17 26.00 -35.96
C ASN C 48 -22.83 24.76 -36.56
N GLN C 49 -22.00 23.92 -37.20
CA GLN C 49 -22.51 22.69 -37.79
C GLN C 49 -22.66 21.57 -36.78
N HIS C 50 -22.12 21.72 -35.58
CA HIS C 50 -22.22 20.70 -34.55
C HIS C 50 -23.61 20.60 -33.94
N LYS C 51 -24.51 21.54 -34.27
CA LYS C 51 -25.91 21.45 -33.88
C LYS C 51 -26.82 21.13 -35.05
N SER C 52 -26.29 20.51 -36.11
CA SER C 52 -27.09 20.23 -37.29
C SER C 52 -28.11 19.13 -37.01
N LYS C 53 -29.15 19.09 -37.84
CA LYS C 53 -30.26 18.18 -37.62
C LYS C 53 -29.85 16.73 -37.89
N PHE C 54 -29.07 16.51 -38.95
CA PHE C 54 -28.67 15.18 -39.38
C PHE C 54 -27.87 14.47 -38.29
N ARG C 55 -26.87 15.17 -37.73
CA ARG C 55 -26.00 14.57 -36.72
C ARG C 55 -26.78 14.27 -35.44
N GLN C 56 -27.70 15.15 -35.06
CA GLN C 56 -28.48 14.93 -33.84
C GLN C 56 -29.43 13.75 -34.00
N VAL C 57 -30.08 13.65 -35.17
CA VAL C 57 -30.97 12.53 -35.44
C VAL C 57 -30.22 11.21 -35.43
N TYR C 58 -29.04 11.19 -36.07
CA TYR C 58 -28.20 10.00 -36.08
C TYR C 58 -27.78 9.60 -34.68
N SER C 59 -27.34 10.58 -33.88
CA SER C 59 -26.93 10.32 -32.50
C SER C 59 -28.04 9.70 -31.69
N CYS C 60 -29.23 10.33 -31.71
CA CYS C 60 -30.34 9.82 -30.91
C CYS C 60 -30.77 8.43 -31.36
N LEU C 61 -30.77 8.18 -32.68
CA LEU C 61 -31.16 6.87 -33.18
C LEU C 61 -30.21 5.79 -32.69
N VAL C 62 -28.91 6.03 -32.82
CA VAL C 62 -27.94 5.01 -32.42
C VAL C 62 -27.96 4.78 -30.91
N ILE C 63 -28.14 5.85 -30.12
CA ILE C 63 -28.08 5.64 -28.68
C ILE C 63 -29.34 4.97 -28.17
N THR C 64 -30.51 5.23 -28.80
CA THR C 64 -31.70 4.53 -28.32
C THR C 64 -31.69 3.08 -28.77
N LEU C 65 -31.05 2.78 -29.91
CA LEU C 65 -30.88 1.38 -30.30
C LEU C 65 -29.96 0.65 -29.33
N GLY C 66 -28.85 1.30 -28.94
CA GLY C 66 -27.97 0.71 -27.95
C GLY C 66 -28.65 0.50 -26.61
N PHE C 67 -29.45 1.48 -26.18
CA PHE C 67 -30.20 1.39 -24.94
C PHE C 67 -31.23 0.27 -24.95
N ILE C 68 -31.93 0.05 -26.06
CA ILE C 68 -32.92 -1.02 -26.05
C ILE C 68 -32.24 -2.39 -26.15
N THR C 69 -31.11 -2.49 -26.86
CA THR C 69 -30.41 -3.77 -26.94
C THR C 69 -29.79 -4.16 -25.61
N CYS C 70 -29.18 -3.20 -24.90
CA CYS C 70 -28.60 -3.49 -23.60
C CYS C 70 -29.67 -3.89 -22.59
N SER C 71 -30.84 -3.24 -22.65
CA SER C 71 -31.92 -3.61 -21.76
C SER C 71 -32.48 -4.98 -22.09
N CYS C 72 -32.50 -5.34 -23.38
CA CYS C 72 -32.94 -6.67 -23.77
C CYS C 72 -32.00 -7.73 -23.23
N TYR C 73 -30.69 -7.49 -23.31
CA TYR C 73 -29.74 -8.46 -22.77
C TYR C 73 -29.79 -8.51 -21.25
N CYS C 74 -30.07 -7.38 -20.60
CA CYS C 74 -30.16 -7.37 -19.15
C CYS C 74 -31.39 -8.12 -18.64
N ILE C 75 -32.52 -7.98 -19.34
CA ILE C 75 -33.70 -8.74 -18.96
C ILE C 75 -33.55 -10.21 -19.34
N GLY C 76 -32.77 -10.51 -20.38
CA GLY C 76 -32.40 -11.89 -20.63
C GLY C 76 -31.56 -12.47 -19.52
N LEU C 77 -30.71 -11.64 -18.90
CA LEU C 77 -29.96 -12.08 -17.74
C LEU C 77 -30.86 -12.31 -16.55
N CYS C 78 -31.80 -11.38 -16.30
CA CYS C 78 -32.68 -11.48 -15.14
C CYS C 78 -33.64 -12.67 -15.28
N LEU C 79 -33.96 -13.04 -16.52
CA LEU C 79 -34.62 -14.31 -16.81
C LEU C 79 -33.54 -15.40 -16.84
N SER C 80 -33.05 -15.74 -15.65
CA SER C 80 -31.96 -16.68 -15.53
C SER C 80 -32.41 -18.08 -15.91
N GLU C 81 -31.93 -18.56 -17.06
CA GLU C 81 -32.28 -19.90 -17.51
C GLU C 81 -31.69 -20.96 -16.59
N SER C 82 -30.38 -20.88 -16.36
CA SER C 82 -29.71 -21.72 -15.37
C SER C 82 -28.43 -20.98 -14.99
N ILE C 83 -27.76 -21.50 -13.95
CA ILE C 83 -26.50 -20.91 -13.52
C ILE C 83 -25.40 -21.16 -14.55
N ALA C 84 -25.39 -22.35 -15.17
CA ALA C 84 -24.30 -22.74 -16.05
C ALA C 84 -24.24 -21.87 -17.30
N GLN C 85 -25.39 -21.46 -17.82
CA GLN C 85 -25.43 -20.52 -18.93
C GLN C 85 -25.38 -19.07 -18.47
N ALA C 86 -25.59 -18.82 -17.17
CA ALA C 86 -25.68 -17.46 -16.67
C ALA C 86 -24.38 -16.70 -16.87
N LEU C 87 -23.25 -17.33 -16.53
CA LEU C 87 -21.95 -16.74 -16.81
C LEU C 87 -21.75 -16.57 -18.31
N ASN C 88 -22.30 -17.51 -19.10
CA ASN C 88 -22.26 -17.41 -20.55
C ASN C 88 -22.97 -16.16 -21.03
N ASN C 89 -23.93 -15.66 -20.25
CA ASN C 89 -24.55 -14.39 -20.60
C ASN C 89 -23.66 -13.22 -20.22
N ILE C 90 -23.04 -13.28 -19.03
CA ILE C 90 -22.51 -12.13 -18.30
C ILE C 90 -21.64 -11.25 -19.20
N THR C 91 -20.60 -11.86 -19.77
CA THR C 91 -19.60 -11.19 -20.59
C THR C 91 -20.20 -10.29 -21.66
N VAL C 92 -21.19 -10.81 -22.41
CA VAL C 92 -21.79 -10.02 -23.48
C VAL C 92 -22.47 -8.80 -22.91
N THR C 93 -23.35 -9.02 -21.91
CA THR C 93 -24.00 -7.92 -21.22
C THR C 93 -22.97 -6.98 -20.61
N SER C 94 -21.89 -7.58 -20.08
CA SER C 94 -20.76 -6.82 -19.54
C SER C 94 -20.29 -5.76 -20.51
N TYR C 95 -19.95 -6.18 -21.73
CA TYR C 95 -19.42 -5.22 -22.70
C TYR C 95 -20.48 -4.19 -23.05
N PHE C 96 -21.73 -4.63 -23.19
CA PHE C 96 -22.80 -3.72 -23.56
C PHE C 96 -22.99 -2.67 -22.49
N LEU C 97 -22.82 -3.08 -21.22
CA LEU C 97 -22.99 -2.16 -20.11
C LEU C 97 -22.04 -0.98 -20.24
N GLN C 98 -20.78 -1.27 -20.62
CA GLN C 98 -19.78 -0.22 -20.78
C GLN C 98 -20.26 0.82 -21.77
N SER C 99 -20.77 0.36 -22.92
CA SER C 99 -21.24 1.24 -23.96
C SER C 99 -22.29 2.20 -23.42
N CYS C 100 -23.25 1.64 -22.67
CA CYS C 100 -24.32 2.43 -22.07
C CYS C 100 -23.75 3.58 -21.27
N VAL C 101 -22.84 3.28 -20.34
CA VAL C 101 -22.28 4.30 -19.46
C VAL C 101 -21.58 5.36 -20.28
N CYS C 102 -20.80 4.92 -21.28
CA CYS C 102 -19.99 5.84 -22.07
C CYS C 102 -20.87 6.87 -22.75
N TYR C 103 -22.02 6.41 -23.27
CA TYR C 103 -22.93 7.29 -23.98
C TYR C 103 -23.34 8.46 -23.09
N VAL C 104 -23.82 8.14 -21.88
CA VAL C 104 -24.39 9.19 -21.05
C VAL C 104 -23.30 10.15 -20.61
N SER C 105 -22.06 9.65 -20.47
CA SER C 105 -20.98 10.50 -20.02
C SER C 105 -20.70 11.58 -21.04
N PHE C 106 -20.72 11.21 -22.32
CA PHE C 106 -20.38 12.18 -23.35
C PHE C 106 -21.51 13.17 -23.56
N ILE C 107 -22.69 12.89 -23.01
CA ILE C 107 -23.77 13.85 -23.11
C ILE C 107 -23.84 14.70 -21.85
N ILE C 108 -23.23 14.22 -20.76
CA ILE C 108 -23.29 14.99 -19.52
C ILE C 108 -22.28 16.14 -19.55
N ASN C 109 -21.11 15.89 -20.10
CA ASN C 109 -20.01 16.85 -20.09
C ASN C 109 -19.59 17.26 -21.50
N SER C 110 -20.57 17.56 -22.35
CA SER C 110 -20.29 17.85 -23.76
C SER C 110 -19.66 19.23 -23.99
N ARG C 111 -19.26 19.99 -22.97
CA ARG C 111 -18.53 21.24 -23.14
C ARG C 111 -17.07 21.11 -22.76
N LYS C 112 -16.78 20.31 -21.72
CA LYS C 112 -15.40 20.03 -21.34
C LYS C 112 -14.66 19.31 -22.46
N LEU C 113 -15.38 18.54 -23.28
CA LEU C 113 -14.75 17.88 -24.42
C LEU C 113 -14.33 18.89 -25.48
N GLU C 114 -15.16 19.91 -25.70
CA GLU C 114 -14.80 21.02 -26.57
C GLU C 114 -13.56 21.72 -26.03
N THR C 115 -13.51 21.92 -24.71
CA THR C 115 -12.34 22.55 -24.08
C THR C 115 -11.08 21.71 -24.27
N LEU C 116 -11.21 20.39 -24.10
CA LEU C 116 -10.06 19.49 -24.26
C LEU C 116 -9.55 19.48 -25.69
N PHE C 117 -10.46 19.47 -26.67
CA PHE C 117 -10.04 19.50 -28.07
C PHE C 117 -9.42 20.84 -28.42
N ASN C 118 -9.93 21.93 -27.83
CA ASN C 118 -9.34 23.24 -28.07
C ASN C 118 -7.94 23.33 -27.49
N TYR C 119 -7.70 22.68 -26.35
CA TYR C 119 -6.35 22.57 -25.84
C TYR C 119 -5.48 21.74 -26.76
N LEU C 120 -5.99 20.60 -27.20
CA LEU C 120 -5.20 19.63 -27.95
C LEU C 120 -4.87 20.12 -29.36
N PHE C 121 -5.62 21.08 -29.88
CA PHE C 121 -5.31 21.65 -31.18
C PHE C 121 -4.08 22.55 -31.18
N GLU C 122 -3.90 23.40 -30.16
CA GLU C 122 -2.70 24.24 -30.07
C GLU C 122 -2.12 24.10 -28.65
N ASN C 123 -0.90 23.62 -28.57
CA ASN C 123 -0.24 23.36 -27.29
C ASN C 123 1.23 23.75 -27.33
N GLU C 124 1.58 24.73 -28.16
CA GLU C 124 2.98 25.09 -28.33
C GLU C 124 3.54 25.77 -27.08
N VAL C 125 4.41 25.06 -26.38
CA VAL C 125 5.14 25.67 -25.27
C VAL C 125 6.29 26.49 -25.83
N VAL C 126 6.43 27.71 -25.33
CA VAL C 126 7.34 28.69 -25.88
C VAL C 126 8.70 28.56 -25.20
N GLY C 127 9.76 28.55 -25.98
CA GLY C 127 11.12 28.56 -25.48
C GLY C 127 11.89 27.26 -25.68
N CYS C 128 11.19 26.15 -25.95
CA CYS C 128 11.88 24.88 -26.13
C CYS C 128 12.67 24.90 -27.43
N PRO C 129 13.81 24.20 -27.49
CA PRO C 129 14.59 24.19 -28.73
C PRO C 129 13.88 23.42 -29.84
N ARG C 130 14.16 23.83 -31.08
CA ARG C 130 13.41 23.31 -32.23
C ARG C 130 13.77 21.86 -32.51
N GLY C 131 15.03 21.48 -32.29
CA GLY C 131 15.50 20.13 -32.53
C GLY C 131 14.78 19.11 -31.67
N TYR C 132 14.34 19.53 -30.50
CA TYR C 132 13.45 18.72 -29.68
C TYR C 132 12.01 18.74 -30.17
N LYS C 133 11.55 19.88 -30.72
CA LYS C 133 10.15 20.03 -31.10
C LYS C 133 9.81 19.15 -32.30
N MET C 134 10.69 19.10 -33.30
CA MET C 134 10.40 18.29 -34.47
C MET C 134 10.41 16.80 -34.14
N SER C 135 11.39 16.37 -33.34
CA SER C 135 11.42 14.98 -32.88
C SER C 135 10.19 14.65 -32.03
N SER C 136 9.71 15.63 -31.27
CA SER C 136 8.49 15.46 -30.49
C SER C 136 7.29 15.21 -31.39
N ILE C 137 7.16 16.02 -32.46
CA ILE C 137 6.07 15.84 -33.41
C ILE C 137 6.16 14.46 -34.06
N LYS C 138 7.36 14.04 -34.44
CA LYS C 138 7.56 12.73 -35.07
C LYS C 138 7.16 11.60 -34.14
N THR C 139 7.62 11.65 -32.89
CA THR C 139 7.35 10.57 -31.94
C THR C 139 5.86 10.50 -31.59
N THR C 140 5.23 11.66 -31.42
CA THR C 140 3.79 11.68 -31.13
C THR C 140 2.99 11.10 -32.28
N LEU C 141 3.32 11.49 -33.52
CA LEU C 141 2.63 10.96 -34.69
C LEU C 141 2.77 9.45 -34.77
N PHE C 142 3.99 8.95 -34.56
CA PHE C 142 4.25 7.51 -34.62
C PHE C 142 3.42 6.76 -33.58
N ARG C 143 3.46 7.22 -32.32
CA ARG C 143 2.80 6.48 -31.26
C ARG C 143 1.28 6.54 -31.37
N CYS C 144 0.73 7.69 -31.78
CA CYS C 144 -0.72 7.78 -31.87
C CYS C 144 -1.23 6.95 -33.05
N LYS C 145 -0.50 6.96 -34.17
CA LYS C 145 -0.85 6.08 -35.29
C LYS C 145 -0.84 4.62 -34.86
N PHE C 146 0.19 4.23 -34.10
CA PHE C 146 0.30 2.84 -33.64
C PHE C 146 -0.90 2.45 -32.79
N VAL C 147 -1.22 3.25 -31.77
CA VAL C 147 -2.27 2.86 -30.83
C VAL C 147 -3.63 2.88 -31.51
N ALA C 148 -3.86 3.85 -32.40
CA ALA C 148 -5.16 3.95 -33.06
C ALA C 148 -5.39 2.78 -34.00
N PHE C 149 -4.38 2.46 -34.83
CA PHE C 149 -4.54 1.34 -35.76
C PHE C 149 -4.66 0.02 -35.04
N SER C 150 -3.90 -0.15 -33.95
CA SER C 150 -3.96 -1.39 -33.19
C SER C 150 -5.35 -1.62 -32.60
N LEU C 151 -5.89 -0.60 -31.91
CA LEU C 151 -7.18 -0.79 -31.27
C LEU C 151 -8.30 -0.92 -32.31
N GLY C 152 -8.20 -0.20 -33.42
CA GLY C 152 -9.22 -0.31 -34.45
C GLY C 152 -9.26 -1.69 -35.10
N ILE C 153 -8.09 -2.23 -35.43
CA ILE C 153 -8.03 -3.57 -36.03
C ILE C 153 -8.51 -4.61 -35.04
N LEU C 154 -8.13 -4.48 -33.77
CA LEU C 154 -8.57 -5.45 -32.78
C LEU C 154 -10.08 -5.42 -32.59
N SER C 155 -10.67 -4.22 -32.60
CA SER C 155 -12.12 -4.12 -32.42
C SER C 155 -12.88 -4.67 -33.63
N PHE C 156 -12.38 -4.40 -34.84
CA PHE C 156 -13.04 -4.93 -36.03
C PHE C 156 -12.98 -6.45 -36.06
N PHE C 157 -11.81 -7.02 -35.73
CA PHE C 157 -11.71 -8.48 -35.70
C PHE C 157 -12.56 -9.07 -34.59
N GLY C 158 -12.69 -8.35 -33.47
CA GLY C 158 -13.55 -8.81 -32.40
C GLY C 158 -15.00 -8.92 -32.82
N TRP C 159 -15.51 -7.87 -33.48
CA TRP C 159 -16.88 -7.94 -34.00
C TRP C 159 -17.02 -9.06 -35.03
N LEU C 160 -16.05 -9.16 -35.95
CA LEU C 160 -16.13 -10.14 -37.03
C LEU C 160 -16.22 -11.55 -36.48
N MET C 161 -15.33 -11.90 -35.55
CA MET C 161 -15.36 -13.24 -34.98
C MET C 161 -16.60 -13.45 -34.11
N TRP C 162 -17.05 -12.40 -33.42
CA TRP C 162 -18.16 -12.61 -32.49
C TRP C 162 -19.52 -12.62 -33.20
N THR C 163 -19.57 -12.23 -34.47
CA THR C 163 -20.85 -12.16 -35.16
C THR C 163 -20.92 -13.00 -36.43
N LEU C 164 -19.90 -12.97 -37.27
CA LEU C 164 -20.03 -13.48 -38.63
C LEU C 164 -19.95 -14.99 -38.72
N LEU C 165 -18.99 -15.59 -38.00
CA LEU C 165 -18.65 -17.01 -38.15
C LEU C 165 -19.80 -18.00 -37.94
N PRO C 166 -20.62 -17.92 -36.88
CA PRO C 166 -21.69 -18.93 -36.75
C PRO C 166 -22.77 -18.81 -37.80
N LEU C 167 -22.95 -17.62 -38.38
CA LEU C 167 -23.76 -17.52 -39.59
C LEU C 167 -23.12 -18.30 -40.74
N ALA C 168 -21.80 -18.23 -40.86
CA ALA C 168 -21.11 -18.90 -41.96
C ALA C 168 -21.12 -20.42 -41.77
N VAL C 169 -21.27 -20.87 -40.52
CA VAL C 169 -21.45 -22.32 -40.29
C VAL C 169 -22.74 -22.80 -40.93
N LEU C 170 -23.76 -21.94 -40.99
CA LEU C 170 -25.02 -22.34 -41.60
C LEU C 170 -25.00 -22.19 -43.12
N VAL C 171 -24.60 -21.03 -43.61
CA VAL C 171 -24.61 -20.80 -45.05
C VAL C 171 -23.28 -21.23 -45.66
N GLN C 182 -33.63 -20.13 -40.10
CA GLN C 182 -32.85 -20.10 -38.87
C GLN C 182 -31.46 -19.54 -39.15
N THR C 183 -30.85 -18.92 -38.13
CA THR C 183 -29.44 -18.58 -38.17
C THR C 183 -28.65 -19.08 -36.97
N SER C 184 -29.24 -19.10 -35.77
CA SER C 184 -28.72 -19.75 -34.56
C SER C 184 -27.26 -19.38 -34.28
N LEU C 185 -26.96 -18.08 -34.44
CA LEU C 185 -25.60 -17.60 -34.37
C LEU C 185 -25.25 -16.90 -33.07
N ARG C 186 -26.25 -16.59 -32.25
CA ARG C 186 -26.00 -15.82 -31.03
C ARG C 186 -25.19 -16.65 -30.05
N PHE C 187 -24.07 -16.08 -29.59
CA PHE C 187 -23.18 -16.82 -28.68
C PHE C 187 -23.84 -17.06 -27.34
N VAL C 188 -24.78 -16.18 -26.97
CA VAL C 188 -25.70 -16.45 -25.87
C VAL C 188 -27.06 -15.88 -26.28
N GLU C 189 -28.12 -16.58 -25.89
CA GLU C 189 -29.45 -16.16 -26.28
C GLU C 189 -29.86 -14.91 -25.51
N ALA C 190 -30.72 -14.10 -26.14
CA ALA C 190 -31.10 -12.81 -25.59
C ALA C 190 -32.62 -12.68 -25.60
N TRP C 191 -33.15 -11.98 -24.60
CA TRP C 191 -34.60 -11.82 -24.48
C TRP C 191 -35.12 -10.90 -25.55
N TYR C 192 -36.26 -11.27 -26.14
CA TYR C 192 -36.88 -10.50 -27.19
C TYR C 192 -38.39 -10.65 -27.08
N PRO C 193 -39.16 -9.67 -27.58
CA PRO C 193 -40.62 -9.84 -27.57
C PRO C 193 -41.09 -11.04 -28.39
N PHE C 194 -40.65 -11.14 -29.65
CA PHE C 194 -40.90 -12.34 -30.42
C PHE C 194 -39.96 -13.44 -29.94
N ASP C 195 -40.34 -14.68 -30.24
CA ASP C 195 -39.70 -15.83 -29.58
C ASP C 195 -38.31 -16.11 -30.15
N THR C 196 -38.02 -15.60 -31.35
CA THR C 196 -36.79 -15.79 -32.14
C THR C 196 -36.54 -17.26 -32.48
N THR C 197 -37.53 -18.13 -32.31
CA THR C 197 -37.32 -19.56 -32.52
C THR C 197 -37.50 -19.95 -33.98
N THR C 198 -38.51 -19.38 -34.63
CA THR C 198 -38.84 -19.76 -36.00
C THR C 198 -37.80 -19.21 -36.97
N SER C 199 -37.82 -19.75 -38.19
CA SER C 199 -36.81 -19.42 -39.20
C SER C 199 -36.82 -17.96 -39.66
N PRO C 200 -37.97 -17.26 -39.87
CA PRO C 200 -37.86 -15.83 -40.23
C PRO C 200 -37.30 -14.97 -39.10
N MET C 201 -37.78 -15.20 -37.88
CA MET C 201 -37.43 -14.37 -36.73
C MET C 201 -35.95 -14.44 -36.37
N ASN C 202 -35.35 -15.64 -36.43
CA ASN C 202 -33.93 -15.79 -36.12
C ASN C 202 -33.07 -14.93 -37.03
N GLU C 203 -33.41 -14.88 -38.32
CA GLU C 203 -32.65 -14.09 -39.28
C GLU C 203 -32.77 -12.60 -39.00
N VAL C 204 -33.98 -12.15 -38.69
CA VAL C 204 -34.22 -10.72 -38.44
C VAL C 204 -33.48 -10.27 -37.18
N ILE C 205 -33.57 -11.06 -36.12
CA ILE C 205 -32.85 -10.74 -34.90
C ILE C 205 -31.34 -10.87 -35.11
N ALA C 206 -30.92 -11.74 -36.02
CA ALA C 206 -29.50 -11.86 -36.33
C ALA C 206 -28.94 -10.59 -36.96
N ILE C 207 -29.64 -10.07 -37.98
CA ILE C 207 -29.14 -8.86 -38.64
C ILE C 207 -29.25 -7.66 -37.69
N TYR C 208 -30.31 -7.62 -36.87
CA TYR C 208 -30.48 -6.54 -35.91
C TYR C 208 -29.35 -6.53 -34.89
N GLU C 209 -29.04 -7.70 -34.34
CA GLU C 209 -27.97 -7.82 -33.36
C GLU C 209 -26.61 -7.54 -34.00
N ALA C 210 -26.47 -7.87 -35.29
CA ALA C 210 -25.20 -7.61 -35.97
C ALA C 210 -24.91 -6.12 -36.07
N VAL C 211 -25.87 -5.35 -36.62
CA VAL C 211 -25.63 -3.91 -36.75
C VAL C 211 -25.59 -3.24 -35.38
N ALA C 212 -26.36 -3.78 -34.42
CA ALA C 212 -26.33 -3.25 -33.06
C ALA C 212 -24.95 -3.42 -32.44
N MET C 213 -24.40 -4.63 -32.48
CA MET C 213 -23.12 -4.88 -31.85
C MET C 213 -21.99 -4.15 -32.56
N ILE C 214 -22.14 -3.91 -33.87
CA ILE C 214 -21.19 -3.03 -34.56
C ILE C 214 -21.17 -1.66 -33.91
N PHE C 215 -22.36 -1.03 -33.79
CA PHE C 215 -22.39 0.34 -33.30
C PHE C 215 -22.12 0.40 -31.79
N LEU C 216 -22.24 -0.73 -31.10
CA LEU C 216 -21.89 -0.74 -29.68
C LEU C 216 -20.39 -0.90 -29.48
N ILE C 217 -19.75 -1.78 -30.25
CA ILE C 217 -18.32 -2.01 -30.10
C ILE C 217 -17.53 -0.78 -30.52
N THR C 218 -18.03 -0.03 -31.51
CA THR C 218 -17.23 1.13 -31.92
C THR C 218 -17.21 2.29 -30.92
N ALA C 219 -18.03 2.27 -29.87
CA ALA C 219 -18.02 3.41 -28.94
C ALA C 219 -16.86 3.40 -27.92
N PRO C 220 -16.65 2.34 -27.12
CA PRO C 220 -15.56 2.43 -26.13
C PRO C 220 -14.19 2.43 -26.76
N MET C 221 -14.06 1.83 -27.94
CA MET C 221 -12.83 1.94 -28.71
C MET C 221 -12.53 3.40 -29.04
N SER C 222 -13.55 4.15 -29.45
CA SER C 222 -13.35 5.56 -29.80
C SER C 222 -13.00 6.40 -28.57
N SER C 223 -13.70 6.17 -27.46
CA SER C 223 -13.38 6.90 -26.23
C SER C 223 -11.97 6.57 -25.74
N ASP C 224 -11.58 5.31 -25.87
CA ASP C 224 -10.24 4.88 -25.48
C ASP C 224 -9.18 5.55 -26.36
N ILE C 225 -9.45 5.63 -27.66
CA ILE C 225 -8.51 6.24 -28.58
C ILE C 225 -8.33 7.72 -28.27
N MET C 226 -9.42 8.42 -27.97
CA MET C 226 -9.30 9.83 -27.61
C MET C 226 -8.54 10.02 -26.30
N PHE C 227 -8.80 9.16 -25.31
CA PHE C 227 -8.04 9.23 -24.06
C PHE C 227 -6.56 8.99 -24.29
N CYS C 228 -6.22 8.05 -25.15
CA CYS C 228 -4.82 7.75 -25.42
C CYS C 228 -4.13 8.89 -26.14
N VAL C 229 -4.85 9.54 -27.06
CA VAL C 229 -4.30 10.71 -27.75
C VAL C 229 -4.03 11.83 -26.75
N LEU C 230 -4.98 12.07 -25.84
CA LEU C 230 -4.79 13.09 -24.81
C LEU C 230 -3.59 12.79 -23.92
N MET C 231 -3.44 11.54 -23.51
CA MET C 231 -2.31 11.16 -22.65
C MET C 231 -0.98 11.34 -23.37
N ILE C 232 -0.92 10.95 -24.65
CA ILE C 232 0.32 11.09 -25.41
C ILE C 232 0.70 12.56 -25.55
N PHE C 233 -0.28 13.41 -25.87
CA PHE C 233 0.00 14.83 -26.03
C PHE C 233 0.45 15.46 -24.72
N ILE C 234 -0.16 15.07 -23.60
CA ILE C 234 0.21 15.63 -22.31
C ILE C 234 1.62 15.19 -21.92
N VAL C 235 1.98 13.94 -22.21
CA VAL C 235 3.33 13.44 -21.91
C VAL C 235 4.36 14.23 -22.69
N GLU C 236 4.12 14.43 -23.98
CA GLU C 236 5.10 15.13 -24.79
C GLU C 236 5.20 16.60 -24.40
N HIS C 237 4.08 17.19 -23.98
CA HIS C 237 4.09 18.56 -23.51
C HIS C 237 4.92 18.67 -22.23
N LEU C 238 4.83 17.67 -21.34
CA LEU C 238 5.65 17.66 -20.13
C LEU C 238 7.13 17.58 -20.46
N LYS C 239 7.50 16.71 -21.40
CA LYS C 239 8.92 16.60 -21.76
C LYS C 239 9.44 17.89 -22.37
N CYS C 240 8.62 18.53 -23.22
CA CYS C 240 9.03 19.82 -23.78
C CYS C 240 9.11 20.90 -22.71
N LEU C 241 8.26 20.82 -21.68
CA LEU C 241 8.35 21.78 -20.59
C LEU C 241 9.65 21.62 -19.81
N GLY C 242 10.07 20.37 -19.58
CA GLY C 242 11.34 20.13 -18.93
C GLY C 242 12.52 20.65 -19.75
N MET C 243 12.46 20.44 -21.06
CA MET C 243 13.49 20.99 -21.94
C MET C 243 13.51 22.52 -21.89
N ALA C 244 12.33 23.14 -21.82
CA ALA C 244 12.29 24.61 -21.73
C ALA C 244 12.85 25.09 -20.41
N ILE C 245 12.62 24.34 -19.33
CA ILE C 245 13.15 24.71 -18.02
C ILE C 245 14.67 24.68 -18.03
N GLU C 246 15.26 23.60 -18.56
CA GLU C 246 16.72 23.53 -18.58
C GLU C 246 17.29 24.57 -19.54
N CYS C 247 16.55 24.91 -20.60
CA CYS C 247 17.02 25.94 -21.52
C CYS C 247 17.05 27.32 -20.87
N THR C 248 15.99 27.67 -20.13
CA THR C 248 15.99 28.99 -19.51
C THR C 248 16.89 29.04 -18.28
N LEU C 249 17.22 27.89 -17.69
CA LEU C 249 18.23 27.90 -16.64
C LEU C 249 19.64 28.03 -17.20
N LYS C 250 19.90 27.44 -18.36
CA LYS C 250 21.24 27.52 -18.94
C LYS C 250 21.55 28.91 -19.46
N GLY C 251 20.52 29.69 -19.81
CA GLY C 251 20.72 31.03 -20.33
C GLY C 251 21.26 32.00 -19.30
N ASP C 321 14.49 37.03 -18.32
CA ASP C 321 14.74 36.45 -17.01
C ASP C 321 13.44 36.07 -16.31
N ALA C 322 12.53 37.03 -16.20
CA ALA C 322 11.24 36.76 -15.57
C ALA C 322 10.28 36.08 -16.55
N THR C 323 10.31 36.52 -17.81
CA THR C 323 9.24 36.20 -18.77
C THR C 323 9.17 34.71 -19.07
N SER C 324 10.32 34.07 -19.25
CA SER C 324 10.35 32.64 -19.53
C SER C 324 9.76 31.84 -18.38
N LEU C 325 10.02 32.28 -17.15
CA LEU C 325 9.47 31.58 -15.99
C LEU C 325 7.96 31.73 -15.91
N CYS C 326 7.44 32.91 -16.25
CA CYS C 326 5.98 33.08 -16.29
C CYS C 326 5.34 32.19 -17.34
N ASN C 327 5.97 32.10 -18.52
CA ASN C 327 5.41 31.25 -19.57
C ASN C 327 5.45 29.77 -19.16
N ILE C 328 6.53 29.36 -18.48
CA ILE C 328 6.66 27.98 -18.04
C ILE C 328 5.62 27.64 -16.98
N VAL C 329 5.40 28.56 -16.04
CA VAL C 329 4.43 28.33 -14.97
C VAL C 329 3.02 28.28 -15.55
N ASP C 330 2.72 29.14 -16.53
CA ASP C 330 1.42 29.13 -17.17
C ASP C 330 1.19 27.81 -17.90
N SER C 331 2.20 27.32 -18.62
CA SER C 331 2.06 26.04 -19.30
C SER C 331 1.86 24.90 -18.31
N HIS C 332 2.54 24.94 -17.17
CA HIS C 332 2.40 23.88 -16.18
C HIS C 332 1.00 23.88 -15.57
N VAL C 333 0.47 25.06 -15.23
CA VAL C 333 -0.86 25.10 -14.63
C VAL C 333 -1.92 24.74 -15.67
N LYS C 334 -1.64 25.00 -16.96
CA LYS C 334 -2.55 24.57 -18.02
C LYS C 334 -2.57 23.05 -18.13
N ILE C 335 -1.39 22.42 -17.99
CA ILE C 335 -1.30 20.97 -17.92
C ILE C 335 -2.15 20.43 -16.79
N TYR C 336 -2.05 21.06 -15.61
CA TYR C 336 -2.77 20.57 -14.44
C TYR C 336 -4.28 20.70 -14.62
N ARG C 337 -4.75 21.82 -15.17
CA ARG C 337 -6.18 21.98 -15.38
C ARG C 337 -6.71 21.00 -16.42
N THR C 338 -5.93 20.73 -17.47
CA THR C 338 -6.34 19.75 -18.47
C THR C 338 -6.44 18.36 -17.87
N MET C 339 -5.47 17.98 -17.04
CA MET C 339 -5.53 16.69 -16.37
C MET C 339 -6.71 16.61 -15.40
N GLU C 340 -7.07 17.74 -14.78
CA GLU C 340 -8.23 17.76 -13.90
C GLU C 340 -9.51 17.51 -14.69
N ILE C 341 -9.62 18.12 -15.87
CA ILE C 341 -10.80 17.91 -16.71
C ILE C 341 -10.90 16.46 -17.16
N VAL C 342 -9.76 15.87 -17.57
CA VAL C 342 -9.75 14.48 -18.01
C VAL C 342 -10.13 13.55 -16.85
N GLN C 343 -9.66 13.86 -15.65
CA GLN C 343 -10.08 13.11 -14.46
C GLN C 343 -11.58 13.25 -14.21
N SER C 344 -12.12 14.45 -14.46
CA SER C 344 -13.53 14.70 -14.18
C SER C 344 -14.44 13.90 -15.11
N VAL C 345 -14.04 13.73 -16.37
CA VAL C 345 -14.95 13.09 -17.32
C VAL C 345 -14.88 11.56 -17.28
N TYR C 346 -13.69 10.99 -17.13
CA TYR C 346 -13.51 9.57 -17.41
C TYR C 346 -13.70 8.62 -16.23
N SER C 347 -14.07 9.15 -15.06
CA SER C 347 -13.97 8.38 -13.82
C SER C 347 -14.96 7.23 -13.78
N SER C 348 -16.23 7.52 -14.06
CA SER C 348 -17.27 6.49 -14.01
C SER C 348 -17.02 5.41 -15.06
N TYR C 349 -16.58 5.83 -16.25
CA TYR C 349 -16.29 4.86 -17.30
C TYR C 349 -15.14 3.94 -16.91
N PHE C 350 -14.09 4.49 -16.30
CA PHE C 350 -12.98 3.66 -15.85
C PHE C 350 -13.41 2.67 -14.77
N ALA C 351 -14.25 3.13 -13.84
CA ALA C 351 -14.73 2.25 -12.77
C ALA C 351 -15.53 1.08 -13.32
N THR C 352 -16.54 1.38 -14.16
CA THR C 352 -17.37 0.32 -14.70
C THR C 352 -16.57 -0.59 -15.63
N LEU C 353 -15.59 -0.02 -16.34
CA LEU C 353 -14.73 -0.80 -17.21
C LEU C 353 -13.95 -1.85 -16.42
N PHE C 354 -13.25 -1.42 -15.37
CA PHE C 354 -12.43 -2.33 -14.58
C PHE C 354 -13.29 -3.42 -13.94
N PHE C 355 -14.42 -3.01 -13.34
CA PHE C 355 -15.25 -3.97 -12.63
C PHE C 355 -15.86 -5.01 -13.56
N THR C 356 -16.59 -4.57 -14.59
CA THR C 356 -17.29 -5.54 -15.42
C THR C 356 -16.31 -6.28 -16.31
N SER C 357 -15.12 -5.72 -16.53
CA SER C 357 -14.12 -6.42 -17.33
C SER C 357 -13.53 -7.59 -16.56
N CYS C 358 -13.17 -7.38 -15.29
CA CYS C 358 -12.61 -8.51 -14.54
C CYS C 358 -13.67 -9.58 -14.29
N LEU C 359 -14.94 -9.15 -14.10
CA LEU C 359 -16.00 -10.13 -13.96
C LEU C 359 -16.20 -10.94 -15.24
N ALA C 360 -16.15 -10.28 -16.39
CA ALA C 360 -16.32 -10.98 -17.67
C ALA C 360 -15.16 -11.92 -17.94
N VAL C 361 -13.95 -11.54 -17.55
CA VAL C 361 -12.80 -12.43 -17.76
C VAL C 361 -12.90 -13.66 -16.86
N CYS C 362 -13.38 -13.47 -15.62
CA CYS C 362 -13.60 -14.62 -14.74
C CYS C 362 -14.64 -15.58 -15.33
N ALA C 363 -15.74 -15.05 -15.86
CA ALA C 363 -16.74 -15.90 -16.50
C ALA C 363 -16.19 -16.58 -17.74
N LEU C 364 -15.38 -15.86 -18.51
CA LEU C 364 -14.82 -16.40 -19.74
C LEU C 364 -13.88 -17.56 -19.44
N ALA C 365 -13.07 -17.42 -18.39
CA ALA C 365 -12.19 -18.50 -17.97
C ALA C 365 -12.97 -19.69 -17.45
N TYR C 366 -14.06 -19.43 -16.71
CA TYR C 366 -14.90 -20.51 -16.20
C TYR C 366 -15.52 -21.32 -17.34
N PHE C 367 -15.88 -20.64 -18.43
CA PHE C 367 -16.50 -21.36 -19.55
C PHE C 367 -15.47 -22.03 -20.44
N LEU C 368 -14.28 -21.44 -20.55
CA LEU C 368 -13.28 -21.99 -21.46
C LEU C 368 -12.52 -23.15 -20.83
N ALA C 369 -12.43 -23.18 -19.50
CA ALA C 369 -11.45 -24.05 -18.85
C ALA C 369 -11.87 -25.52 -18.92
N ALA C 370 -12.97 -25.88 -18.28
CA ALA C 370 -13.31 -27.29 -18.07
C ALA C 370 -14.53 -27.75 -18.85
N THR C 371 -15.28 -26.85 -19.47
CA THR C 371 -16.51 -27.18 -20.17
C THR C 371 -16.20 -27.28 -21.67
N SER C 372 -16.89 -28.10 -22.45
CA SER C 372 -16.64 -28.20 -23.89
C SER C 372 -17.11 -26.94 -24.62
N PHE C 375 -15.11 -26.34 -30.94
CA PHE C 375 -13.92 -25.91 -31.66
C PHE C 375 -14.14 -24.49 -32.19
N THR C 376 -15.41 -24.14 -32.43
CA THR C 376 -15.71 -22.82 -32.96
C THR C 376 -15.70 -21.77 -31.85
N ARG C 377 -15.96 -22.20 -30.62
CA ARG C 377 -16.13 -21.26 -29.50
C ARG C 377 -14.80 -20.65 -29.08
N VAL C 378 -13.71 -21.42 -29.20
CA VAL C 378 -12.43 -21.01 -28.62
C VAL C 378 -11.81 -19.80 -29.32
N PRO C 379 -11.83 -19.67 -30.66
CA PRO C 379 -11.37 -18.39 -31.27
C PRO C 379 -12.05 -17.15 -30.74
N GLY C 380 -13.38 -17.17 -30.60
CA GLY C 380 -14.08 -15.99 -30.12
C GLY C 380 -13.72 -15.62 -28.70
N MET C 381 -13.59 -16.63 -27.84
CA MET C 381 -13.31 -16.35 -26.44
C MET C 381 -11.87 -15.90 -26.23
N VAL C 382 -10.93 -16.48 -26.99
CA VAL C 382 -9.54 -16.03 -26.87
C VAL C 382 -9.38 -14.63 -27.46
N LEU C 383 -10.16 -14.30 -28.50
CA LEU C 383 -10.06 -12.96 -29.06
C LEU C 383 -10.69 -11.92 -28.13
N TYR C 384 -11.77 -12.29 -27.45
CA TYR C 384 -12.35 -11.36 -26.47
C TYR C 384 -11.45 -11.18 -25.27
N LEU C 385 -10.77 -12.26 -24.85
CA LEU C 385 -9.81 -12.14 -23.75
C LEU C 385 -8.66 -11.22 -24.12
N MET C 386 -8.14 -11.35 -25.34
CA MET C 386 -7.08 -10.45 -25.79
C MET C 386 -7.60 -9.02 -25.92
N TYR C 387 -8.86 -8.87 -26.35
CA TYR C 387 -9.45 -7.54 -26.49
C TYR C 387 -9.60 -6.84 -25.14
N ILE C 388 -9.89 -7.61 -24.10
CA ILE C 388 -9.94 -7.01 -22.77
C ILE C 388 -8.54 -6.66 -22.29
N PHE C 389 -7.61 -7.62 -22.38
CA PHE C 389 -6.30 -7.46 -21.78
C PHE C 389 -5.47 -6.36 -22.44
N LEU C 390 -5.48 -6.30 -23.78
CA LEU C 390 -4.67 -5.30 -24.47
C LEU C 390 -5.21 -3.90 -24.21
N ARG C 391 -6.53 -3.76 -24.13
CA ARG C 391 -7.14 -2.46 -23.83
C ARG C 391 -6.77 -2.00 -22.44
N ILE C 392 -6.89 -2.90 -21.45
CA ILE C 392 -6.55 -2.56 -20.07
C ILE C 392 -5.07 -2.21 -19.95
N PHE C 393 -4.22 -2.94 -20.66
CA PHE C 393 -2.78 -2.70 -20.58
C PHE C 393 -2.40 -1.38 -21.22
N LEU C 394 -3.01 -1.04 -22.35
CA LEU C 394 -2.75 0.24 -22.99
C LEU C 394 -3.19 1.39 -22.09
N LEU C 395 -4.35 1.27 -21.47
CA LEU C 395 -4.83 2.32 -20.56
C LEU C 395 -3.89 2.50 -19.39
N CYS C 396 -3.48 1.39 -18.75
CA CYS C 396 -2.61 1.50 -17.59
C CYS C 396 -1.25 2.06 -17.95
N LEU C 397 -0.72 1.68 -19.12
CA LEU C 397 0.59 2.16 -19.53
C LEU C 397 0.57 3.66 -19.81
N LEU C 398 -0.40 4.10 -20.62
CA LEU C 398 -0.45 5.52 -20.92
C LEU C 398 -0.98 6.35 -19.75
N ALA C 399 -1.51 5.71 -18.71
CA ALA C 399 -1.80 6.44 -17.48
C ALA C 399 -0.60 6.56 -16.57
N THR C 400 0.28 5.56 -16.57
CA THR C 400 1.46 5.63 -15.70
C THR C 400 2.54 6.52 -16.32
N GLU C 401 2.53 6.64 -17.65
CA GLU C 401 3.55 7.43 -18.34
C GLU C 401 3.51 8.90 -17.93
N VAL C 402 2.32 9.46 -17.75
CA VAL C 402 2.22 10.88 -17.44
C VAL C 402 2.67 11.16 -16.00
N ALA C 403 2.36 10.25 -15.08
CA ALA C 403 2.85 10.41 -13.70
C ALA C 403 4.36 10.30 -13.63
N GLU C 404 4.93 9.37 -14.41
CA GLU C 404 6.38 9.25 -14.46
C GLU C 404 7.01 10.51 -15.05
N GLN C 405 6.38 11.10 -16.06
CA GLN C 405 6.93 12.32 -16.62
C GLN C 405 6.77 13.51 -15.68
N GLY C 406 5.74 13.49 -14.82
CA GLY C 406 5.62 14.55 -13.83
C GLY C 406 6.70 14.47 -12.77
N LEU C 407 6.96 13.26 -12.26
CA LEU C 407 8.05 13.10 -11.30
C LEU C 407 9.41 13.32 -11.95
N ASN C 408 9.48 13.15 -13.27
CA ASN C 408 10.68 13.56 -14.00
C ASN C 408 10.77 15.08 -14.08
N LEU C 409 9.62 15.76 -14.20
CA LEU C 409 9.61 17.22 -14.20
C LEU C 409 10.03 17.77 -12.84
N CYS C 410 9.88 16.99 -11.78
CA CYS C 410 10.37 17.39 -10.47
C CYS C 410 11.88 17.65 -10.48
N HIS C 411 12.64 16.83 -11.21
CA HIS C 411 14.09 17.00 -11.27
C HIS C 411 14.52 17.87 -12.45
N ALA C 412 13.96 19.07 -12.55
CA ALA C 412 14.25 19.94 -13.68
C ALA C 412 15.06 21.14 -13.19
N GLY C 413 16.02 21.56 -14.01
CA GLY C 413 16.83 22.72 -13.71
C GLY C 413 17.70 22.57 -12.48
N TYR C 414 18.02 21.33 -12.12
CA TYR C 414 18.74 21.04 -10.89
C TYR C 414 20.19 20.79 -11.25
N SER C 415 20.99 21.85 -11.32
CA SER C 415 22.38 21.74 -11.73
C SER C 415 23.20 22.71 -10.90
N SER C 416 24.46 22.90 -11.30
CA SER C 416 25.31 23.86 -10.60
C SER C 416 24.88 25.29 -10.86
N LYS C 417 24.27 25.56 -12.02
CA LYS C 417 23.86 26.92 -12.35
C LYS C 417 22.77 27.42 -11.42
N LEU C 418 21.98 26.51 -10.86
CA LEU C 418 21.00 26.88 -9.84
C LEU C 418 21.67 27.51 -8.62
N VAL C 419 22.89 27.10 -8.32
CA VAL C 419 23.64 27.68 -7.20
C VAL C 419 24.22 29.03 -7.56
N LEU C 420 24.17 29.45 -8.82
CA LEU C 420 24.71 30.74 -9.21
C LEU C 420 23.63 31.69 -9.71
N ALA C 421 22.38 31.27 -9.71
CA ALA C 421 21.29 32.12 -10.16
C ALA C 421 20.91 33.12 -9.08
N SER C 422 19.96 33.99 -9.41
CA SER C 422 19.45 34.95 -8.47
C SER C 422 18.52 34.26 -7.46
N ASP C 423 18.09 35.03 -6.45
CA ASP C 423 17.11 34.53 -5.50
C ASP C 423 15.77 34.30 -6.17
N HIS C 424 15.47 35.05 -7.22
CA HIS C 424 14.18 34.97 -7.87
C HIS C 424 13.99 33.61 -8.56
N VAL C 425 14.98 33.21 -9.36
CA VAL C 425 14.94 31.89 -9.98
C VAL C 425 15.01 30.79 -8.93
N ARG C 426 15.81 31.00 -7.89
CA ARG C 426 15.95 30.02 -6.82
C ARG C 426 14.66 29.81 -6.05
N SER C 427 13.77 30.80 -6.02
CA SER C 427 12.46 30.62 -5.39
C SER C 427 11.42 30.07 -6.34
N THR C 428 11.44 30.51 -7.61
CA THR C 428 10.44 30.01 -8.55
C THR C 428 10.67 28.55 -8.90
N ILE C 429 11.93 28.13 -9.00
CA ILE C 429 12.24 26.73 -9.26
C ILE C 429 11.80 25.87 -8.08
N GLN C 430 12.00 26.38 -6.86
CA GLN C 430 11.52 25.70 -5.66
C GLN C 430 9.99 25.55 -5.68
N ALA C 431 9.29 26.60 -6.11
CA ALA C 431 7.83 26.54 -6.20
C ALA C 431 7.38 25.51 -7.23
N ILE C 432 8.05 25.49 -8.38
CA ILE C 432 7.73 24.52 -9.43
C ILE C 432 7.96 23.11 -8.94
N ALA C 433 9.04 22.89 -8.19
CA ALA C 433 9.34 21.55 -7.68
C ALA C 433 8.31 21.10 -6.66
N THR C 434 7.97 21.98 -5.70
CA THR C 434 7.06 21.56 -4.65
C THR C 434 5.63 21.44 -5.17
N ARG C 435 5.34 22.07 -6.30
CA ARG C 435 4.06 21.79 -6.97
C ARG C 435 4.14 20.49 -7.75
N ALA C 436 5.32 20.17 -8.30
CA ALA C 436 5.46 18.97 -9.11
C ALA C 436 5.50 17.72 -8.25
N GLN C 437 5.72 17.88 -6.94
CA GLN C 437 5.71 16.72 -6.05
C GLN C 437 4.31 16.12 -5.92
N ILE C 438 3.28 16.88 -6.25
CA ILE C 438 1.93 16.31 -6.25
C ILE C 438 1.77 15.42 -7.48
N PRO C 439 1.38 14.15 -7.34
CA PRO C 439 1.25 13.28 -8.50
C PRO C 439 0.01 13.56 -9.32
N LEU C 440 0.21 13.71 -10.63
CA LEU C 440 -0.89 13.86 -11.58
C LEU C 440 -1.39 12.46 -11.91
N SER C 441 -2.45 12.03 -11.25
CA SER C 441 -2.95 10.67 -11.38
C SER C 441 -4.42 10.70 -11.76
N ILE C 442 -4.84 9.71 -12.53
CA ILE C 442 -6.23 9.51 -12.88
C ILE C 442 -6.77 8.38 -12.02
N THR C 443 -7.96 8.56 -11.46
CA THR C 443 -8.58 7.54 -10.62
C THR C 443 -9.98 7.24 -11.11
N GLY C 444 -10.41 5.99 -10.91
CA GLY C 444 -11.73 5.57 -11.33
C GLY C 444 -12.76 5.78 -10.25
N ALA C 445 -13.51 6.89 -10.35
CA ALA C 445 -14.50 7.32 -9.37
C ALA C 445 -13.93 7.38 -7.95
N ARG C 446 -12.66 7.74 -7.83
CA ARG C 446 -11.88 7.83 -6.60
C ARG C 446 -11.81 6.51 -5.83
N PHE C 447 -12.10 5.38 -6.48
CA PHE C 447 -11.92 4.08 -5.86
C PHE C 447 -10.49 3.59 -5.93
N PHE C 448 -9.82 3.78 -7.06
CA PHE C 448 -8.46 3.31 -7.25
C PHE C 448 -7.80 4.16 -8.32
N THR C 449 -6.49 4.37 -8.16
CA THR C 449 -5.69 5.09 -9.13
C THR C 449 -5.14 4.12 -10.16
N VAL C 450 -5.48 4.36 -11.44
CA VAL C 450 -5.05 3.45 -12.50
C VAL C 450 -3.55 3.59 -12.77
N ASN C 451 -2.80 2.57 -12.36
CA ASN C 451 -1.36 2.48 -12.59
C ASN C 451 -1.07 1.10 -13.15
N LEU C 452 0.19 0.83 -13.42
CA LEU C 452 0.58 -0.55 -13.66
C LEU C 452 0.52 -1.39 -12.39
N SER C 453 0.76 -0.78 -11.23
CA SER C 453 0.67 -1.48 -9.96
C SER C 453 -0.73 -1.97 -9.64
N PHE C 454 -1.75 -1.17 -9.94
CA PHE C 454 -3.12 -1.64 -9.74
C PHE C 454 -3.46 -2.76 -10.69
N LEU C 455 -2.92 -2.72 -11.92
CA LEU C 455 -3.12 -3.82 -12.85
C LEU C 455 -2.47 -5.10 -12.35
N ALA C 456 -1.29 -4.98 -11.74
CA ALA C 456 -0.62 -6.16 -11.18
C ALA C 456 -1.40 -6.72 -10.01
N SER C 457 -1.92 -5.84 -9.14
CA SER C 457 -2.70 -6.31 -7.99
C SER C 457 -4.01 -6.96 -8.43
N MET C 458 -4.69 -6.35 -9.39
CA MET C 458 -5.95 -6.91 -9.88
C MET C 458 -5.73 -8.24 -10.59
N ALA C 459 -4.65 -8.33 -11.38
CA ALA C 459 -4.32 -9.59 -12.03
C ALA C 459 -3.97 -10.66 -11.01
N GLY C 460 -3.28 -10.28 -9.94
CA GLY C 460 -2.96 -11.24 -8.90
C GLY C 460 -4.20 -11.79 -8.21
N VAL C 461 -5.10 -10.90 -7.77
CA VAL C 461 -6.29 -11.38 -7.07
C VAL C 461 -7.24 -12.10 -8.02
N MET C 462 -7.25 -11.73 -9.31
CA MET C 462 -8.12 -12.40 -10.27
C MET C 462 -7.60 -13.80 -10.58
N LEU C 463 -6.29 -13.93 -10.80
CA LEU C 463 -5.67 -15.24 -10.99
C LEU C 463 -5.91 -16.12 -9.77
N THR C 464 -5.72 -15.57 -8.57
CA THR C 464 -5.95 -16.31 -7.34
C THR C 464 -7.38 -16.84 -7.26
N TYR C 465 -8.35 -15.92 -7.33
CA TYR C 465 -9.77 -16.28 -7.22
C TYR C 465 -10.18 -17.30 -8.27
N PHE C 466 -9.80 -17.10 -9.53
CA PHE C 466 -10.15 -18.04 -10.60
C PHE C 466 -9.54 -19.42 -10.33
N ILE C 467 -8.24 -19.47 -10.01
CA ILE C 467 -7.58 -20.77 -9.94
C ILE C 467 -8.06 -21.55 -8.72
N VAL C 468 -8.35 -20.86 -7.60
CA VAL C 468 -8.87 -21.60 -6.45
C VAL C 468 -10.29 -22.07 -6.72
N LEU C 469 -11.17 -21.17 -7.22
CA LEU C 469 -12.58 -21.50 -7.32
C LEU C 469 -12.85 -22.48 -8.46
N LEU C 470 -11.86 -22.68 -9.34
CA LEU C 470 -12.03 -23.71 -10.36
C LEU C 470 -11.33 -25.00 -9.97
N GLN C 471 -10.24 -24.92 -9.18
CA GLN C 471 -9.45 -26.13 -8.93
C GLN C 471 -9.95 -26.89 -7.70
N VAL C 472 -10.10 -26.22 -6.56
CA VAL C 472 -10.43 -26.99 -5.36
C VAL C 472 -11.90 -27.40 -5.39
N ASN C 473 -12.71 -26.71 -6.18
CA ASN C 473 -14.13 -26.99 -6.26
C ASN C 473 -14.45 -28.19 -7.16
N ASP D 16 47.42 2.43 -4.21
CA ASP D 16 47.43 1.13 -3.56
C ASP D 16 46.25 0.26 -3.99
N ASP D 17 45.29 0.05 -3.07
CA ASP D 17 44.13 -0.77 -3.38
C ASP D 17 43.20 -0.13 -4.41
N TYR D 18 43.36 1.17 -4.66
CA TYR D 18 42.64 1.83 -5.74
C TYR D 18 42.98 1.19 -7.09
N ILE D 19 44.22 0.75 -7.25
CA ILE D 19 44.60 0.03 -8.47
C ILE D 19 43.96 -1.37 -8.47
N HIS D 20 43.92 -2.01 -7.30
CA HIS D 20 43.32 -3.35 -7.20
C HIS D 20 41.83 -3.31 -7.49
N LEU D 21 41.15 -2.24 -7.09
CA LEU D 21 39.74 -2.08 -7.40
C LEU D 21 39.53 -1.93 -8.90
N ARG D 22 40.42 -1.19 -9.58
CA ARG D 22 40.32 -1.06 -11.02
C ARG D 22 40.61 -2.39 -11.72
N LYS D 23 41.50 -3.20 -11.14
CA LYS D 23 41.72 -4.55 -11.67
C LYS D 23 40.47 -5.40 -11.49
N TRP D 24 39.77 -5.22 -10.36
CA TRP D 24 38.53 -5.95 -10.14
C TRP D 24 37.45 -5.58 -11.14
N ILE D 25 37.30 -4.28 -11.43
CA ILE D 25 36.28 -3.88 -12.38
C ILE D 25 36.71 -4.19 -13.80
N LYS D 26 38.01 -4.40 -14.02
CA LYS D 26 38.46 -4.99 -15.28
C LYS D 26 38.04 -6.45 -15.37
N ARG D 27 38.18 -7.19 -14.27
CA ARG D 27 37.73 -8.58 -14.22
C ARG D 27 36.23 -8.68 -14.47
N ILE D 28 35.48 -7.67 -14.01
CA ILE D 28 34.03 -7.62 -14.22
C ILE D 28 33.72 -7.55 -15.70
N GLY D 29 34.47 -6.74 -16.44
CA GLY D 29 34.29 -6.67 -17.88
C GLY D 29 34.73 -7.94 -18.57
N ILE D 30 35.80 -8.55 -18.06
CA ILE D 30 36.34 -9.77 -18.67
C ILE D 30 35.34 -10.91 -18.54
N ILE D 31 34.77 -11.10 -17.36
CA ILE D 31 33.82 -12.20 -17.16
C ILE D 31 32.53 -11.93 -17.92
N LEU D 32 32.21 -10.65 -18.17
CA LEU D 32 31.07 -10.34 -19.01
C LEU D 32 31.33 -10.65 -20.47
N ARG D 33 32.58 -10.47 -20.92
CA ARG D 33 32.93 -10.83 -22.29
C ARG D 33 33.00 -12.35 -22.45
N ILE D 34 33.36 -13.06 -21.38
CA ILE D 34 33.48 -14.52 -21.44
C ILE D 34 32.12 -15.16 -21.65
N SER D 35 31.09 -14.61 -20.99
CA SER D 35 29.77 -15.23 -21.03
C SER D 35 29.04 -15.01 -22.34
N GLY D 36 29.64 -14.30 -23.30
CA GLY D 36 29.08 -14.23 -24.64
C GLY D 36 28.16 -13.06 -24.90
N HIS D 37 28.15 -12.05 -24.04
CA HIS D 37 27.42 -10.83 -24.36
C HIS D 37 28.11 -10.08 -25.49
N TRP D 38 27.37 -9.16 -26.11
CA TRP D 38 27.96 -8.32 -27.14
C TRP D 38 29.00 -7.40 -26.51
N PRO D 39 30.23 -7.39 -27.04
CA PRO D 39 31.31 -6.64 -26.38
C PRO D 39 31.17 -5.14 -26.62
N PHE D 40 31.46 -4.37 -25.58
CA PHE D 40 31.49 -2.92 -25.63
C PHE D 40 32.85 -2.43 -25.14
N ARG D 41 33.08 -1.13 -25.25
CA ARG D 41 34.37 -0.54 -24.93
C ARG D 41 34.54 -0.52 -23.42
N LEU D 42 35.65 -1.09 -22.94
CA LEU D 42 36.02 -0.99 -21.55
C LEU D 42 36.79 0.32 -21.33
N PRO D 43 36.91 0.78 -20.08
CA PRO D 43 37.72 1.98 -19.82
C PRO D 43 39.19 1.83 -20.20
N HIS D 44 39.76 0.65 -20.03
CA HIS D 44 41.16 0.41 -20.41
C HIS D 44 41.26 -0.13 -21.83
N GLU D 45 40.63 0.54 -22.78
CA GLU D 45 40.58 0.10 -24.18
C GLU D 45 40.75 1.32 -25.07
N LYS D 46 41.97 1.52 -25.57
CA LYS D 46 42.32 2.68 -26.38
C LYS D 46 42.80 2.30 -27.77
N ARG D 47 42.43 1.12 -28.26
CA ARG D 47 42.79 0.68 -29.60
C ARG D 47 41.61 0.13 -30.39
N ASN D 48 40.38 0.37 -29.90
CA ASN D 48 39.14 -0.08 -30.54
C ASN D 48 39.12 -1.60 -30.70
N GLN D 49 39.52 -2.30 -29.64
CA GLN D 49 39.51 -3.75 -29.65
C GLN D 49 38.14 -4.34 -29.36
N HIS D 50 37.19 -3.53 -28.91
CA HIS D 50 35.85 -4.02 -28.61
C HIS D 50 35.04 -4.33 -29.87
N LYS D 51 35.54 -3.95 -31.04
CA LYS D 51 34.93 -4.35 -32.30
C LYS D 51 35.73 -5.40 -33.04
N SER D 52 36.55 -6.18 -32.34
CA SER D 52 37.39 -7.18 -32.99
C SER D 52 36.55 -8.33 -33.53
N LYS D 53 37.14 -9.05 -34.49
CA LYS D 53 36.41 -10.11 -35.17
C LYS D 53 36.19 -11.31 -34.26
N PHE D 54 37.20 -11.66 -33.47
CA PHE D 54 37.15 -12.84 -32.61
C PHE D 54 36.03 -12.73 -31.58
N ARG D 55 35.93 -11.58 -30.93
CA ARG D 55 34.93 -11.38 -29.88
C ARG D 55 33.52 -11.37 -30.46
N GLN D 56 33.36 -10.77 -31.64
CA GLN D 56 32.04 -10.73 -32.28
C GLN D 56 31.59 -12.11 -32.72
N VAL D 57 32.51 -12.89 -33.30
CA VAL D 57 32.19 -14.25 -33.73
C VAL D 57 31.81 -15.10 -32.52
N TYR D 58 32.58 -15.01 -31.43
CA TYR D 58 32.28 -15.75 -30.21
C TYR D 58 30.91 -15.37 -29.66
N SER D 59 30.62 -14.06 -29.61
CA SER D 59 29.34 -13.58 -29.10
C SER D 59 28.18 -14.15 -29.91
N CYS D 60 28.24 -14.03 -31.24
CA CYS D 60 27.14 -14.49 -32.08
C CYS D 60 26.96 -16.00 -31.97
N LEU D 61 28.06 -16.75 -31.89
CA LEU D 61 27.97 -18.20 -31.77
C LEU D 61 27.27 -18.60 -30.48
N VAL D 62 27.69 -18.02 -29.36
CA VAL D 62 27.11 -18.40 -28.08
C VAL D 62 25.64 -17.98 -27.99
N ILE D 63 25.29 -16.81 -28.54
CA ILE D 63 23.90 -16.38 -28.39
C ILE D 63 22.98 -17.17 -29.32
N THR D 64 23.47 -17.60 -30.49
CA THR D 64 22.58 -18.38 -31.34
C THR D 64 22.44 -19.80 -30.80
N LEU D 65 23.47 -20.30 -30.12
CA LEU D 65 23.33 -21.60 -29.45
C LEU D 65 22.32 -21.51 -28.30
N GLY D 66 22.39 -20.43 -27.51
CA GLY D 66 21.40 -20.24 -26.46
C GLY D 66 19.99 -20.09 -27.00
N PHE D 67 19.84 -19.35 -28.10
CA PHE D 67 18.55 -19.17 -28.75
C PHE D 67 17.97 -20.46 -29.29
N ILE D 68 18.79 -21.36 -29.86
CA ILE D 68 18.22 -22.59 -30.39
C ILE D 68 17.91 -23.56 -29.25
N THR D 69 18.70 -23.55 -28.17
CA THR D 69 18.41 -24.45 -27.05
C THR D 69 17.14 -24.03 -26.32
N CYS D 70 16.96 -22.72 -26.10
CA CYS D 70 15.76 -22.24 -25.43
C CYS D 70 14.52 -22.53 -26.27
N SER D 71 14.62 -22.39 -27.59
CA SER D 71 13.49 -22.70 -28.45
C SER D 71 13.19 -24.19 -28.47
N CYS D 72 14.23 -25.01 -28.38
CA CYS D 72 14.02 -26.46 -28.29
C CYS D 72 13.28 -26.83 -27.01
N TYR D 73 13.66 -26.22 -25.89
CA TYR D 73 12.96 -26.50 -24.64
C TYR D 73 11.54 -25.95 -24.66
N CYS D 74 11.32 -24.82 -25.33
CA CYS D 74 9.98 -24.23 -25.38
C CYS D 74 9.05 -25.09 -26.25
N ILE D 75 9.55 -25.62 -27.35
CA ILE D 75 8.72 -26.51 -28.17
C ILE D 75 8.55 -27.86 -27.49
N GLY D 76 9.52 -28.29 -26.67
CA GLY D 76 9.28 -29.44 -25.82
C GLY D 76 8.18 -29.19 -24.80
N LEU D 77 8.08 -27.95 -24.32
CA LEU D 77 6.96 -27.59 -23.44
C LEU D 77 5.65 -27.60 -24.19
N CYS D 78 5.62 -27.02 -25.39
CA CYS D 78 4.38 -26.94 -26.16
C CYS D 78 3.92 -28.32 -26.61
N LEU D 79 4.85 -29.25 -26.79
CA LEU D 79 4.52 -30.67 -26.93
C LEU D 79 4.33 -31.24 -25.52
N SER D 80 3.19 -30.89 -24.93
CA SER D 80 2.90 -31.27 -23.56
C SER D 80 2.66 -32.77 -23.47
N GLU D 81 3.59 -33.49 -22.86
CA GLU D 81 3.45 -34.92 -22.70
C GLU D 81 2.31 -35.25 -21.74
N SER D 82 2.33 -34.66 -20.56
CA SER D 82 1.23 -34.74 -19.60
C SER D 82 1.36 -33.53 -18.68
N ILE D 83 0.33 -33.32 -17.87
CA ILE D 83 0.36 -32.23 -16.91
C ILE D 83 1.38 -32.49 -15.81
N ALA D 84 1.50 -33.74 -15.35
CA ALA D 84 2.34 -34.08 -14.22
C ALA D 84 3.82 -33.82 -14.50
N GLN D 85 4.26 -34.08 -15.73
CA GLN D 85 5.62 -33.75 -16.12
C GLN D 85 5.75 -32.31 -16.60
N ALA D 86 4.63 -31.64 -16.88
CA ALA D 86 4.67 -30.30 -17.46
C ALA D 86 5.34 -29.31 -16.53
N LEU D 87 4.98 -29.34 -15.26
CA LEU D 87 5.66 -28.50 -14.27
C LEU D 87 7.12 -28.91 -14.16
N ASN D 88 7.40 -30.21 -14.32
CA ASN D 88 8.77 -30.71 -14.34
C ASN D 88 9.57 -30.08 -15.48
N ASN D 89 8.89 -29.65 -16.54
CA ASN D 89 9.59 -28.92 -17.60
C ASN D 89 9.82 -27.47 -17.20
N ILE D 90 8.81 -26.84 -16.58
CA ILE D 90 8.67 -25.38 -16.52
C ILE D 90 9.95 -24.72 -16.04
N THR D 91 10.41 -25.11 -14.85
CA THR D 91 11.58 -24.54 -14.19
C THR D 91 12.79 -24.42 -15.10
N VAL D 92 13.12 -25.49 -15.83
CA VAL D 92 14.30 -25.46 -16.69
C VAL D 92 14.12 -24.42 -17.77
N THR D 93 12.99 -24.50 -18.49
CA THR D 93 12.67 -23.49 -19.50
C THR D 93 12.62 -22.11 -18.88
N SER D 94 12.09 -22.04 -17.64
CA SER D 94 12.06 -20.79 -16.87
C SER D 94 13.42 -20.13 -16.85
N TYR D 95 14.44 -20.87 -16.38
CA TYR D 95 15.76 -20.27 -16.26
C TYR D 95 16.30 -19.89 -17.62
N PHE D 96 16.07 -20.75 -18.63
CA PHE D 96 16.58 -20.48 -19.96
C PHE D 96 15.95 -19.22 -20.52
N LEU D 97 14.67 -18.99 -20.20
CA LEU D 97 13.98 -17.82 -20.68
C LEU D 97 14.69 -16.54 -20.23
N GLN D 98 15.13 -16.52 -18.96
CA GLN D 98 15.84 -15.36 -18.43
C GLN D 98 17.05 -15.04 -19.27
N SER D 99 17.83 -16.08 -19.58
CA SER D 99 19.05 -15.91 -20.37
C SER D 99 18.74 -15.23 -21.68
N CYS D 100 17.69 -15.72 -22.36
CA CYS D 100 17.28 -15.16 -23.64
C CYS D 100 17.07 -13.66 -23.53
N VAL D 101 16.25 -13.23 -22.55
CA VAL D 101 15.92 -11.83 -22.41
C VAL D 101 17.18 -11.02 -22.16
N CYS D 102 18.05 -11.55 -21.28
CA CYS D 102 19.24 -10.81 -20.88
C CYS D 102 20.11 -10.51 -22.08
N TYR D 103 20.23 -11.50 -22.98
CA TYR D 103 21.06 -11.33 -24.17
C TYR D 103 20.62 -10.12 -24.97
N VAL D 104 19.32 -10.06 -25.29
CA VAL D 104 18.86 -9.01 -26.20
C VAL D 104 18.99 -7.65 -25.53
N SER D 105 18.89 -7.62 -24.20
CA SER D 105 18.96 -6.34 -23.50
C SER D 105 20.34 -5.74 -23.65
N PHE D 106 21.37 -6.60 -23.55
CA PHE D 106 22.73 -6.08 -23.61
C PHE D 106 23.11 -5.69 -25.02
N ILE D 107 22.31 -6.11 -26.01
CA ILE D 107 22.59 -5.69 -27.38
C ILE D 107 21.75 -4.48 -27.73
N ILE D 108 20.68 -4.23 -26.99
CA ILE D 108 19.82 -3.10 -27.32
C ILE D 108 20.44 -1.80 -26.80
N ASN D 109 21.05 -1.85 -25.61
CA ASN D 109 21.57 -0.66 -24.95
C ASN D 109 23.07 -0.75 -24.74
N SER D 110 23.81 -1.16 -25.76
CA SER D 110 25.25 -1.39 -25.64
C SER D 110 26.08 -0.11 -25.56
N ARG D 111 25.49 1.09 -25.47
CA ARG D 111 26.24 2.32 -25.25
C ARG D 111 26.07 2.85 -23.83
N LYS D 112 24.88 2.70 -23.27
CA LYS D 112 24.65 3.08 -21.88
C LYS D 112 25.51 2.25 -20.93
N LEU D 113 25.86 1.02 -21.32
CA LEU D 113 26.76 0.21 -20.51
C LEU D 113 28.17 0.79 -20.50
N GLU D 114 28.62 1.28 -21.66
CA GLU D 114 29.89 1.99 -21.73
C GLU D 114 29.86 3.22 -20.84
N THR D 115 28.73 3.94 -20.85
CA THR D 115 28.59 5.12 -20.00
C THR D 115 28.64 4.75 -18.51
N LEU D 116 27.99 3.65 -18.14
CA LEU D 116 27.98 3.21 -16.75
C LEU D 116 29.37 2.79 -16.29
N PHE D 117 30.09 2.07 -17.14
CA PHE D 117 31.45 1.67 -16.77
C PHE D 117 32.38 2.88 -16.70
N ASN D 118 32.16 3.87 -17.57
CA ASN D 118 32.97 5.09 -17.51
C ASN D 118 32.70 5.86 -16.23
N TYR D 119 31.45 5.85 -15.76
CA TYR D 119 31.16 6.43 -14.46
C TYR D 119 31.83 5.63 -13.35
N LEU D 120 31.72 4.31 -13.41
CA LEU D 120 32.18 3.44 -12.32
C LEU D 120 33.70 3.40 -12.22
N PHE D 121 34.42 3.75 -13.29
CA PHE D 121 35.86 3.80 -13.22
C PHE D 121 36.40 4.98 -12.41
N GLU D 122 35.82 6.18 -12.54
CA GLU D 122 36.25 7.33 -11.74
C GLU D 122 34.99 7.99 -11.14
N ASN D 123 34.93 8.02 -9.82
CA ASN D 123 33.78 8.54 -9.10
C ASN D 123 34.19 9.34 -7.87
N GLU D 124 35.36 9.96 -7.93
CA GLU D 124 35.89 10.66 -6.76
C GLU D 124 35.10 11.93 -6.48
N VAL D 125 34.33 11.92 -5.40
CA VAL D 125 33.66 13.12 -4.94
C VAL D 125 34.66 13.97 -4.18
N VAL D 126 34.69 15.27 -4.49
CA VAL D 126 35.72 16.17 -4.02
C VAL D 126 35.25 16.80 -2.71
N GLY D 127 36.15 16.82 -1.71
CA GLY D 127 35.90 17.49 -0.46
C GLY D 127 35.73 16.56 0.74
N CYS D 128 35.44 15.28 0.50
CA CYS D 128 35.23 14.36 1.60
C CYS D 128 36.56 14.09 2.32
N PRO D 129 36.55 13.87 3.63
CA PRO D 129 37.79 13.60 4.36
C PRO D 129 38.40 12.27 3.96
N ARG D 130 39.73 12.21 4.05
CA ARG D 130 40.47 11.04 3.54
C ARG D 130 40.25 9.81 4.41
N GLY D 131 40.10 10.01 5.72
CA GLY D 131 39.89 8.92 6.65
C GLY D 131 38.61 8.16 6.38
N TYR D 132 37.62 8.84 5.82
CA TYR D 132 36.43 8.19 5.30
C TYR D 132 36.65 7.53 3.95
N LYS D 133 37.50 8.13 3.11
CA LYS D 133 37.68 7.62 1.74
C LYS D 133 38.40 6.28 1.73
N MET D 134 39.43 6.13 2.56
CA MET D 134 40.15 4.85 2.58
C MET D 134 39.29 3.73 3.14
N SER D 135 38.55 4.02 4.22
CA SER D 135 37.62 3.04 4.77
C SER D 135 36.52 2.69 3.77
N SER D 136 36.11 3.68 2.96
CA SER D 136 35.14 3.43 1.90
C SER D 136 35.68 2.46 0.87
N ILE D 137 36.92 2.66 0.43
CA ILE D 137 37.57 1.76 -0.52
C ILE D 137 37.65 0.35 0.06
N LYS D 138 38.03 0.24 1.33
CA LYS D 138 38.14 -1.05 1.99
C LYS D 138 36.81 -1.78 2.06
N THR D 139 35.76 -1.07 2.48
CA THR D 139 34.45 -1.70 2.63
C THR D 139 33.86 -2.10 1.29
N THR D 140 34.04 -1.27 0.26
CA THR D 140 33.55 -1.60 -1.06
C THR D 140 34.25 -2.84 -1.61
N LEU D 141 35.58 -2.89 -1.46
CA LEU D 141 36.34 -4.05 -1.92
C LEU D 141 35.87 -5.33 -1.23
N PHE D 142 35.69 -5.26 0.09
CA PHE D 142 35.24 -6.42 0.85
C PHE D 142 33.88 -6.91 0.39
N ARG D 143 32.91 -5.99 0.26
CA ARG D 143 31.56 -6.41 -0.06
C ARG D 143 31.43 -6.91 -1.50
N CYS D 144 32.15 -6.28 -2.44
CA CYS D 144 32.04 -6.73 -3.83
C CYS D 144 32.72 -8.08 -4.01
N LYS D 145 33.87 -8.29 -3.34
CA LYS D 145 34.50 -9.61 -3.35
C LYS D 145 33.56 -10.66 -2.80
N PHE D 146 32.90 -10.35 -1.68
CA PHE D 146 31.96 -11.30 -1.06
C PHE D 146 30.85 -11.69 -2.02
N VAL D 147 30.16 -10.69 -2.60
CA VAL D 147 28.98 -11.00 -3.42
C VAL D 147 29.39 -11.72 -4.71
N ALA D 148 30.53 -11.33 -5.29
CA ALA D 148 30.97 -11.95 -6.54
C ALA D 148 31.35 -13.41 -6.32
N PHE D 149 32.15 -13.69 -5.29
CA PHE D 149 32.57 -15.06 -5.03
C PHE D 149 31.37 -15.93 -4.64
N SER D 150 30.44 -15.39 -3.86
CA SER D 150 29.26 -16.14 -3.44
C SER D 150 28.42 -16.55 -4.64
N LEU D 151 28.10 -15.59 -5.51
CA LEU D 151 27.23 -15.91 -6.65
C LEU D 151 27.94 -16.83 -7.63
N GLY D 152 29.26 -16.64 -7.83
CA GLY D 152 29.98 -17.50 -8.75
C GLY D 152 30.05 -18.94 -8.28
N ILE D 153 30.35 -19.15 -6.99
CA ILE D 153 30.40 -20.50 -6.45
C ILE D 153 29.03 -21.16 -6.50
N LEU D 154 27.97 -20.40 -6.18
CA LEU D 154 26.63 -20.96 -6.21
C LEU D 154 26.22 -21.36 -7.63
N SER D 155 26.59 -20.55 -8.63
CA SER D 155 26.24 -20.87 -10.01
C SER D 155 27.00 -22.08 -10.52
N PHE D 156 28.29 -22.18 -10.18
CA PHE D 156 29.08 -23.33 -10.60
C PHE D 156 28.54 -24.62 -9.98
N PHE D 157 28.22 -24.59 -8.69
CA PHE D 157 27.66 -25.78 -8.06
C PHE D 157 26.28 -26.10 -8.61
N GLY D 158 25.51 -25.08 -8.97
CA GLY D 158 24.22 -25.33 -9.59
C GLY D 158 24.33 -26.07 -10.91
N TRP D 159 25.24 -25.62 -11.77
CA TRP D 159 25.48 -26.36 -13.03
C TRP D 159 25.97 -27.77 -12.76
N LEU D 160 26.93 -27.91 -11.83
CA LEU D 160 27.54 -29.21 -11.55
C LEU D 160 26.49 -30.21 -11.11
N MET D 161 25.65 -29.83 -10.13
CA MET D 161 24.62 -30.74 -9.66
C MET D 161 23.56 -30.98 -10.73
N TRP D 162 23.24 -29.96 -11.52
CA TRP D 162 22.14 -30.13 -12.47
C TRP D 162 22.56 -30.88 -13.73
N THR D 163 23.86 -31.08 -13.94
CA THR D 163 24.31 -31.74 -15.17
C THR D 163 25.14 -32.99 -14.93
N LEU D 164 26.09 -32.97 -14.00
CA LEU D 164 27.12 -34.00 -13.96
C LEU D 164 26.64 -35.30 -13.32
N LEU D 165 25.92 -35.19 -12.20
CA LEU D 165 25.58 -36.34 -11.36
C LEU D 165 24.83 -37.48 -12.06
N PRO D 166 23.76 -37.25 -12.83
CA PRO D 166 23.08 -38.42 -13.44
C PRO D 166 23.92 -39.11 -14.50
N LEU D 167 24.86 -38.39 -15.12
CA LEU D 167 25.87 -39.07 -15.93
C LEU D 167 26.72 -39.99 -15.07
N ALA D 168 27.09 -39.53 -13.86
CA ALA D 168 27.94 -40.33 -12.99
C ALA D 168 27.21 -41.54 -12.43
N VAL D 169 25.87 -41.48 -12.38
CA VAL D 169 25.09 -42.65 -12.01
C VAL D 169 25.29 -43.76 -13.04
N LEU D 170 25.49 -43.40 -14.30
CA LEU D 170 25.69 -44.41 -15.34
C LEU D 170 27.14 -44.89 -15.39
N VAL D 171 28.10 -43.98 -15.46
CA VAL D 171 29.50 -44.37 -15.56
C VAL D 171 30.09 -44.54 -14.18
N GLN D 182 23.77 -44.79 -24.13
CA GLN D 182 22.78 -44.01 -23.40
C GLN D 182 23.47 -43.17 -22.32
N THR D 183 22.87 -42.03 -21.97
CA THR D 183 23.26 -41.29 -20.79
C THR D 183 22.11 -40.96 -19.86
N SER D 184 20.91 -40.68 -20.39
CA SER D 184 19.65 -40.57 -19.65
C SER D 184 19.76 -39.64 -18.43
N LEU D 185 20.44 -38.52 -18.63
CA LEU D 185 20.79 -37.62 -17.53
C LEU D 185 19.91 -36.38 -17.46
N ARG D 186 19.12 -36.10 -18.50
CA ARG D 186 18.34 -34.88 -18.53
C ARG D 186 17.26 -34.91 -17.46
N PHE D 187 17.22 -33.87 -16.64
CA PHE D 187 16.27 -33.83 -15.52
C PHE D 187 14.85 -33.70 -16.03
N VAL D 188 14.68 -33.12 -17.22
CA VAL D 188 13.44 -33.21 -17.97
C VAL D 188 13.81 -33.35 -19.44
N GLU D 189 13.02 -34.14 -20.16
CA GLU D 189 13.31 -34.38 -21.57
C GLU D 189 13.02 -33.13 -22.40
N ALA D 190 13.75 -33.00 -23.49
CA ALA D 190 13.67 -31.81 -24.33
C ALA D 190 13.49 -32.20 -25.78
N TRP D 191 12.75 -31.38 -26.52
CA TRP D 191 12.47 -31.68 -27.92
C TRP D 191 13.71 -31.51 -28.77
N TYR D 192 13.92 -32.43 -29.69
CA TYR D 192 15.07 -32.42 -30.58
C TYR D 192 14.66 -33.01 -31.92
N PRO D 193 15.37 -32.65 -32.99
CA PRO D 193 15.07 -33.28 -34.30
C PRO D 193 15.29 -34.78 -34.29
N PHE D 194 16.46 -35.23 -33.86
CA PHE D 194 16.67 -36.64 -33.66
C PHE D 194 15.98 -37.07 -32.36
N ASP D 195 15.72 -38.38 -32.26
CA ASP D 195 14.80 -38.87 -31.24
C ASP D 195 15.44 -38.87 -29.85
N THR D 196 16.77 -38.84 -29.78
CA THR D 196 17.62 -38.91 -28.59
C THR D 196 17.42 -40.22 -27.82
N THR D 197 16.77 -41.22 -28.41
CA THR D 197 16.47 -42.45 -27.68
C THR D 197 17.63 -43.42 -27.72
N THR D 198 18.27 -43.55 -28.89
CA THR D 198 19.32 -44.54 -29.05
C THR D 198 20.59 -44.13 -28.31
N SER D 199 21.48 -45.09 -28.15
CA SER D 199 22.70 -44.88 -27.35
C SER D 199 23.67 -43.84 -27.89
N PRO D 200 23.94 -43.71 -29.22
CA PRO D 200 24.81 -42.60 -29.65
C PRO D 200 24.19 -41.23 -29.45
N MET D 201 22.91 -41.08 -29.80
CA MET D 201 22.24 -39.79 -29.75
C MET D 201 22.12 -39.21 -28.36
N ASN D 202 21.82 -40.05 -27.35
CA ASN D 202 21.71 -39.58 -25.97
C ASN D 202 23.00 -38.93 -25.50
N GLU D 203 24.14 -39.53 -25.86
CA GLU D 203 25.44 -39.01 -25.45
C GLU D 203 25.73 -37.66 -26.11
N VAL D 204 25.41 -37.54 -27.40
CA VAL D 204 25.69 -36.31 -28.15
C VAL D 204 24.83 -35.18 -27.62
N ILE D 205 23.53 -35.45 -27.39
CA ILE D 205 22.66 -34.42 -26.83
C ILE D 205 23.05 -34.12 -25.39
N ALA D 206 23.63 -35.09 -24.67
CA ALA D 206 24.10 -34.86 -23.31
C ALA D 206 25.24 -33.84 -23.28
N ILE D 207 26.26 -34.05 -24.12
CA ILE D 207 27.38 -33.12 -24.12
C ILE D 207 26.96 -31.75 -24.66
N TYR D 208 26.05 -31.74 -25.65
CA TYR D 208 25.56 -30.48 -26.21
C TYR D 208 24.80 -29.68 -25.14
N GLU D 209 23.91 -30.35 -24.41
CA GLU D 209 23.15 -29.68 -23.36
C GLU D 209 24.05 -29.26 -22.22
N ALA D 210 25.13 -30.01 -21.96
CA ALA D 210 26.05 -29.65 -20.89
C ALA D 210 26.76 -28.33 -21.18
N VAL D 211 27.39 -28.22 -22.36
CA VAL D 211 28.08 -26.97 -22.68
C VAL D 211 27.09 -25.83 -22.86
N ALA D 212 25.90 -26.15 -23.37
CA ALA D 212 24.85 -25.14 -23.53
C ALA D 212 24.44 -24.57 -22.18
N MET D 213 24.11 -25.43 -21.22
CA MET D 213 23.65 -24.95 -19.92
C MET D 213 24.76 -24.25 -19.16
N ILE D 214 26.02 -24.63 -19.40
CA ILE D 214 27.13 -23.84 -18.85
C ILE D 214 27.05 -22.41 -19.35
N PHE D 215 26.99 -22.23 -20.66
CA PHE D 215 27.04 -20.87 -21.21
C PHE D 215 25.74 -20.12 -20.97
N LEU D 216 24.67 -20.83 -20.64
CA LEU D 216 23.43 -20.14 -20.30
C LEU D 216 23.42 -19.69 -18.84
N ILE D 217 23.91 -20.54 -17.94
CA ILE D 217 23.91 -20.20 -16.51
C ILE D 217 24.88 -19.05 -16.24
N THR D 218 25.98 -19.00 -17.00
CA THR D 218 26.93 -17.90 -16.69
C THR D 218 26.44 -16.51 -17.09
N ALA D 219 25.34 -16.37 -17.83
CA ALA D 219 24.93 -15.02 -18.23
C ALA D 219 24.19 -14.23 -17.14
N PRO D 220 23.09 -14.73 -16.54
CA PRO D 220 22.39 -13.88 -15.56
C PRO D 220 23.19 -13.69 -14.29
N MET D 221 24.06 -14.64 -13.96
CA MET D 221 25.00 -14.44 -12.87
C MET D 221 25.91 -13.24 -13.13
N SER D 222 26.39 -13.10 -14.36
CA SER D 222 27.27 -11.99 -14.70
C SER D 222 26.52 -10.66 -14.67
N SER D 223 25.30 -10.63 -15.22
CA SER D 223 24.50 -9.40 -15.18
C SER D 223 24.17 -9.01 -13.76
N ASP D 224 23.87 -10.00 -12.92
CA ASP D 224 23.58 -9.76 -11.51
C ASP D 224 24.79 -9.20 -10.79
N ILE D 225 25.98 -9.76 -11.07
CA ILE D 225 27.20 -9.30 -10.44
C ILE D 225 27.49 -7.84 -10.81
N MET D 226 27.31 -7.50 -12.10
CA MET D 226 27.52 -6.12 -12.50
C MET D 226 26.53 -5.16 -11.85
N PHE D 227 25.26 -5.57 -11.76
CA PHE D 227 24.26 -4.75 -11.07
C PHE D 227 24.63 -4.55 -9.60
N CYS D 228 25.11 -5.60 -8.95
CA CYS D 228 25.46 -5.49 -7.53
C CYS D 228 26.66 -4.59 -7.33
N VAL D 229 27.64 -4.65 -8.26
CA VAL D 229 28.78 -3.75 -8.19
C VAL D 229 28.35 -2.30 -8.34
N LEU D 230 27.44 -2.04 -9.29
CA LEU D 230 26.93 -0.70 -9.49
C LEU D 230 26.20 -0.18 -8.25
N MET D 231 25.37 -1.03 -7.64
CA MET D 231 24.64 -0.62 -6.45
C MET D 231 25.57 -0.32 -5.28
N ILE D 232 26.60 -1.15 -5.09
CA ILE D 232 27.55 -0.93 -4.00
C ILE D 232 28.29 0.39 -4.20
N PHE D 233 28.73 0.65 -5.43
CA PHE D 233 29.47 1.89 -5.70
C PHE D 233 28.57 3.11 -5.50
N ILE D 234 27.31 3.03 -5.91
CA ILE D 234 26.41 4.16 -5.75
C ILE D 234 26.11 4.42 -4.28
N VAL D 235 25.95 3.35 -3.49
CA VAL D 235 25.72 3.50 -2.04
C VAL D 235 26.89 4.20 -1.38
N GLU D 236 28.12 3.75 -1.71
CA GLU D 236 29.28 4.35 -1.06
C GLU D 236 29.48 5.79 -1.50
N HIS D 237 29.14 6.09 -2.76
CA HIS D 237 29.22 7.46 -3.24
C HIS D 237 28.22 8.35 -2.51
N LEU D 238 27.03 7.82 -2.22
CA LEU D 238 26.05 8.58 -1.43
C LEU D 238 26.56 8.88 -0.03
N LYS D 239 27.16 7.89 0.63
CA LYS D 239 27.67 8.12 1.98
C LYS D 239 28.79 9.14 1.97
N CYS D 240 29.68 9.06 0.98
CA CYS D 240 30.74 10.06 0.85
C CYS D 240 30.18 11.44 0.55
N LEU D 241 29.08 11.52 -0.19
CA LEU D 241 28.44 12.81 -0.46
C LEU D 241 27.89 13.41 0.82
N GLY D 242 27.28 12.59 1.67
CA GLY D 242 26.80 13.08 2.95
C GLY D 242 27.93 13.58 3.84
N MET D 243 29.04 12.84 3.85
CA MET D 243 30.22 13.30 4.59
C MET D 243 30.75 14.62 4.05
N ALA D 244 30.73 14.79 2.73
CA ALA D 244 31.19 16.05 2.14
C ALA D 244 30.25 17.20 2.50
N ILE D 245 28.95 16.92 2.58
CA ILE D 245 27.98 17.94 2.95
C ILE D 245 28.22 18.42 4.37
N GLU D 246 28.40 17.49 5.30
CA GLU D 246 28.63 17.90 6.69
C GLU D 246 29.99 18.59 6.83
N CYS D 247 30.96 18.20 5.99
CA CYS D 247 32.26 18.85 6.04
C CYS D 247 32.19 20.30 5.56
N THR D 248 31.47 20.54 4.46
CA THR D 248 31.40 21.93 3.98
C THR D 248 30.43 22.76 4.81
N LEU D 249 29.52 22.15 5.55
CA LEU D 249 28.74 22.91 6.50
C LEU D 249 29.53 23.27 7.75
N LYS D 250 30.41 22.37 8.20
CA LYS D 250 31.18 22.65 9.41
C LYS D 250 32.24 23.73 9.17
N GLY D 251 32.67 23.90 7.93
CA GLY D 251 33.68 24.90 7.60
C GLY D 251 33.19 26.33 7.75
N ASP D 321 33.09 28.74 -0.38
CA ASP D 321 31.71 28.87 0.10
C ASP D 321 30.72 28.39 -0.97
N ALA D 322 30.84 28.94 -2.18
CA ALA D 322 29.95 28.54 -3.26
C ALA D 322 30.43 27.25 -3.91
N THR D 323 31.76 27.11 -4.07
CA THR D 323 32.34 26.09 -4.95
C THR D 323 32.04 24.68 -4.47
N SER D 324 32.15 24.45 -3.16
CA SER D 324 31.88 23.12 -2.61
C SER D 324 30.43 22.72 -2.85
N LEU D 325 29.52 23.69 -2.77
CA LEU D 325 28.11 23.38 -2.99
C LEU D 325 27.85 23.03 -4.45
N CYS D 326 28.51 23.72 -5.38
CA CYS D 326 28.38 23.37 -6.79
C CYS D 326 28.91 21.97 -7.06
N ASN D 327 30.05 21.62 -6.48
CA ASN D 327 30.60 20.28 -6.67
C ASN D 327 29.67 19.21 -6.10
N ILE D 328 29.08 19.49 -4.94
CA ILE D 328 28.18 18.54 -4.29
C ILE D 328 26.92 18.34 -5.13
N VAL D 329 26.36 19.43 -5.64
CA VAL D 329 25.15 19.35 -6.46
C VAL D 329 25.42 18.60 -7.76
N ASP D 330 26.60 18.84 -8.36
CA ASP D 330 26.96 18.12 -9.58
C ASP D 330 27.10 16.63 -9.31
N SER D 331 27.73 16.27 -8.19
CA SER D 331 27.86 14.85 -7.86
C SER D 331 26.49 14.21 -7.62
N HIS D 332 25.58 14.95 -6.98
CA HIS D 332 24.25 14.40 -6.71
C HIS D 332 23.47 14.18 -8.01
N VAL D 333 23.52 15.14 -8.92
CA VAL D 333 22.77 14.97 -10.16
C VAL D 333 23.42 13.90 -11.04
N LYS D 334 24.74 13.69 -10.89
CA LYS D 334 25.38 12.58 -11.59
C LYS D 334 24.92 11.24 -11.04
N ILE D 335 24.75 11.15 -9.71
CA ILE D 335 24.15 9.98 -9.09
C ILE D 335 22.77 9.70 -9.66
N TYR D 336 21.96 10.75 -9.79
CA TYR D 336 20.59 10.56 -10.26
C TYR D 336 20.55 10.09 -11.70
N ARG D 337 21.40 10.68 -12.56
CA ARG D 337 21.43 10.24 -13.96
C ARG D 337 21.92 8.81 -14.10
N THR D 338 22.91 8.42 -13.29
CA THR D 338 23.39 7.04 -13.31
C THR D 338 22.29 6.06 -12.90
N MET D 339 21.55 6.42 -11.84
CA MET D 339 20.45 5.56 -11.41
C MET D 339 19.35 5.50 -12.46
N GLU D 340 19.14 6.59 -13.20
CA GLU D 340 18.16 6.58 -14.28
C GLU D 340 18.59 5.61 -15.39
N ILE D 341 19.88 5.61 -15.72
CA ILE D 341 20.37 4.70 -16.76
C ILE D 341 20.21 3.24 -16.32
N VAL D 342 20.56 2.96 -15.05
CA VAL D 342 20.43 1.60 -14.53
C VAL D 342 18.97 1.16 -14.52
N GLN D 343 18.06 2.08 -14.19
CA GLN D 343 16.64 1.78 -14.29
C GLN D 343 16.22 1.51 -15.73
N SER D 344 16.81 2.24 -16.68
CA SER D 344 16.42 2.09 -18.08
C SER D 344 16.82 0.74 -18.64
N VAL D 345 17.97 0.21 -18.21
CA VAL D 345 18.44 -1.03 -18.83
C VAL D 345 17.84 -2.29 -18.20
N TYR D 346 17.69 -2.31 -16.88
CA TYR D 346 17.44 -3.57 -16.19
C TYR D 346 15.98 -3.97 -16.01
N SER D 347 15.05 -3.16 -16.53
CA SER D 347 13.64 -3.28 -16.14
C SER D 347 13.01 -4.57 -16.63
N SER D 348 13.17 -4.87 -17.92
CA SER D 348 12.57 -6.06 -18.50
C SER D 348 13.17 -7.33 -17.89
N TYR D 349 14.48 -7.31 -17.63
CA TYR D 349 15.12 -8.46 -17.02
C TYR D 349 14.61 -8.70 -15.61
N PHE D 350 14.43 -7.63 -14.83
CA PHE D 350 13.88 -7.79 -13.49
C PHE D 350 12.46 -8.33 -13.52
N ALA D 351 11.64 -7.84 -14.45
CA ALA D 351 10.27 -8.30 -14.55
C ALA D 351 10.20 -9.79 -14.88
N THR D 352 10.92 -10.21 -15.93
CA THR D 352 10.87 -11.62 -16.31
C THR D 352 11.51 -12.49 -15.24
N LEU D 353 12.54 -11.98 -14.55
CA LEU D 353 13.17 -12.72 -13.46
C LEU D 353 12.18 -13.02 -12.36
N PHE D 354 11.51 -11.99 -11.85
CA PHE D 354 10.58 -12.18 -10.74
C PHE D 354 9.45 -13.12 -11.13
N PHE D 355 8.86 -12.90 -12.31
CA PHE D 355 7.72 -13.71 -12.73
C PHE D 355 8.09 -15.18 -12.91
N THR D 356 9.06 -15.47 -13.78
CA THR D 356 9.34 -16.86 -14.08
C THR D 356 10.04 -17.54 -12.90
N SER D 357 10.65 -16.76 -12.01
CA SER D 357 11.28 -17.34 -10.83
C SER D 357 10.23 -17.82 -9.83
N CYS D 358 9.20 -17.00 -9.56
CA CYS D 358 8.19 -17.47 -8.61
C CYS D 358 7.39 -18.62 -9.21
N LEU D 359 7.17 -18.60 -10.54
CA LEU D 359 6.49 -19.74 -11.16
C LEU D 359 7.33 -21.02 -11.06
N ALA D 360 8.64 -20.90 -11.27
CA ALA D 360 9.52 -22.07 -11.18
C ALA D 360 9.59 -22.61 -9.76
N VAL D 361 9.59 -21.72 -8.77
CA VAL D 361 9.62 -22.17 -7.37
C VAL D 361 8.33 -22.87 -7.01
N CYS D 362 7.20 -22.38 -7.51
CA CYS D 362 5.92 -23.07 -7.27
C CYS D 362 5.93 -24.47 -7.88
N ALA D 363 6.43 -24.60 -9.12
CA ALA D 363 6.53 -25.92 -9.75
C ALA D 363 7.50 -26.82 -8.99
N LEU D 364 8.61 -26.25 -8.51
CA LEU D 364 9.62 -27.03 -7.80
C LEU D 364 9.07 -27.58 -6.50
N ALA D 365 8.28 -26.76 -5.79
CA ALA D 365 7.64 -27.21 -4.56
C ALA D 365 6.59 -28.28 -4.85
N TYR D 366 5.83 -28.11 -5.94
CA TYR D 366 4.83 -29.11 -6.32
C TYR D 366 5.47 -30.45 -6.61
N PHE D 367 6.66 -30.46 -7.20
CA PHE D 367 7.30 -31.72 -7.53
C PHE D 367 8.04 -32.31 -6.33
N LEU D 368 8.55 -31.46 -5.44
CA LEU D 368 9.34 -31.97 -4.32
C LEU D 368 8.45 -32.45 -3.18
N ALA D 369 7.24 -31.89 -3.07
CA ALA D 369 6.48 -32.04 -1.83
C ALA D 369 5.92 -33.46 -1.66
N ALA D 370 5.03 -33.87 -2.56
CA ALA D 370 4.25 -35.09 -2.36
C ALA D 370 4.60 -36.21 -3.33
N THR D 371 5.37 -35.94 -4.36
CA THR D 371 5.69 -36.93 -5.38
C THR D 371 7.08 -37.51 -5.08
N SER D 372 7.38 -38.77 -5.41
CA SER D 372 8.69 -39.35 -5.17
C SER D 372 9.74 -38.75 -6.07
N PHE D 375 16.06 -40.15 -4.51
CA PHE D 375 17.09 -39.68 -3.58
C PHE D 375 18.06 -38.76 -4.31
N THR D 376 18.21 -38.98 -5.63
CA THR D 376 19.13 -38.17 -6.42
C THR D 376 18.51 -36.83 -6.77
N ARG D 377 17.18 -36.77 -6.85
CA ARG D 377 16.50 -35.58 -7.34
C ARG D 377 16.55 -34.45 -6.32
N VAL D 378 16.55 -34.79 -5.03
CA VAL D 378 16.38 -33.77 -3.98
C VAL D 378 17.57 -32.82 -3.86
N PRO D 379 18.84 -33.26 -3.95
CA PRO D 379 19.96 -32.28 -4.00
C PRO D 379 19.83 -31.23 -5.09
N GLY D 380 19.47 -31.63 -6.31
CA GLY D 380 19.38 -30.67 -7.40
C GLY D 380 18.27 -29.65 -7.18
N MET D 381 17.13 -30.12 -6.68
CA MET D 381 16.00 -29.21 -6.51
C MET D 381 16.21 -28.27 -5.33
N VAL D 382 16.83 -28.76 -4.25
CA VAL D 382 17.12 -27.86 -3.13
C VAL D 382 18.21 -26.86 -3.51
N LEU D 383 19.16 -27.26 -4.36
CA LEU D 383 20.19 -26.32 -4.77
C LEU D 383 19.63 -25.27 -5.72
N TYR D 384 18.69 -25.66 -6.59
CA TYR D 384 18.05 -24.67 -7.46
C TYR D 384 17.17 -23.73 -6.68
N LEU D 385 16.49 -24.23 -5.64
CA LEU D 385 15.69 -23.38 -4.78
C LEU D 385 16.55 -22.36 -4.06
N MET D 386 17.70 -22.79 -3.53
CA MET D 386 18.62 -21.86 -2.90
C MET D 386 19.18 -20.87 -3.91
N TYR D 387 19.43 -21.33 -5.14
CA TYR D 387 19.98 -20.46 -6.18
C TYR D 387 18.98 -19.37 -6.56
N ILE D 388 17.69 -19.70 -6.54
CA ILE D 388 16.69 -18.67 -6.79
C ILE D 388 16.61 -17.70 -5.61
N PHE D 389 16.48 -18.24 -4.40
CA PHE D 389 16.21 -17.41 -3.23
C PHE D 389 17.36 -16.48 -2.88
N LEU D 390 18.59 -16.97 -2.92
CA LEU D 390 19.74 -16.14 -2.55
C LEU D 390 19.94 -15.01 -3.57
N ARG D 391 19.70 -15.32 -4.85
CA ARG D 391 19.83 -14.30 -5.88
C ARG D 391 18.77 -13.20 -5.70
N ILE D 392 17.53 -13.61 -5.45
CA ILE D 392 16.45 -12.64 -5.27
C ILE D 392 16.70 -11.79 -4.02
N PHE D 393 17.21 -12.43 -2.96
CA PHE D 393 17.46 -11.72 -1.72
C PHE D 393 18.60 -10.72 -1.86
N LEU D 394 19.67 -11.11 -2.56
CA LEU D 394 20.77 -10.19 -2.81
C LEU D 394 20.32 -8.99 -3.62
N LEU D 395 19.50 -9.23 -4.66
CA LEU D 395 19.00 -8.13 -5.48
C LEU D 395 18.15 -7.18 -4.66
N CYS D 396 17.23 -7.72 -3.86
CA CYS D 396 16.33 -6.87 -3.08
C CYS D 396 17.10 -6.08 -2.01
N LEU D 397 18.11 -6.71 -1.40
CA LEU D 397 18.88 -6.03 -0.37
C LEU D 397 19.69 -4.88 -0.95
N LEU D 398 20.44 -5.15 -2.02
CA LEU D 398 21.23 -4.08 -2.61
C LEU D 398 20.39 -3.08 -3.39
N ALA D 399 19.11 -3.38 -3.63
CA ALA D 399 18.23 -2.36 -4.16
C ALA D 399 17.64 -1.48 -3.07
N THR D 400 17.39 -2.04 -1.88
CA THR D 400 16.83 -1.22 -0.80
C THR D 400 17.89 -0.37 -0.14
N GLU D 401 19.15 -0.81 -0.22
CA GLU D 401 20.24 -0.08 0.43
C GLU D 401 20.41 1.33 -0.14
N VAL D 402 20.27 1.48 -1.46
CA VAL D 402 20.50 2.79 -2.07
C VAL D 402 19.37 3.75 -1.74
N ALA D 403 18.13 3.26 -1.67
CA ALA D 403 17.01 4.12 -1.27
C ALA D 403 17.16 4.55 0.18
N GLU D 404 17.60 3.63 1.05
CA GLU D 404 17.84 4.01 2.43
C GLU D 404 18.95 5.04 2.55
N GLN D 405 20.00 4.92 1.73
CA GLN D 405 21.05 5.91 1.78
C GLN D 405 20.61 7.25 1.20
N GLY D 406 19.66 7.24 0.26
CA GLY D 406 19.12 8.51 -0.23
C GLY D 406 18.31 9.23 0.82
N LEU D 407 17.43 8.50 1.51
CA LEU D 407 16.66 9.13 2.58
C LEU D 407 17.56 9.50 3.76
N ASN D 408 18.71 8.83 3.89
CA ASN D 408 19.73 9.28 4.83
C ASN D 408 20.39 10.57 4.35
N LEU D 409 20.56 10.72 3.04
CA LEU D 409 21.11 11.96 2.48
C LEU D 409 20.16 13.12 2.69
N CYS D 410 18.86 12.82 2.85
CA CYS D 410 17.89 13.87 3.17
C CYS D 410 18.24 14.59 4.47
N HIS D 411 18.72 13.86 5.47
CA HIS D 411 19.08 14.46 6.77
C HIS D 411 20.54 14.87 6.82
N ALA D 412 21.00 15.65 5.86
CA ALA D 412 22.40 16.04 5.79
C ALA D 412 22.54 17.52 6.09
N GLY D 413 23.61 17.85 6.82
CA GLY D 413 23.90 19.24 7.15
C GLY D 413 22.86 19.91 8.02
N TYR D 414 22.11 19.12 8.79
CA TYR D 414 20.99 19.61 9.59
C TYR D 414 21.47 19.73 11.02
N SER D 415 22.05 20.86 11.36
CA SER D 415 22.62 21.06 12.69
C SER D 415 22.36 22.50 13.10
N SER D 416 22.99 22.93 14.19
CA SER D 416 22.86 24.31 14.64
C SER D 416 23.56 25.28 13.70
N LYS D 417 24.61 24.83 13.04
CA LYS D 417 25.37 25.71 12.14
C LYS D 417 24.53 26.16 10.96
N LEU D 418 23.54 25.35 10.56
CA LEU D 418 22.59 25.75 9.53
C LEU D 418 21.83 27.00 9.92
N VAL D 419 21.59 27.18 11.22
CA VAL D 419 20.91 28.38 11.71
C VAL D 419 21.84 29.59 11.76
N LEU D 420 23.13 29.40 11.53
CA LEU D 420 24.07 30.51 11.55
C LEU D 420 24.71 30.76 10.19
N ALA D 421 24.34 29.99 9.18
CA ALA D 421 24.90 30.17 7.86
C ALA D 421 24.22 31.33 7.13
N SER D 422 24.71 31.61 5.94
CA SER D 422 24.12 32.65 5.11
C SER D 422 22.79 32.16 4.52
N ASP D 423 22.10 33.09 3.84
CA ASP D 423 20.88 32.72 3.13
C ASP D 423 21.18 31.80 1.96
N HIS D 424 22.37 31.91 1.40
CA HIS D 424 22.73 31.14 0.22
C HIS D 424 22.81 29.65 0.54
N VAL D 425 23.54 29.31 1.59
CA VAL D 425 23.63 27.92 2.04
C VAL D 425 22.27 27.44 2.52
N ARG D 426 21.52 28.31 3.20
CA ARG D 426 20.20 27.96 3.70
C ARG D 426 19.21 27.66 2.60
N SER D 427 19.40 28.22 1.40
CA SER D 427 18.56 27.89 0.27
C SER D 427 19.05 26.68 -0.50
N THR D 428 20.37 26.54 -0.67
CA THR D 428 20.88 25.41 -1.43
C THR D 428 20.69 24.10 -0.67
N ILE D 429 20.84 24.12 0.66
CA ILE D 429 20.59 22.93 1.46
C ILE D 429 19.12 22.53 1.38
N GLN D 430 18.23 23.53 1.39
CA GLN D 430 16.81 23.29 1.20
C GLN D 430 16.52 22.64 -0.15
N ALA D 431 17.19 23.12 -1.20
CA ALA D 431 17.01 22.54 -2.53
C ALA D 431 17.50 21.11 -2.58
N ILE D 432 18.66 20.84 -1.96
CA ILE D 432 19.20 19.48 -1.91
C ILE D 432 18.25 18.55 -1.17
N ALA D 433 17.66 19.04 -0.08
CA ALA D 433 16.75 18.20 0.70
C ALA D 433 15.48 17.89 -0.08
N THR D 434 14.88 18.92 -0.70
CA THR D 434 13.61 18.68 -1.38
C THR D 434 13.81 17.90 -2.68
N ARG D 435 15.03 17.87 -3.20
CA ARG D 435 15.33 16.93 -4.27
C ARG D 435 15.57 15.53 -3.73
N ALA D 436 16.14 15.44 -2.53
CA ALA D 436 16.45 14.13 -1.96
C ALA D 436 15.20 13.44 -1.45
N GLN D 437 14.11 14.18 -1.28
CA GLN D 437 12.86 13.55 -0.86
C GLN D 437 12.29 12.62 -1.94
N ILE D 438 12.70 12.79 -3.18
CA ILE D 438 12.28 11.85 -4.22
C ILE D 438 13.04 10.55 -4.05
N PRO D 439 12.37 9.40 -3.95
CA PRO D 439 13.08 8.14 -3.75
C PRO D 439 13.75 7.63 -5.02
N LEU D 440 15.02 7.29 -4.91
CA LEU D 440 15.76 6.66 -6.00
C LEU D 440 15.46 5.18 -5.94
N SER D 441 14.52 4.72 -6.76
CA SER D 441 14.05 3.35 -6.72
C SER D 441 14.16 2.72 -8.10
N ILE D 442 14.44 1.42 -8.12
CA ILE D 442 14.46 0.65 -9.36
C ILE D 442 13.17 -0.14 -9.42
N THR D 443 12.52 -0.16 -10.59
CA THR D 443 11.28 -0.88 -10.78
C THR D 443 11.39 -1.81 -11.97
N GLY D 444 10.66 -2.93 -11.90
CA GLY D 444 10.68 -3.90 -12.98
C GLY D 444 9.61 -3.63 -14.00
N ALA D 445 9.99 -2.97 -15.11
CA ALA D 445 9.09 -2.54 -16.18
C ALA D 445 7.91 -1.72 -15.66
N ARG D 446 8.15 -0.94 -14.60
CA ARG D 446 7.18 -0.10 -13.90
C ARG D 446 6.00 -0.89 -13.34
N PHE D 447 6.12 -2.20 -13.20
CA PHE D 447 5.09 -3.00 -12.55
C PHE D 447 5.21 -2.96 -11.02
N PHE D 448 6.42 -3.04 -10.49
CA PHE D 448 6.64 -3.06 -9.06
C PHE D 448 8.04 -2.55 -8.77
N THR D 449 8.18 -1.89 -7.63
CA THR D 449 9.47 -1.39 -7.17
C THR D 449 10.14 -2.45 -6.32
N VAL D 450 11.33 -2.88 -6.72
CA VAL D 450 12.03 -3.94 -6.00
C VAL D 450 12.57 -3.45 -4.67
N ASN D 451 11.93 -3.89 -3.59
CA ASN D 451 12.34 -3.58 -2.23
C ASN D 451 12.37 -4.88 -1.46
N LEU D 452 12.74 -4.80 -0.17
CA LEU D 452 12.49 -5.93 0.71
C LEU D 452 11.01 -6.15 0.97
N SER D 453 10.22 -5.08 0.97
CA SER D 453 8.77 -5.19 1.16
C SER D 453 8.09 -5.94 0.05
N PHE D 454 8.50 -5.74 -1.20
CA PHE D 454 7.91 -6.50 -2.30
C PHE D 454 8.31 -7.96 -2.20
N LEU D 455 9.53 -8.24 -1.73
CA LEU D 455 9.94 -9.62 -1.52
C LEU D 455 9.09 -10.28 -0.44
N ALA D 456 8.79 -9.55 0.63
CA ALA D 456 7.94 -10.10 1.68
C ALA D 456 6.52 -10.35 1.18
N SER D 457 5.98 -9.42 0.38
CA SER D 457 4.64 -9.62 -0.15
C SER D 457 4.57 -10.78 -1.13
N MET D 458 5.58 -10.89 -2.01
CA MET D 458 5.61 -11.98 -2.97
C MET D 458 5.80 -13.32 -2.28
N ALA D 459 6.66 -13.37 -1.25
CA ALA D 459 6.83 -14.59 -0.49
C ALA D 459 5.55 -14.97 0.24
N GLY D 460 4.82 -13.97 0.75
CA GLY D 460 3.57 -14.27 1.42
C GLY D 460 2.53 -14.86 0.49
N VAL D 461 2.32 -14.24 -0.68
CA VAL D 461 1.31 -14.75 -1.60
C VAL D 461 1.76 -16.07 -2.22
N MET D 462 3.07 -16.27 -2.38
CA MET D 462 3.55 -17.53 -2.95
C MET D 462 3.39 -18.67 -1.96
N LEU D 463 3.76 -18.43 -0.70
CA LEU D 463 3.54 -19.41 0.37
C LEU D 463 2.06 -19.75 0.48
N THR D 464 1.20 -18.72 0.47
CA THR D 464 -0.24 -18.93 0.54
C THR D 464 -0.74 -19.81 -0.59
N TYR D 465 -0.48 -19.39 -1.83
CA TYR D 465 -0.94 -20.13 -3.01
C TYR D 465 -0.45 -21.57 -3.02
N PHE D 466 0.85 -21.78 -2.77
CA PHE D 466 1.41 -23.13 -2.75
C PHE D 466 0.75 -23.98 -1.67
N ILE D 467 0.65 -23.47 -0.44
CA ILE D 467 0.19 -24.32 0.66
C ILE D 467 -1.28 -24.65 0.50
N VAL D 468 -2.09 -23.70 0.00
CA VAL D 468 -3.50 -24.03 -0.19
C VAL D 468 -3.66 -25.02 -1.35
N LEU D 469 -3.01 -24.76 -2.49
CA LEU D 469 -3.28 -25.55 -3.69
C LEU D 469 -2.64 -26.93 -3.59
N LEU D 470 -1.75 -27.13 -2.61
CA LEU D 470 -1.24 -28.48 -2.39
C LEU D 470 -1.97 -29.18 -1.25
N GLN D 471 -2.48 -28.44 -0.26
CA GLN D 471 -3.04 -29.09 0.91
C GLN D 471 -4.51 -29.41 0.75
N VAL D 472 -5.34 -28.42 0.38
CA VAL D 472 -6.77 -28.69 0.37
C VAL D 472 -7.14 -29.54 -0.85
N ASN D 473 -6.28 -29.55 -1.86
CA ASN D 473 -6.55 -30.30 -3.07
C ASN D 473 -6.23 -31.79 -2.94
#